data_6CXZ
# 
_entry.id   6CXZ 
# 
_audit_conform.dict_name       mmcif_pdbx.dic 
_audit_conform.dict_version    5.379 
_audit_conform.dict_location   http://mmcif.pdb.org/dictionaries/ascii/mmcif_pdbx.dic 
# 
loop_
_database_2.database_id 
_database_2.database_code 
_database_2.pdbx_database_accession 
_database_2.pdbx_DOI 
PDB   6CXZ         pdb_00006cxz 10.2210/pdb6cxz/pdb 
WWPDB D_1000233658 ?            ?                   
# 
_pdbx_database_related.db_name        PDB 
_pdbx_database_related.details        
;5VR4 contains a 4'-modified RNA
;
_pdbx_database_related.db_id          5VR4 
_pdbx_database_related.content_type   unspecified 
# 
_pdbx_database_status.status_code                     REL 
_pdbx_database_status.status_code_sf                  REL 
_pdbx_database_status.status_code_mr                  ? 
_pdbx_database_status.entry_id                        6CXZ 
_pdbx_database_status.recvd_initial_deposition_date   2018-04-04 
_pdbx_database_status.SG_entry                        N 
_pdbx_database_status.deposit_site                    RCSB 
_pdbx_database_status.process_site                    RCSB 
_pdbx_database_status.status_code_cs                  ? 
_pdbx_database_status.methods_development_category    ? 
_pdbx_database_status.pdb_format_compatible           Y 
_pdbx_database_status.status_code_nmr_data            ? 
# 
loop_
_audit_author.name 
_audit_author.pdbx_ordinal 
_audit_author.identifier_ORCID 
'Harp, J.M.' 1 0000-0002-9116-5606 
'Egli, M.'   2 0000-0003-4145-356X 
# 
_citation.abstract                  ? 
_citation.abstract_id_CAS           ? 
_citation.book_id_ISBN              ? 
_citation.book_publisher            ? 
_citation.book_publisher_city       ? 
_citation.book_title                ? 
_citation.coordinate_linkage        ? 
_citation.country                   UK 
_citation.database_id_Medline       ? 
_citation.details                   ? 
_citation.id                        primary 
_citation.journal_abbrev            'Nucleic Acids Res.' 
_citation.journal_id_ASTM           NARHAD 
_citation.journal_id_CSD            0389 
_citation.journal_id_ISSN           1362-4962 
_citation.journal_full              ? 
_citation.journal_issue             ? 
_citation.journal_volume            46 
_citation.language                  ? 
_citation.page_first                8090 
_citation.page_last                 8104 
_citation.title                     
;Structural basis for the synergy of 4'- and 2'-modifications on siRNA nuclease resistance, thermal stability and RNAi activity.
;
_citation.year                      2018 
_citation.database_id_CSD           ? 
_citation.pdbx_database_id_DOI      10.1093/nar/gky703 
_citation.pdbx_database_id_PubMed   30107495 
_citation.unpublished_flag          ? 
# 
loop_
_citation_author.citation_id 
_citation_author.name 
_citation_author.ordinal 
_citation_author.identifier_ORCID 
primary 'Harp, J.M.'      1  ? 
primary 'Guenther, D.C.'  2  ? 
primary 'Bisbe, A.'       3  ? 
primary 'Perkins, L.'     4  ? 
primary 'Matsuda, S.'     5  ? 
primary 'Bommineni, G.R.' 6  ? 
primary 'Zlatev, I.'      7  ? 
primary 'Foster, D.J.'    8  ? 
primary 'Taneja, N.'      9  ? 
primary 'Charisse, K.'    10 ? 
primary 'Maier, M.A.'     11 ? 
primary 'Rajeev, K.G.'    12 ? 
primary 'Manoharan, M.'   13 ? 
primary 'Egli, M.'        14 ? 
# 
_cell.angle_alpha                  90.000 
_cell.angle_alpha_esd              ? 
_cell.angle_beta                   90.000 
_cell.angle_beta_esd               ? 
_cell.angle_gamma                  90.000 
_cell.angle_gamma_esd              ? 
_cell.entry_id                     6CXZ 
_cell.details                      ? 
_cell.formula_units_Z              ? 
_cell.length_a                     30.460 
_cell.length_a_esd                 ? 
_cell.length_b                     30.460 
_cell.length_b_esd                 ? 
_cell.length_c                     81.889 
_cell.length_c_esd                 ? 
_cell.volume                       ? 
_cell.volume_esd                   ? 
_cell.Z_PDB                        16 
_cell.reciprocal_angle_alpha       ? 
_cell.reciprocal_angle_beta        ? 
_cell.reciprocal_angle_gamma       ? 
_cell.reciprocal_angle_alpha_esd   ? 
_cell.reciprocal_angle_beta_esd    ? 
_cell.reciprocal_angle_gamma_esd   ? 
_cell.reciprocal_length_a          ? 
_cell.reciprocal_length_b          ? 
_cell.reciprocal_length_c          ? 
_cell.reciprocal_length_a_esd      ? 
_cell.reciprocal_length_b_esd      ? 
_cell.reciprocal_length_c_esd      ? 
_cell.pdbx_unique_axis             ? 
# 
_symmetry.entry_id                         6CXZ 
_symmetry.cell_setting                     ? 
_symmetry.Int_Tables_number                96 
_symmetry.space_group_name_Hall            ? 
_symmetry.space_group_name_H-M             'P 43 21 2' 
_symmetry.pdbx_full_space_group_name_H-M   ? 
# 
loop_
_entity.id 
_entity.type 
_entity.src_method 
_entity.pdbx_description 
_entity.formula_weight 
_entity.pdbx_number_of_molecules 
_entity.pdbx_ec 
_entity.pdbx_mutation 
_entity.pdbx_fragment 
_entity.details 
1 polymer     syn 
;RNA (5'-R(*CP*GP*AP*AP*(U4M)P*UP*CP*G)-3')
;
2542.579 2  ? ? ? ? 
2 non-polymer syn 'CACODYLATE ION'                             136.989  1  ? ? ? ? 
3 non-polymer syn 'COBALT HEXAMMINE(III)'                      161.116  1  ? ? ? ? 
4 water       nat water                                        18.015   51 ? ? ? ? 
# 
_entity_poly.entity_id                      1 
_entity_poly.type                           polyribonucleotide 
_entity_poly.nstd_linkage                   no 
_entity_poly.nstd_monomer                   yes 
_entity_poly.pdbx_seq_one_letter_code       'CGAA(U4M)UCG' 
_entity_poly.pdbx_seq_one_letter_code_can   CGAAXUCG 
_entity_poly.pdbx_strand_id                 A,B 
_entity_poly.pdbx_target_identifier         ? 
# 
loop_
_entity_poly_seq.entity_id 
_entity_poly_seq.num 
_entity_poly_seq.mon_id 
_entity_poly_seq.hetero 
1 1 C   n 
1 2 G   n 
1 3 A   n 
1 4 A   n 
1 5 U4M n 
1 6 U   n 
1 7 C   n 
1 8 G   n 
# 
_pdbx_entity_src_syn.entity_id              1 
_pdbx_entity_src_syn.pdbx_src_id            1 
_pdbx_entity_src_syn.pdbx_alt_source_flag   sample 
_pdbx_entity_src_syn.pdbx_beg_seq_num       1 
_pdbx_entity_src_syn.pdbx_end_seq_num       8 
_pdbx_entity_src_syn.organism_scientific    'synthetic construct' 
_pdbx_entity_src_syn.organism_common_name   ? 
_pdbx_entity_src_syn.ncbi_taxonomy_id       32630 
_pdbx_entity_src_syn.details                ? 
# 
_struct_ref.id                         1 
_struct_ref.db_name                    PDB 
_struct_ref.db_code                    6CXZ 
_struct_ref.pdbx_db_accession          6CXZ 
_struct_ref.pdbx_db_isoform            ? 
_struct_ref.entity_id                  1 
_struct_ref.pdbx_seq_one_letter_code   ? 
_struct_ref.pdbx_align_begin           1 
# 
loop_
_struct_ref_seq.align_id 
_struct_ref_seq.ref_id 
_struct_ref_seq.pdbx_PDB_id_code 
_struct_ref_seq.pdbx_strand_id 
_struct_ref_seq.seq_align_beg 
_struct_ref_seq.pdbx_seq_align_beg_ins_code 
_struct_ref_seq.seq_align_end 
_struct_ref_seq.pdbx_seq_align_end_ins_code 
_struct_ref_seq.pdbx_db_accession 
_struct_ref_seq.db_align_beg 
_struct_ref_seq.pdbx_db_align_beg_ins_code 
_struct_ref_seq.db_align_end 
_struct_ref_seq.pdbx_db_align_end_ins_code 
_struct_ref_seq.pdbx_auth_seq_align_beg 
_struct_ref_seq.pdbx_auth_seq_align_end 
1 1 6CXZ A 1 ? 8 ? 6CXZ 1 ? 8 ? 1 8 
2 1 6CXZ B 1 ? 8 ? 6CXZ 1 ? 8 ? 1 8 
# 
loop_
_chem_comp.id 
_chem_comp.type 
_chem_comp.mon_nstd_flag 
_chem_comp.name 
_chem_comp.pdbx_synonyms 
_chem_comp.formula 
_chem_comp.formula_weight 
A   'RNA linking' y "ADENOSINE-5'-MONOPHOSPHATE"                                                                         ? 
'C10 H14 N5 O7 P'   347.221 
C   'RNA linking' y "CYTIDINE-5'-MONOPHOSPHATE"                                                                          ? 
'C9 H14 N3 O8 P'    323.197 
CAC non-polymer   . 'CACODYLATE ION'                                                                                     
dimethylarsinate                                         'C2 H6 As O2 -1'    136.989 
G   'RNA linking' y "GUANOSINE-5'-MONOPHOSPHATE"                                                                         ? 
'C10 H14 N5 O8 P'   363.221 
HOH non-polymer   . WATER                                                                                                ? 'H2 O' 
18.015  
NCO non-polymer   . 'COBALT HEXAMMINE(III)'                                                                              ? 
'Co H18 N6 3'       161.116 
U   'RNA linking' y "URIDINE-5'-MONOPHOSPHATE"                                                                           ? 
'C9 H13 N2 O9 P'    324.181 
U4M 'RNA linking' . '1-{2,5-dideoxy-2-fluoro-4-[(phosphonooxy)methyl]-alpha-L-lyxofuranosyl}pyrimidine-2,4(1H,3H)-dione' 
;2'-F,4'-alpha-methyl uridine 5--(dihydrogen phosphate)
;
'C10 H14 F N2 O8 P' 340.199 
# 
_exptl.absorpt_coefficient_mu     ? 
_exptl.absorpt_correction_T_max   ? 
_exptl.absorpt_correction_T_min   ? 
_exptl.absorpt_correction_type    ? 
_exptl.absorpt_process_details    ? 
_exptl.entry_id                   6CXZ 
_exptl.crystals_number            1 
_exptl.details                    ? 
_exptl.method                     'X-RAY DIFFRACTION' 
_exptl.method_details             ? 
# 
_exptl_crystal.colour                      ? 
_exptl_crystal.density_diffrn              ? 
_exptl_crystal.density_Matthews            1.87 
_exptl_crystal.density_method              ? 
_exptl_crystal.density_percent_sol         34.14 
_exptl_crystal.description                 ? 
_exptl_crystal.F_000                       ? 
_exptl_crystal.id                          1 
_exptl_crystal.preparation                 ? 
_exptl_crystal.size_max                    ? 
_exptl_crystal.size_mid                    ? 
_exptl_crystal.size_min                    ? 
_exptl_crystal.size_rad                    ? 
_exptl_crystal.colour_lustre               ? 
_exptl_crystal.colour_modifier             ? 
_exptl_crystal.colour_primary              ? 
_exptl_crystal.density_meas                ? 
_exptl_crystal.density_meas_esd            ? 
_exptl_crystal.density_meas_gt             ? 
_exptl_crystal.density_meas_lt             ? 
_exptl_crystal.density_meas_temp           ? 
_exptl_crystal.density_meas_temp_esd       ? 
_exptl_crystal.density_meas_temp_gt        ? 
_exptl_crystal.density_meas_temp_lt        ? 
_exptl_crystal.pdbx_crystal_image_url      ? 
_exptl_crystal.pdbx_crystal_image_format   ? 
_exptl_crystal.pdbx_mosaicity              ? 
_exptl_crystal.pdbx_mosaicity_esd          ? 
# 
_exptl_crystal_grow.apparatus       ? 
_exptl_crystal_grow.atmosphere      ? 
_exptl_crystal_grow.crystal_id      1 
_exptl_crystal_grow.details         ? 
_exptl_crystal_grow.method          'VAPOR DIFFUSION, SITTING DROP' 
_exptl_crystal_grow.method_ref      ? 
_exptl_crystal_grow.pH              6.5 
_exptl_crystal_grow.pressure        ? 
_exptl_crystal_grow.pressure_esd    ? 
_exptl_crystal_grow.seeding         ? 
_exptl_crystal_grow.seeding_ref     ? 
_exptl_crystal_grow.temp            293 
_exptl_crystal_grow.temp_details    ? 
_exptl_crystal_grow.temp_esd        ? 
_exptl_crystal_grow.time            ? 
_exptl_crystal_grow.pdbx_details    
'1.0 mM RNA, 40 mM Na cacodylate, 20 mM magnesium chloride, 20 mM cobalt(3+) hexamine chloride, 40% MPD' 
_exptl_crystal_grow.pdbx_pH_range   ? 
# 
_diffrn.ambient_environment    ? 
_diffrn.ambient_temp           100 
_diffrn.ambient_temp_details   ? 
_diffrn.ambient_temp_esd       ? 
_diffrn.crystal_id             1 
_diffrn.crystal_support        ? 
_diffrn.crystal_treatment      ? 
_diffrn.details                ? 
_diffrn.id                     1 
_diffrn.ambient_pressure       ? 
_diffrn.ambient_pressure_esd   ? 
_diffrn.ambient_pressure_gt    ? 
_diffrn.ambient_pressure_lt    ? 
_diffrn.ambient_temp_gt        ? 
_diffrn.ambient_temp_lt        ? 
# 
_diffrn_detector.details                      ? 
_diffrn_detector.detector                     PIXEL 
_diffrn_detector.diffrn_id                    1 
_diffrn_detector.type                         'DECTRIS EIGER X 9M' 
_diffrn_detector.area_resol_mean              ? 
_diffrn_detector.dtime                        ? 
_diffrn_detector.pdbx_frames_total            ? 
_diffrn_detector.pdbx_collection_time_total   ? 
_diffrn_detector.pdbx_collection_date         2016-06-29 
# 
_diffrn_radiation.collimation                      ? 
_diffrn_radiation.diffrn_id                        1 
_diffrn_radiation.filter_edge                      ? 
_diffrn_radiation.inhomogeneity                    ? 
_diffrn_radiation.monochromator                    ? 
_diffrn_radiation.polarisn_norm                    ? 
_diffrn_radiation.polarisn_ratio                   ? 
_diffrn_radiation.probe                            ? 
_diffrn_radiation.type                             ? 
_diffrn_radiation.xray_symbol                      ? 
_diffrn_radiation.wavelength_id                    1 
_diffrn_radiation.pdbx_monochromatic_or_laue_m_l   M 
_diffrn_radiation.pdbx_wavelength_list             ? 
_diffrn_radiation.pdbx_wavelength                  ? 
_diffrn_radiation.pdbx_diffrn_protocol             'SINGLE WAVELENGTH' 
_diffrn_radiation.pdbx_analyzer                    ? 
_diffrn_radiation.pdbx_scattering_type             x-ray 
# 
_diffrn_radiation_wavelength.id           1 
_diffrn_radiation_wavelength.wavelength   0.9184 
_diffrn_radiation_wavelength.wt           1.0 
# 
_diffrn_source.current                     ? 
_diffrn_source.details                     ? 
_diffrn_source.diffrn_id                   1 
_diffrn_source.power                       ? 
_diffrn_source.size                        ? 
_diffrn_source.source                      SYNCHROTRON 
_diffrn_source.target                      ? 
_diffrn_source.type                        'APS BEAMLINE 21-ID-D' 
_diffrn_source.voltage                     ? 
_diffrn_source.take-off_angle              ? 
_diffrn_source.pdbx_wavelength_list        0.9184 
_diffrn_source.pdbx_wavelength             ? 
_diffrn_source.pdbx_synchrotron_beamline   21-ID-D 
_diffrn_source.pdbx_synchrotron_site       APS 
# 
_reflns.B_iso_Wilson_estimate            14.340 
_reflns.entry_id                         6CXZ 
_reflns.data_reduction_details           ? 
_reflns.data_reduction_method            ? 
_reflns.d_resolution_high                1.500 
_reflns.d_resolution_low                 25.000 
_reflns.details                          ? 
_reflns.limit_h_max                      ? 
_reflns.limit_h_min                      ? 
_reflns.limit_k_max                      ? 
_reflns.limit_k_min                      ? 
_reflns.limit_l_max                      ? 
_reflns.limit_l_min                      ? 
_reflns.number_all                       ? 
_reflns.number_obs                       6684 
_reflns.observed_criterion               ? 
_reflns.observed_criterion_F_max         ? 
_reflns.observed_criterion_F_min         ? 
_reflns.observed_criterion_I_max         ? 
_reflns.observed_criterion_I_min         ? 
_reflns.observed_criterion_sigma_F       ? 
_reflns.observed_criterion_sigma_I       ? 
_reflns.percent_possible_obs             99.800 
_reflns.R_free_details                   ? 
_reflns.Rmerge_F_all                     ? 
_reflns.Rmerge_F_obs                     ? 
_reflns.Friedel_coverage                 ? 
_reflns.number_gt                        ? 
_reflns.threshold_expression             ? 
_reflns.pdbx_redundancy                  21.600 
_reflns.pdbx_Rmerge_I_obs                0.101 
_reflns.pdbx_Rmerge_I_all                ? 
_reflns.pdbx_Rsym_value                  ? 
_reflns.pdbx_netI_over_av_sigmaI         ? 
_reflns.pdbx_netI_over_sigmaI            8.700 
_reflns.pdbx_res_netI_over_av_sigmaI_2   ? 
_reflns.pdbx_res_netI_over_sigmaI_2      ? 
_reflns.pdbx_chi_squared                 1.048 
_reflns.pdbx_scaling_rejects             ? 
_reflns.pdbx_d_res_high_opt              ? 
_reflns.pdbx_d_res_low_opt               ? 
_reflns.pdbx_d_res_opt_method            ? 
_reflns.phase_calculation_details        ? 
_reflns.pdbx_Rrim_I_all                  0.104 
_reflns.pdbx_Rpim_I_all                  0.022 
_reflns.pdbx_d_opt                       ? 
_reflns.pdbx_number_measured_all         145275 
_reflns.pdbx_diffrn_id                   1 
_reflns.pdbx_ordinal                     1 
_reflns.pdbx_CC_half                     ? 
_reflns.pdbx_R_split                     ? 
# 
loop_
_reflns_shell.d_res_high 
_reflns_shell.d_res_low 
_reflns_shell.meanI_over_sigI_all 
_reflns_shell.meanI_over_sigI_obs 
_reflns_shell.number_measured_all 
_reflns_shell.number_measured_obs 
_reflns_shell.number_possible 
_reflns_shell.number_unique_all 
_reflns_shell.number_unique_obs 
_reflns_shell.percent_possible_all 
_reflns_shell.percent_possible_obs 
_reflns_shell.Rmerge_F_all 
_reflns_shell.Rmerge_F_obs 
_reflns_shell.Rmerge_I_all 
_reflns_shell.Rmerge_I_obs 
_reflns_shell.meanI_over_sigI_gt 
_reflns_shell.meanI_over_uI_all 
_reflns_shell.meanI_over_uI_gt 
_reflns_shell.number_measured_gt 
_reflns_shell.number_unique_gt 
_reflns_shell.percent_possible_gt 
_reflns_shell.Rmerge_F_gt 
_reflns_shell.Rmerge_I_gt 
_reflns_shell.pdbx_redundancy 
_reflns_shell.pdbx_Rsym_value 
_reflns_shell.pdbx_chi_squared 
_reflns_shell.pdbx_netI_over_sigmaI_all 
_reflns_shell.pdbx_netI_over_sigmaI_obs 
_reflns_shell.pdbx_Rrim_I_all 
_reflns_shell.pdbx_Rpim_I_all 
_reflns_shell.pdbx_rejects 
_reflns_shell.pdbx_ordinal 
_reflns_shell.pdbx_diffrn_id 
_reflns_shell.pdbx_CC_half 
_reflns_shell.pdbx_R_split 
1.500 1.530  ? ? ? ? ? ? 328 99.700  ? ? ? ? 0.988 ? ? ? ? ? ? ? ? 9.500  ? 1.057 ? ? 1.040 0.313 ? 1  1 0.808 ? 
1.530 1.550  ? ? ? ? ? ? 319 99.700  ? ? ? ? 0.870 ? ? ? ? ? ? ? ? 12.700 ? 1.085 ? ? 0.905 0.241 ? 2  1 0.861 ? 
1.550 1.580  ? ? ? ? ? ? 318 99.700  ? ? ? ? 0.734 ? ? ? ? ? ? ? ? 16.000 ? 1.088 ? ? 0.757 0.183 ? 3  1 0.955 ? 
1.580 1.620  ? ? ? ? ? ? 333 99.700  ? ? ? ? 0.678 ? ? ? ? ? ? ? ? 19.200 ? 1.094 ? ? 0.696 0.156 ? 4  1 0.969 ? 
1.620 1.650  ? ? ? ? ? ? 322 99.700  ? ? ? ? 0.603 ? ? ? ? ? ? ? ? 22.300 ? 1.087 ? ? 0.617 0.130 ? 5  1 0.979 ? 
1.650 1.690  ? ? ? ? ? ? 331 100.000 ? ? ? ? 0.459 ? ? ? ? ? ? ? ? 23.700 ? 1.090 ? ? 0.469 0.095 ? 6  1 0.990 ? 
1.690 1.730  ? ? ? ? ? ? 313 100.000 ? ? ? ? 0.361 ? ? ? ? ? ? ? ? 24.100 ? 1.095 ? ? 0.369 0.074 ? 7  1 0.995 ? 
1.730 1.780  ? ? ? ? ? ? 340 100.000 ? ? ? ? 0.321 ? ? ? ? ? ? ? ? 23.700 ? 1.072 ? ? 0.328 0.066 ? 8  1 0.993 ? 
1.780 1.830  ? ? ? ? ? ? 322 100.000 ? ? ? ? 0.296 ? ? ? ? ? ? ? ? 21.200 ? 1.095 ? ? 0.304 0.065 ? 9  1 0.990 ? 
1.830 1.890  ? ? ? ? ? ? 340 100.000 ? ? ? ? 0.256 ? ? ? ? ? ? ? ? 21.000 ? 1.064 ? ? 0.263 0.057 ? 10 1 0.992 ? 
1.890 1.960  ? ? ? ? ? ? 317 100.000 ? ? ? ? 0.220 ? ? ? ? ? ? ? ? 25.500 ? 1.046 ? ? 0.225 0.044 ? 11 1 0.994 ? 
1.960 2.040  ? ? ? ? ? ? 344 100.000 ? ? ? ? 0.178 ? ? ? ? ? ? ? ? 26.100 ? 1.076 ? ? 0.182 0.035 ? 12 1 0.996 ? 
2.040 2.130  ? ? ? ? ? ? 328 100.000 ? ? ? ? 0.146 ? ? ? ? ? ? ? ? 25.600 ? 1.058 ? ? 0.149 0.029 ? 13 1 0.997 ? 
2.130 2.240  ? ? ? ? ? ? 333 100.000 ? ? ? ? 0.132 ? ? ? ? ? ? ? ? 25.500 ? 1.021 ? ? 0.134 0.026 ? 14 1 0.998 ? 
2.240 2.380  ? ? ? ? ? ? 345 100.000 ? ? ? ? 0.116 ? ? ? ? ? ? ? ? 25.000 ? 0.998 ? ? 0.118 0.023 ? 15 1 0.998 ? 
2.380 2.560  ? ? ? ? ? ? 336 99.400  ? ? ? ? 0.096 ? ? ? ? ? ? ? ? 24.700 ? 1.043 ? ? 0.098 0.020 ? 16 1 0.998 ? 
2.560 2.820  ? ? ? ? ? ? 347 100.000 ? ? ? ? 0.081 ? ? ? ? ? ? ? ? 23.800 ? 1.016 ? ? 0.083 0.017 ? 17 1 0.999 ? 
2.820 3.230  ? ? ? ? ? ? 339 98.000  ? ? ? ? 0.068 ? ? ? ? ? ? ? ? 21.400 ? 1.012 ? ? 0.070 0.015 ? 18 1 0.998 ? 
3.230 4.070  ? ? ? ? ? ? 359 99.400  ? ? ? ? 0.054 ? ? ? ? ? ? ? ? 19.200 ? 1.003 ? ? 0.056 0.013 ? 19 1 0.999 ? 
4.070 25.000 ? ? ? ? ? ? 417 100.000 ? ? ? ? 0.052 ? ? ? ? ? ? ? ? 21.100 ? 0.922 ? ? 0.053 0.012 ? 20 1 0.999 ? 
# 
_refine.aniso_B[1][1]                            ? 
_refine.aniso_B[1][2]                            ? 
_refine.aniso_B[1][3]                            ? 
_refine.aniso_B[2][2]                            ? 
_refine.aniso_B[2][3]                            ? 
_refine.aniso_B[3][3]                            ? 
_refine.B_iso_max                                77.050 
_refine.B_iso_mean                               21.2079 
_refine.B_iso_min                                12.670 
_refine.correlation_coeff_Fo_to_Fc               ? 
_refine.correlation_coeff_Fo_to_Fc_free          ? 
_refine.details                                  ? 
_refine.diff_density_max                         ? 
_refine.diff_density_max_esd                     ? 
_refine.diff_density_min                         ? 
_refine.diff_density_min_esd                     ? 
_refine.diff_density_rms                         ? 
_refine.diff_density_rms_esd                     ? 
_refine.entry_id                                 6CXZ 
_refine.pdbx_refine_id                           'X-RAY DIFFRACTION' 
_refine.ls_abs_structure_details                 ? 
_refine.ls_abs_structure_Flack                   ? 
_refine.ls_abs_structure_Flack_esd               ? 
_refine.ls_abs_structure_Rogers                  ? 
_refine.ls_abs_structure_Rogers_esd              ? 
_refine.ls_d_res_high                            1.5000 
_refine.ls_d_res_low                             24.4390 
_refine.ls_extinction_coef                       ? 
_refine.ls_extinction_coef_esd                   ? 
_refine.ls_extinction_expression                 ? 
_refine.ls_extinction_method                     ? 
_refine.ls_goodness_of_fit_all                   ? 
_refine.ls_goodness_of_fit_all_esd               ? 
_refine.ls_goodness_of_fit_obs                   ? 
_refine.ls_goodness_of_fit_obs_esd               ? 
_refine.ls_hydrogen_treatment                    ? 
_refine.ls_matrix_type                           ? 
_refine.ls_number_constraints                    ? 
_refine.ls_number_parameters                     ? 
_refine.ls_number_reflns_all                     ? 
_refine.ls_number_reflns_obs                     6672 
_refine.ls_number_reflns_R_free                  519 
_refine.ls_number_reflns_R_work                  ? 
_refine.ls_number_restraints                     ? 
_refine.ls_percent_reflns_obs                    99.5100 
_refine.ls_percent_reflns_R_free                 4.4200 
_refine.ls_R_factor_all                          ? 
_refine.ls_R_factor_obs                          0.1877 
_refine.ls_R_factor_R_free                       0.2154 
_refine.ls_R_factor_R_free_error                 ? 
_refine.ls_R_factor_R_free_error_details         ? 
_refine.ls_R_factor_R_work                       0.1864 
_refine.ls_R_Fsqd_factor_obs                     ? 
_refine.ls_R_I_factor_obs                        ? 
_refine.ls_redundancy_reflns_all                 ? 
_refine.ls_redundancy_reflns_obs                 ? 
_refine.ls_restrained_S_all                      ? 
_refine.ls_restrained_S_obs                      ? 
_refine.ls_shift_over_esd_max                    ? 
_refine.ls_shift_over_esd_mean                   ? 
_refine.ls_structure_factor_coef                 ? 
_refine.ls_weighting_details                     ? 
_refine.ls_weighting_scheme                      ? 
_refine.ls_wR_factor_all                         ? 
_refine.ls_wR_factor_obs                         ? 
_refine.ls_wR_factor_R_free                      ? 
_refine.ls_wR_factor_R_work                      ? 
_refine.occupancy_max                            ? 
_refine.occupancy_min                            ? 
_refine.solvent_model_details                    ? 
_refine.solvent_model_param_bsol                 ? 
_refine.solvent_model_param_ksol                 ? 
_refine.ls_R_factor_gt                           ? 
_refine.ls_goodness_of_fit_gt                    ? 
_refine.ls_goodness_of_fit_ref                   ? 
_refine.ls_shift_over_su_max                     ? 
_refine.ls_shift_over_su_max_lt                  ? 
_refine.ls_shift_over_su_mean                    ? 
_refine.ls_shift_over_su_mean_lt                 ? 
_refine.pdbx_ls_sigma_I                          ? 
_refine.pdbx_ls_sigma_F                          0.270 
_refine.pdbx_ls_sigma_Fsqd                       ? 
_refine.pdbx_data_cutoff_high_absF               ? 
_refine.pdbx_data_cutoff_high_rms_absF           ? 
_refine.pdbx_data_cutoff_low_absF                ? 
_refine.pdbx_isotropic_thermal_model             ? 
_refine.pdbx_ls_cross_valid_method               THROUGHOUT 
_refine.pdbx_method_to_determine_struct          'MOLECULAR REPLACEMENT' 
_refine.pdbx_starting_model                      5VR4 
_refine.pdbx_stereochemistry_target_values       ? 
_refine.pdbx_R_Free_selection_details            ? 
_refine.pdbx_stereochem_target_val_spec_case     ? 
_refine.pdbx_overall_ESU_R                       ? 
_refine.pdbx_overall_ESU_R_Free                  ? 
_refine.pdbx_solvent_vdw_probe_radii             1.1100 
_refine.pdbx_solvent_ion_probe_radii             ? 
_refine.pdbx_solvent_shrinkage_radii             0.9000 
_refine.pdbx_real_space_R                        ? 
_refine.pdbx_density_correlation                 ? 
_refine.pdbx_pd_number_of_powder_patterns        ? 
_refine.pdbx_pd_number_of_points                 ? 
_refine.pdbx_pd_meas_number_of_points            ? 
_refine.pdbx_pd_proc_ls_prof_R_factor            ? 
_refine.pdbx_pd_proc_ls_prof_wR_factor           ? 
_refine.pdbx_pd_Marquardt_correlation_coeff      ? 
_refine.pdbx_pd_Fsqrd_R_factor                   ? 
_refine.pdbx_pd_ls_matrix_band_width             ? 
_refine.pdbx_overall_phase_error                 22.6700 
_refine.pdbx_overall_SU_R_free_Cruickshank_DPI   ? 
_refine.pdbx_overall_SU_R_free_Blow_DPI          ? 
_refine.pdbx_overall_SU_R_Blow_DPI               ? 
_refine.pdbx_TLS_residual_ADP_flag               ? 
_refine.pdbx_diffrn_id                           1 
_refine.overall_SU_B                             ? 
_refine.overall_SU_ML                            0.1800 
_refine.overall_SU_R_Cruickshank_DPI             ? 
_refine.overall_SU_R_free                        ? 
_refine.overall_FOM_free_R_set                   ? 
_refine.overall_FOM_work_R_set                   ? 
_refine.pdbx_average_fsc_overall                 ? 
_refine.pdbx_average_fsc_work                    ? 
_refine.pdbx_average_fsc_free                    ? 
# 
_refine_hist.cycle_id                         final 
_refine_hist.pdbx_refine_id                   'X-RAY DIFFRACTION' 
_refine_hist.d_res_high                       1.5000 
_refine_hist.d_res_low                        24.4390 
_refine_hist.pdbx_number_atoms_ligand         12 
_refine_hist.number_atoms_solvent             51 
_refine_hist.number_atoms_total               399 
_refine_hist.pdbx_number_residues_total       16 
_refine_hist.pdbx_B_iso_mean_ligand           28.69 
_refine_hist.pdbx_B_iso_mean_solvent          33.27 
_refine_hist.pdbx_number_atoms_protein        0 
_refine_hist.pdbx_number_atoms_nucleic_acid   336 
# 
loop_
_refine_ls_shell.pdbx_refine_id 
_refine_ls_shell.d_res_high 
_refine_ls_shell.d_res_low 
_refine_ls_shell.number_reflns_all 
_refine_ls_shell.number_reflns_obs 
_refine_ls_shell.number_reflns_R_free 
_refine_ls_shell.number_reflns_R_work 
_refine_ls_shell.percent_reflns_obs 
_refine_ls_shell.percent_reflns_R_free 
_refine_ls_shell.R_factor_all 
_refine_ls_shell.R_factor_obs 
_refine_ls_shell.R_factor_R_free 
_refine_ls_shell.R_factor_R_free_error 
_refine_ls_shell.R_factor_R_work 
_refine_ls_shell.redundancy_reflns_all 
_refine_ls_shell.redundancy_reflns_obs 
_refine_ls_shell.wR_factor_all 
_refine_ls_shell.wR_factor_obs 
_refine_ls_shell.wR_factor_R_free 
_refine_ls_shell.wR_factor_R_work 
_refine_ls_shell.pdbx_total_number_of_bins_used 
_refine_ls_shell.pdbx_phase_error 
_refine_ls_shell.pdbx_fsc_work 
_refine_ls_shell.pdbx_fsc_free 
'X-RAY DIFFRACTION' 1.4996 1.6505  2924 . 123 2801 99.0000  . . . 0.3034 0.0000 0.2426 . . . . . . 4 . . . 
'X-RAY DIFFRACTION' 1.6505 1.8892  2971 . 125 2846 100.0000 . . . 0.1925 0.0000 0.1852 . . . . . . 4 . . . 
'X-RAY DIFFRACTION' 1.8892 2.3799  2933 . 130 2803 100.0000 . . . 0.2181 0.0000 0.1966 . . . . . . 4 . . . 
'X-RAY DIFFRACTION' 2.3799 24.4422 2921 . 141 2780 99.0000  . . . 0.2070 0.0000 0.1722 . . . . . . 4 . . . 
# 
_struct.entry_id                     6CXZ 
_struct.title                        
;RNA octamer containing 2'-F, 4'-Calpha-Me U.
;
_struct.pdbx_model_details           ? 
_struct.pdbx_formula_weight          ? 
_struct.pdbx_formula_weight_method   ? 
_struct.pdbx_model_type_details      ? 
_struct.pdbx_CASP_flag               N 
# 
_struct_keywords.entry_id        6CXZ 
_struct_keywords.text            'RNA, oligonucleotide, modified base' 
_struct_keywords.pdbx_keywords   RNA 
# 
loop_
_struct_asym.id 
_struct_asym.pdbx_blank_PDB_chainid_flag 
_struct_asym.pdbx_modified 
_struct_asym.entity_id 
_struct_asym.details 
A N N 1 ? 
B N N 1 ? 
C N N 2 ? 
D N N 3 ? 
E N N 4 ? 
F N N 4 ? 
# 
loop_
_struct_conn.id 
_struct_conn.conn_type_id 
_struct_conn.pdbx_leaving_atom_flag 
_struct_conn.pdbx_PDB_id 
_struct_conn.ptnr1_label_asym_id 
_struct_conn.ptnr1_label_comp_id 
_struct_conn.ptnr1_label_seq_id 
_struct_conn.ptnr1_label_atom_id 
_struct_conn.pdbx_ptnr1_label_alt_id 
_struct_conn.pdbx_ptnr1_PDB_ins_code 
_struct_conn.pdbx_ptnr1_standard_comp_id 
_struct_conn.ptnr1_symmetry 
_struct_conn.ptnr2_label_asym_id 
_struct_conn.ptnr2_label_comp_id 
_struct_conn.ptnr2_label_seq_id 
_struct_conn.ptnr2_label_atom_id 
_struct_conn.pdbx_ptnr2_label_alt_id 
_struct_conn.pdbx_ptnr2_PDB_ins_code 
_struct_conn.ptnr1_auth_asym_id 
_struct_conn.ptnr1_auth_comp_id 
_struct_conn.ptnr1_auth_seq_id 
_struct_conn.ptnr2_auth_asym_id 
_struct_conn.ptnr2_auth_comp_id 
_struct_conn.ptnr2_auth_seq_id 
_struct_conn.ptnr2_symmetry 
_struct_conn.pdbx_ptnr3_label_atom_id 
_struct_conn.pdbx_ptnr3_label_seq_id 
_struct_conn.pdbx_ptnr3_label_comp_id 
_struct_conn.pdbx_ptnr3_label_asym_id 
_struct_conn.pdbx_ptnr3_label_alt_id 
_struct_conn.pdbx_ptnr3_PDB_ins_code 
_struct_conn.details 
_struct_conn.pdbx_dist_value 
_struct_conn.pdbx_value_order 
_struct_conn.pdbx_role 
covale1  covale both ? A A   4 "O3'" ? ? ? 1_555 A U4M 5 P  ? ? A A   4 A U4M 5 1_555 ? ? ? ? ? ? ?            1.612 ? ? 
covale2  covale one  ? A U4M 5 "O3'" ? ? ? 1_555 A U   6 P  ? ? A U4M 5 A U   6 1_555 ? ? ? ? ? ? ?            1.603 ? ? 
covale3  covale both ? B A   4 "O3'" ? ? ? 1_555 B U4M 5 P  ? ? B A   4 B U4M 5 1_555 ? ? ? ? ? ? ?            1.606 ? ? 
covale4  covale one  ? B U4M 5 "O3'" ? ? ? 1_555 B U   6 P  ? ? B U4M 5 B U   6 1_555 ? ? ? ? ? ? ?            1.608 ? ? 
hydrog1  hydrog ?    ? A C   1 N3    ? ? ? 1_555 B G   8 N1 ? ? A C   1 B G   8 1_555 ? ? ? ? ? ? WATSON-CRICK ?     ? ? 
hydrog2  hydrog ?    ? A C   1 N4    ? ? ? 1_555 B G   8 O6 ? ? A C   1 B G   8 1_555 ? ? ? ? ? ? WATSON-CRICK ?     ? ? 
hydrog3  hydrog ?    ? A C   1 O2    ? ? ? 1_555 B G   8 N2 ? ? A C   1 B G   8 1_555 ? ? ? ? ? ? WATSON-CRICK ?     ? ? 
hydrog4  hydrog ?    ? A G   2 N1    ? ? ? 1_555 B C   7 N3 ? ? A G   2 B C   7 1_555 ? ? ? ? ? ? WATSON-CRICK ?     ? ? 
hydrog5  hydrog ?    ? A G   2 N2    ? ? ? 1_555 B C   7 O2 ? ? A G   2 B C   7 1_555 ? ? ? ? ? ? WATSON-CRICK ?     ? ? 
hydrog6  hydrog ?    ? A G   2 O6    ? ? ? 1_555 B C   7 N4 ? ? A G   2 B C   7 1_555 ? ? ? ? ? ? WATSON-CRICK ?     ? ? 
hydrog7  hydrog ?    ? A A   3 N1    ? ? ? 1_555 B U   6 N3 ? ? A A   3 B U   6 1_555 ? ? ? ? ? ? WATSON-CRICK ?     ? ? 
hydrog8  hydrog ?    ? A A   3 N6    ? ? ? 1_555 B U   6 O4 ? ? A A   3 B U   6 1_555 ? ? ? ? ? ? WATSON-CRICK ?     ? ? 
hydrog9  hydrog ?    ? A U   6 N3    ? ? ? 1_555 B A   3 N1 ? ? A U   6 B A   3 1_555 ? ? ? ? ? ? WATSON-CRICK ?     ? ? 
hydrog10 hydrog ?    ? A U   6 O4    ? ? ? 1_555 B A   3 N6 ? ? A U   6 B A   3 1_555 ? ? ? ? ? ? WATSON-CRICK ?     ? ? 
hydrog11 hydrog ?    ? A C   7 N3    ? ? ? 1_555 B G   2 N1 ? ? A C   7 B G   2 1_555 ? ? ? ? ? ? WATSON-CRICK ?     ? ? 
hydrog12 hydrog ?    ? A C   7 N4    ? ? ? 1_555 B G   2 O6 ? ? A C   7 B G   2 1_555 ? ? ? ? ? ? WATSON-CRICK ?     ? ? 
hydrog13 hydrog ?    ? A C   7 O2    ? ? ? 1_555 B G   2 N2 ? ? A C   7 B G   2 1_555 ? ? ? ? ? ? WATSON-CRICK ?     ? ? 
hydrog14 hydrog ?    ? A G   8 N1    ? ? ? 1_555 B C   1 N3 ? ? A G   8 B C   1 1_555 ? ? ? ? ? ? WATSON-CRICK ?     ? ? 
hydrog15 hydrog ?    ? A G   8 N2    ? ? ? 1_555 B C   1 O2 ? ? A G   8 B C   1 1_555 ? ? ? ? ? ? WATSON-CRICK ?     ? ? 
hydrog16 hydrog ?    ? A G   8 O6    ? ? ? 1_555 B C   1 N4 ? ? A G   8 B C   1 1_555 ? ? ? ? ? ? WATSON-CRICK ?     ? ? 
# 
loop_
_struct_conn_type.id 
_struct_conn_type.criteria 
_struct_conn_type.reference 
covale ? ? 
hydrog ? ? 
# 
loop_
_struct_site.id 
_struct_site.pdbx_evidence_code 
_struct_site.pdbx_auth_asym_id 
_struct_site.pdbx_auth_comp_id 
_struct_site.pdbx_auth_seq_id 
_struct_site.pdbx_auth_ins_code 
_struct_site.pdbx_num_residues 
_struct_site.details 
AC1 Software A CAC 101 ? 6  'binding site for residue CAC A 101'               
AC2 Software B NCO 101 ? 6  'binding site for residue NCO B 101'               
AC3 Software B A   4   ? 17 'binding site for Di-nucleotide A B 4 and U4M B 5' 
# 
loop_
_struct_site_gen.id 
_struct_site_gen.site_id 
_struct_site_gen.pdbx_num_res 
_struct_site_gen.label_comp_id 
_struct_site_gen.label_asym_id 
_struct_site_gen.label_seq_id 
_struct_site_gen.pdbx_auth_ins_code 
_struct_site_gen.auth_comp_id 
_struct_site_gen.auth_asym_id 
_struct_site_gen.auth_seq_id 
_struct_site_gen.label_atom_id 
_struct_site_gen.label_alt_id 
_struct_site_gen.symmetry 
_struct_site_gen.details 
1  AC1 6  U   A 6 ? U   A 6   . ? 1_555 ? 
2  AC1 6  C   A 7 ? C   A 7   . ? 1_555 ? 
3  AC1 6  A   B 4 ? A   B 4   . ? 6_435 ? 
4  AC1 6  A   B 4 ? A   B 4   . ? 4_545 ? 
5  AC1 6  U4M B 5 ? U4M B 5   . ? 4_545 ? 
6  AC1 6  U4M B 5 ? U4M B 5   . ? 6_435 ? 
7  AC2 6  A   A 4 ? A   A 4   . ? 3_444 ? 
8  AC2 6  C   B 1 ? C   B 1   . ? 7_545 ? 
9  AC2 6  G   B 2 ? G   B 2   . ? 7_545 ? 
10 AC2 6  C   B 7 ? C   B 7   . ? 1_555 ? 
11 AC2 6  G   B 8 ? G   B 8   . ? 1_555 ? 
12 AC2 6  HOH F . ? HOH B 204 . ? 7_545 ? 
13 AC3 17 C   A 1 ? C   A 1   . ? 7_545 ? 
14 AC3 17 A   A 4 ? A   A 4   . ? 1_555 ? 
15 AC3 17 U4M A 5 ? U4M A 5   . ? 1_555 ? 
16 AC3 17 U   A 6 ? U   A 6   . ? 6_535 ? 
17 AC3 17 U   A 6 ? U   A 6   . ? 1_555 ? 
18 AC3 17 G   A 8 ? G   A 8   . ? 6_435 ? 
19 AC3 17 CAC C . ? CAC A 101 . ? 6_535 ? 
20 AC3 17 CAC C . ? CAC A 101 . ? 3_444 ? 
21 AC3 17 HOH E . ? HOH A 203 . ? 6_535 ? 
22 AC3 17 A   B 3 ? A   B 3   . ? 1_555 ? 
23 AC3 17 U   B 6 ? U   B 6   . ? 1_555 ? 
24 AC3 17 HOH F . ? HOH B 202 . ? 1_555 ? 
25 AC3 17 HOH F . ? HOH B 208 . ? 1_555 ? 
26 AC3 17 HOH F . ? HOH B 210 . ? 1_555 ? 
27 AC3 17 HOH F . ? HOH B 214 . ? 1_555 ? 
28 AC3 17 HOH F . ? HOH B 218 . ? 1_555 ? 
29 AC3 17 HOH F . ? HOH B 221 . ? 1_555 ? 
# 
_atom_sites.entry_id                    6CXZ 
_atom_sites.fract_transf_matrix[1][1]   -0.01171904 
_atom_sites.fract_transf_matrix[1][2]   0.00076300 
_atom_sites.fract_transf_matrix[1][3]   -0.03065764 
_atom_sites.fract_transf_matrix[2][1]   -0.02086457 
_atom_sites.fract_transf_matrix[2][2]   0.02385469 
_atom_sites.fract_transf_matrix[2][3]   0.00856928 
_atom_sites.fract_transf_matrix[3][1]   0.00836032 
_atom_sites.fract_transf_matrix[3][2]   0.00838542 
_atom_sites.fract_transf_matrix[3][3]   -0.00298708 
_atom_sites.fract_transf_vector[1]      -0.059908 
_atom_sites.fract_transf_vector[2]      -0.530732 
_atom_sites.fract_transf_vector[3]      0.081205 
# 
loop_
_atom_type.symbol 
AS 
C  
CO 
F  
H  
N  
O  
P  
# 
loop_
_atom_site.group_PDB 
_atom_site.id 
_atom_site.type_symbol 
_atom_site.label_atom_id 
_atom_site.label_alt_id 
_atom_site.label_comp_id 
_atom_site.label_asym_id 
_atom_site.label_entity_id 
_atom_site.label_seq_id 
_atom_site.pdbx_PDB_ins_code 
_atom_site.Cartn_x 
_atom_site.Cartn_y 
_atom_site.Cartn_z 
_atom_site.occupancy 
_atom_site.B_iso_or_equiv 
_atom_site.pdbx_formal_charge 
_atom_site.auth_seq_id 
_atom_site.auth_comp_id 
_atom_site.auth_asym_id 
_atom_site.auth_atom_id 
_atom_site.pdbx_PDB_model_num 
ATOM   1   O  "O5'"  . C   A 1 1 ? -12.364 2.271   -0.672  1.00 33.65 ? 1   C   A "O5'"  1 
ATOM   2   C  "C5'"  . C   A 1 1 ? -13.521 2.872   -0.106  1.00 33.79 ? 1   C   A "C5'"  1 
ATOM   3   C  "C4'"  . C   A 1 1 ? -13.564 2.694   1.391   1.00 33.04 ? 1   C   A "C4'"  1 
ATOM   4   O  "O4'"  . C   A 1 1 ? -13.679 1.286   1.718   1.00 32.34 ? 1   C   A "O4'"  1 
ATOM   5   C  "C3'"  . C   A 1 1 ? -12.327 3.153   2.150   1.00 32.93 ? 1   C   A "C3'"  1 
ATOM   6   O  "O3'"  . C   A 1 1 ? -12.310 4.547   2.388   1.00 33.24 ? 1   C   A "O3'"  1 
ATOM   7   C  "C2'"  . C   A 1 1 ? -12.377 2.315   3.418   1.00 32.31 ? 1   C   A "C2'"  1 
ATOM   8   O  "O2'"  . C   A 1 1 ? -13.297 2.842   4.365   1.00 32.95 ? 1   C   A "O2'"  1 
ATOM   9   C  "C1'"  . C   A 1 1 ? -12.931 1.000   2.881   1.00 31.93 ? 1   C   A "C1'"  1 
ATOM   10  N  N1     . C   A 1 1 ? -11.864 0.045   2.523   1.00 30.23 ? 1   C   A N1     1 
ATOM   11  C  C2     . C   A 1 1 ? -11.263 -0.684  3.548   1.00 29.78 ? 1   C   A C2     1 
ATOM   12  O  O2     . C   A 1 1 ? -11.654 -0.480  4.705   1.00 31.17 ? 1   C   A O2     1 
ATOM   13  N  N3     . C   A 1 1 ? -10.292 -1.578  3.252   1.00 28.94 ? 1   C   A N3     1 
ATOM   14  C  C4     . C   A 1 1 ? -9.920  -1.754  1.985   1.00 28.53 ? 1   C   A C4     1 
ATOM   15  N  N4     . C   A 1 1 ? -8.957  -2.640  1.723   1.00 28.55 ? 1   C   A N4     1 
ATOM   16  C  C5     . C   A 1 1 ? -10.518 -1.024  0.918   1.00 29.36 ? 1   C   A C5     1 
ATOM   17  C  C6     . C   A 1 1 ? -11.478 -0.143  1.227   1.00 29.48 ? 1   C   A C6     1 
ATOM   18  H  "H5'"  . C   A 1 1 ? -14.311 2.466   -0.496  1.00 40.49 ? 1   C   A "H5'"  1 
ATOM   19  H  "H5''" . C   A 1 1 ? -13.518 3.819   -0.312  1.00 40.49 ? 1   C   A "H5''" 1 
ATOM   20  H  "H4'"  . C   A 1 1 ? -14.341 3.159   1.742   1.00 39.59 ? 1   C   A "H4'"  1 
ATOM   21  H  "H3'"  . C   A 1 1 ? -11.538 2.906   1.642   1.00 39.46 ? 1   C   A "H3'"  1 
ATOM   22  H  "H2'"  . C   A 1 1 ? -11.494 2.212   3.808   1.00 38.72 ? 1   C   A "H2'"  1 
ATOM   23  H  "HO2'" . C   A 1 1 ? -13.671 2.205   4.766   1.00 39.48 ? 1   C   A "HO2'" 1 
ATOM   24  H  "H1'"  . C   A 1 1 ? -13.509 0.604   3.551   1.00 38.26 ? 1   C   A "H1'"  1 
ATOM   25  H  H41    . C   A 1 1 ? -8.702  -2.769  0.911   1.00 34.20 ? 1   C   A H41    1 
ATOM   26  H  H42    . C   A 1 1 ? -8.591  -3.081  2.364   1.00 34.20 ? 1   C   A H42    1 
ATOM   27  H  H5     . C   A 1 1 ? -10.249 -1.154  0.036   1.00 35.18 ? 1   C   A H5     1 
ATOM   28  H  H6     . C   A 1 1 ? -11.888 0.346   0.551   1.00 35.32 ? 1   C   A H6     1 
ATOM   29  P  P      . G   A 1 2 ? -10.933 5.366   2.270   1.00 33.05 ? 2   G   A P      1 
ATOM   30  O  OP1    . G   A 1 2 ? -11.263 6.799   2.452   1.00 33.98 ? 2   G   A OP1    1 
ATOM   31  O  OP2    . G   A 1 2 ? -10.216 4.930   1.046   1.00 33.10 ? 2   G   A OP2    1 
ATOM   32  O  "O5'"  . G   A 1 2 ? -10.124 4.894   3.552   1.00 32.28 ? 2   G   A "O5'"  1 
ATOM   33  C  "C5'"  A G   A 1 2 ? -10.742 5.008   4.831   0.98 31.59 ? 2   G   A "C5'"  1 
ATOM   34  C  "C5'"  B G   A 1 2 ? -10.523 5.244   4.861   0.02 31.94 ? 2   G   A "C5'"  1 
ATOM   35  C  "C4'"  A G   A 1 2 ? -9.862  4.478   5.931   0.98 31.05 ? 2   G   A "C4'"  1 
ATOM   36  C  "C4'"  B G   A 1 2 ? -9.621  4.616   5.895   0.02 31.38 ? 2   G   A "C4'"  1 
ATOM   37  O  "O4'"  A G   A 1 2 ? -9.951  3.040   6.018   0.98 29.43 ? 2   G   A "O4'"  1 
ATOM   38  O  "O4'"  B G   A 1 2 ? -9.894  3.184   6.020   0.02 30.02 ? 2   G   A "O4'"  1 
ATOM   39  C  "C3'"  A G   A 1 2 ? -8.386  4.751   5.741   0.98 31.71 ? 2   G   A "C3'"  1 
ATOM   40  C  "C3'"  B G   A 1 2 ? -8.125  4.647   5.618   0.02 31.68 ? 2   G   A "C3'"  1 
ATOM   41  O  "O3'"  A G   A 1 2 ? -8.051  6.061   6.138   0.98 34.04 ? 2   G   A "O3'"  1 
ATOM   42  O  "O3'"  B G   A 1 2 ? -7.490  5.901   5.765   0.02 33.37 ? 2   G   A "O3'"  1 
ATOM   43  C  "C2'"  A G   A 1 2 ? -7.717  3.660   6.561   0.98 29.99 ? 2   G   A "C2'"  1 
ATOM   44  C  "C2'"  B G   A 1 2 ? -7.620  3.572   6.574   0.02 30.12 ? 2   G   A "C2'"  1 
ATOM   45  O  "O2'"  . G   A 1 2 ? -7.653  4.010   7.932   1.00 29.84 ? 2   G   A "O2'"  1 
ATOM   46  C  "C1'"  . G   A 1 2 ? -8.694  2.504   6.377   1.00 28.41 ? 2   G   A "C1'"  1 
ATOM   47  N  N9     . G   A 1 2 ? -8.287  1.581   5.306   1.00 23.33 ? 2   G   A N9     1 
ATOM   48  C  C8     . G   A 1 2 ? -8.601  1.566   3.968   1.00 20.96 ? 2   G   A C8     1 
ATOM   49  N  N7     . G   A 1 2 ? -8.011  0.589   3.328   1.00 19.18 ? 2   G   A N7     1 
ATOM   50  C  C5     . G   A 1 2 ? -7.252  -0.058  4.298   1.00 19.09 ? 2   G   A C5     1 
ATOM   51  C  C6     . G   A 1 2 ? -6.391  -1.187  4.233   1.00 18.10 ? 2   G   A C6     1 
ATOM   52  O  O6     . G   A 1 2 ? -6.099  -1.896  3.267   1.00 18.18 ? 2   G   A O6     1 
ATOM   53  N  N1     . G   A 1 2 ? -5.840  -1.482  5.475   1.00 17.66 ? 2   G   A N1     1 
ATOM   54  C  C2     . G   A 1 2 ? -6.081  -0.778  6.633   1.00 18.10 ? 2   G   A C2     1 
ATOM   55  N  N2     . G   A 1 2 ? -5.457  -1.213  7.736   1.00 18.28 ? 2   G   A N2     1 
ATOM   56  N  N3     . G   A 1 2 ? -6.874  0.268   6.708   1.00 19.07 ? 2   G   A N3     1 
ATOM   57  C  C4     . G   A 1 2 ? -7.413  0.560   5.516   1.00 20.19 ? 2   G   A C4     1 
ATOM   58  H  "H5'"  A G   A 1 2 ? -11.574 4.510   4.825   0.98 37.85 ? 2   G   A "H5'"  1 
ATOM   59  H  "H5'"  B G   A 1 2 ? -11.433 4.941   5.009   0.02 38.27 ? 2   G   A "H5'"  1 
ATOM   60  H  "H5''" A G   A 1 2 ? -10.935 5.943   5.004   0.98 37.85 ? 2   G   A "H5''" 1 
ATOM   61  H  "H5''" B G   A 1 2 ? -10.492 6.209   4.956   0.02 38.27 ? 2   G   A "H5''" 1 
ATOM   62  H  "H4'"  A G   A 1 2 ? -10.162 4.837   6.782   0.98 37.20 ? 2   G   A "H4'"  1 
ATOM   63  H  "H4'"  B G   A 1 2 ? -9.800  5.058   6.740   0.02 37.60 ? 2   G   A "H4'"  1 
ATOM   64  H  "H3'"  A G   A 1 2 ? -8.139  4.613   4.813   0.98 37.99 ? 2   G   A "H3'"  1 
ATOM   65  H  "H3'"  B G   A 1 2 ? -7.988  4.377   4.697   0.02 37.96 ? 2   G   A "H3'"  1 
ATOM   66  H  "H2'"  A G   A 1 2 ? -6.838  3.439   6.217   0.98 35.93 ? 2   G   A "H2'"  1 
ATOM   67  H  "H2'"  B G   A 1 2 ? -6.733  3.262   6.332   0.02 36.08 ? 2   G   A "H2'"  1 
ATOM   68  H  "HO2'" . G   A 1 2 ? -8.356  3.754   8.313   1.00 35.75 ? 2   G   A "HO2'" 1 
ATOM   69  H  "H1'"  . G   A 1 2 ? -8.763  2.026   7.219   1.00 34.04 ? 2   G   A "H1'"  1 
ATOM   70  H  H8     . G   A 1 2 ? -9.170  2.181   3.563   1.00 25.09 ? 2   G   A H8     1 
ATOM   71  H  H1     . G   A 1 2 ? -5.308  -2.155  5.523   1.00 21.14 ? 2   G   A H1     1 
ATOM   72  H  H21    . G   A 1 2 ? -4.937  -1.896  7.694   1.00 21.88 ? 2   G   A H21    1 
ATOM   73  H  H22    . G   A 1 2 ? -5.576  -0.809  8.485   1.00 21.88 ? 2   G   A H22    1 
ATOM   74  P  P      A A   A 1 3 ? -6.640  6.661   5.714   0.54 34.12 ? 3   A   A P      1 
ATOM   75  P  P      B A   A 1 3 ? -6.297  6.277   4.748   0.46 33.71 ? 3   A   A P      1 
ATOM   76  O  OP1    A A   A 1 3 ? -6.568  8.052   6.176   0.54 36.06 ? 3   A   A OP1    1 
ATOM   77  O  OP1    B A   A 1 3 ? -5.978  7.718   4.908   0.46 35.65 ? 3   A   A OP1    1 
ATOM   78  O  OP2    A A   A 1 3 ? -6.353  6.294   4.297   0.54 35.12 ? 3   A   A OP2    1 
ATOM   79  O  OP2    B A   A 1 3 ? -6.654  5.764   3.399   0.46 35.71 ? 3   A   A OP2    1 
ATOM   80  O  "O5'"  A A   A 1 3 ? -5.647  5.782   6.560   0.54 31.61 ? 3   A   A "O5'"  1 
ATOM   81  O  "O5'"  B A   A 1 3 ? -5.056  5.412   5.261   0.46 31.17 ? 3   A   A "O5'"  1 
ATOM   82  C  "C5'"  A A   A 1 3 ? -4.350  5.571   6.075   0.54 27.46 ? 3   A   A "C5'"  1 
ATOM   83  C  "C5'"  B A   A 1 3 ? -4.443  5.698   6.507   0.46 27.50 ? 3   A   A "C5'"  1 
ATOM   84  C  "C4'"  A A   A 1 3 ? -3.605  4.564   6.890   0.54 22.83 ? 3   A   A "C4'"  1 
ATOM   85  C  "C4'"  B A   A 1 3 ? -3.599  4.554   7.026   0.46 23.02 ? 3   A   A "C4'"  1 
ATOM   86  O  "O4'"  . A   A 1 3 ? -4.290  3.288   6.860   1.00 20.90 ? 3   A   A "O4'"  1 
ATOM   87  C  "C3'"  A A   A 1 3 ? -2.219  4.281   6.342   0.54 20.27 ? 3   A   A "C3'"  1 
ATOM   88  C  "C3'"  B A   A 1 3 ? -2.246  4.305   6.369   0.46 20.34 ? 3   A   A "C3'"  1 
ATOM   89  O  "O3'"  . A   A 1 3 ? -1.266  5.243   6.765   1.00 18.61 ? 3   A   A "O3'"  1 
ATOM   90  C  "C2'"  . A   A 1 3 ? -1.950  2.864   6.806   1.00 19.65 ? 3   A   A "C2'"  1 
ATOM   91  O  "O2'"  . A   A 1 3 ? -1.491  2.836   8.144   1.00 20.45 ? 3   A   A "O2'"  1 
ATOM   92  C  "C1'"  . A   A 1 3 ? -3.350  2.245   6.724   1.00 18.54 ? 3   A   A "C1'"  1 
ATOM   93  N  N9     . A   A 1 3 ? -3.560  1.615   5.411   1.00 16.31 ? 3   A   A N9     1 
ATOM   94  C  C8     . A   A 1 3 ? -4.276  2.110   4.349   1.00 16.09 ? 3   A   A C8     1 
ATOM   95  N  N7     . A   A 1 3 ? -4.263  1.321   3.302   1.00 15.84 ? 3   A   A N7     1 
ATOM   96  C  C5     . A   A 1 3 ? -3.479  0.250   3.699   1.00 15.27 ? 3   A   A C5     1 
ATOM   97  C  C6     . A   A 1 3 ? -3.071  -0.918  3.037   1.00 15.07 ? 3   A   A C6     1 
ATOM   98  N  N6     . A   A 1 3 ? -3.418  -1.228  1.787   1.00 15.75 ? 3   A   A N6     1 
ATOM   99  N  N1     . A   A 1 3 ? -2.285  -1.790  3.711   1.00 14.59 ? 3   A   A N1     1 
ATOM   100 C  C2     . A   A 1 3 ? -1.936  -1.489  4.964   1.00 15.20 ? 3   A   A C2     1 
ATOM   101 N  N3     . A   A 1 3 ? -2.247  -0.414  5.690   1.00 15.53 ? 3   A   A N3     1 
ATOM   102 C  C4     . A   A 1 3 ? -3.031  0.419   4.993   1.00 15.26 ? 3   A   A C4     1 
ATOM   103 H  "H5'"  A A   A 1 3 ? -3.866  6.411   6.093   0.54 32.89 ? 3   A   A "H5'"  1 
ATOM   104 H  "H5'"  B A   A 1 3 ? -5.135  5.893   7.157   0.46 32.94 ? 3   A   A "H5'"  1 
ATOM   105 H  "H5''" A A   A 1 3 ? -4.404  5.257   5.159   0.54 32.89 ? 3   A   A "H5''" 1 
ATOM   106 H  "H5''" B A   A 1 3 ? -3.877  6.479   6.403   0.46 32.94 ? 3   A   A "H5''" 1 
ATOM   107 H  "H4'"  A A   A 1 3 ? -3.560  4.833   7.821   0.54 27.33 ? 3   A   A "H4'"  1 
ATOM   108 H  "H4'"  B A   A 1 3 ? -3.452  4.720   7.970   0.46 27.56 ? 3   A   A "H4'"  1 
ATOM   109 H  "H3'"  A A   A 1 3 ? -2.244  4.271   5.373   0.54 24.26 ? 3   A   A "H3'"  1 
ATOM   110 H  "H3'"  B A   A 1 3 ? -2.334  4.335   5.402   0.46 24.35 ? 3   A   A "H3'"  1 
ATOM   111 H  "H2'"  . A   A 1 3 ? -1.329  2.404   6.220   1.00 23.52 ? 3   A   A "H2'"  1 
ATOM   112 H  "HO2'" . A   A 1 3 ? -1.539  3.610   8.467   1.00 24.48 ? 3   A   A "HO2'" 1 
ATOM   113 H  "H1'"  . A   A 1 3 ? -3.475  1.602   7.440   1.00 22.19 ? 3   A   A "H1'"  1 
ATOM   114 H  H8     . A   A 1 3 ? -4.726  2.924   4.371   1.00 19.25 ? 3   A   A H8     1 
ATOM   115 H  H61    . A   A 1 3 ? -3.142  -1.963  1.434   1.00 18.84 ? 3   A   A H61    1 
ATOM   116 H  H62    . A   A 1 3 ? -3.916  -0.694  1.334   1.00 18.84 ? 3   A   A H62    1 
ATOM   117 H  H2     . A   A 1 3 ? -1.399  -2.117  5.391   1.00 18.18 ? 3   A   A H2     1 
ATOM   118 P  P      . A   A 1 4 ? 0.024   5.538   5.857   1.00 16.88 ? 4   A   A P      1 
ATOM   119 O  OP1    . A   A 1 4 ? 0.647   6.790   6.364   1.00 18.39 ? 4   A   A OP1    1 
ATOM   120 O  OP2    . A   A 1 4 ? -0.305  5.426   4.420   1.00 17.75 ? 4   A   A OP2    1 
ATOM   121 O  "O5'"  . A   A 1 4 ? 0.983   4.324   6.197   1.00 16.17 ? 4   A   A "O5'"  1 
ATOM   122 C  "C5'"  . A   A 1 4 ? 1.537   4.170   7.491   1.00 15.84 ? 4   A   A "C5'"  1 
ATOM   123 C  "C4'"  . A   A 1 4 ? 2.421   2.954   7.525   1.00 16.55 ? 4   A   A "C4'"  1 
ATOM   124 O  "O4'"  . A   A 1 4 ? 1.633   1.762   7.266   1.00 16.66 ? 4   A   A "O4'"  1 
ATOM   125 C  "C3'"  . A   A 1 4 ? 3.514   2.913   6.463   1.00 17.01 ? 4   A   A "C3'"  1 
ATOM   126 O  "O3'"  . A   A 1 4 ? 4.654   3.684   6.827   1.00 17.73 ? 4   A   A "O3'"  1 
ATOM   127 C  "C2'"  . A   A 1 4 ? 3.782   1.423   6.328   1.00 17.04 ? 4   A   A "C2'"  1 
ATOM   128 O  "O2'"  . A   A 1 4 ? 4.550   0.958   7.428   1.00 18.17 ? 4   A   A "O2'"  1 
ATOM   129 C  "C1'"  . A   A 1 4 ? 2.370   0.857   6.470   1.00 16.38 ? 4   A   A "C1'"  1 
ATOM   130 N  N9     . A   A 1 4 ? 1.646   0.695   5.195   1.00 15.50 ? 4   A   A N9     1 
ATOM   131 C  C8     . A   A 1 4 ? 0.717   1.554   4.656   1.00 15.43 ? 4   A   A C8     1 
ATOM   132 N  N7     . A   A 1 4 ? 0.196   1.135   3.531   1.00 15.35 ? 4   A   A N7     1 
ATOM   133 C  C5     . A   A 1 4 ? 0.811   -0.089  3.322   1.00 14.96 ? 4   A   A C5     1 
ATOM   134 C  C6     . A   A 1 4 ? 0.693   -1.034  2.299   1.00 14.59 ? 4   A   A C6     1 
ATOM   135 N  N6     . A   A 1 4 ? -0.124  -0.882  1.248   1.00 14.50 ? 4   A   A N6     1 
ATOM   136 N  N1     . A   A 1 4 ? 1.443   -2.158  2.386   1.00 14.92 ? 4   A   A N1     1 
ATOM   137 C  C2     . A   A 1 4 ? 2.252   -2.295  3.437   1.00 15.57 ? 4   A   A C2     1 
ATOM   138 N  N3     . A   A 1 4 ? 2.454   -1.478  4.463   1.00 15.35 ? 4   A   A N3     1 
ATOM   139 C  C4     . A   A 1 4 ? 1.692   -0.379  4.348   1.00 14.82 ? 4   A   A C4     1 
ATOM   140 H  "H5'"  . A   A 1 4 ? 0.823   4.069   8.140   1.00 18.95 ? 4   A   A "H5'"  1 
ATOM   141 H  "H5''" . A   A 1 4 ? 2.059   4.956   7.716   1.00 18.95 ? 4   A   A "H5''" 1 
ATOM   142 H  "H4'"  . A   A 1 4 ? 2.823   2.874   8.404   1.00 19.80 ? 4   A   A "H4'"  1 
ATOM   143 H  "H3'"  . A   A 1 4 ? 3.167   3.243   5.620   1.00 20.36 ? 4   A   A "H3'"  1 
ATOM   144 H  "H2'"  . A   A 1 4 ? 4.185   1.200   5.474   1.00 20.39 ? 4   A   A "H2'"  1 
ATOM   145 H  "HO2'" . A   A 1 4 ? 5.241   1.429   7.498   1.00 21.74 ? 4   A   A "HO2'" 1 
ATOM   146 H  "H1'"  . A   A 1 4 ? 2.440   -0.012  6.896   1.00 19.60 ? 4   A   A "H1'"  1 
ATOM   147 H  H8     . A   A 1 4 ? 0.482   2.361   5.056   1.00 18.46 ? 4   A   A H8     1 
ATOM   148 H  H61    . A   A 1 4 ? -0.167  -1.492  0.644   1.00 17.35 ? 4   A   A H61    1 
ATOM   149 H  H62    . A   A 1 4 ? -0.607  -0.173  1.178   1.00 17.35 ? 4   A   A H62    1 
ATOM   150 H  H2     . A   A 1 4 ? 2.749   -3.082  3.454   1.00 18.62 ? 4   A   A H2     1 
HETATM 151 C  "C1'"  . U4M A 1 5 ? 6.611   -0.133  3.337   1.00 14.66 ? 5   U4M A "C1'"  1 
HETATM 152 C  C2     . U4M A 1 5 ? 5.029   -0.462  1.548   1.00 15.14 ? 5   U4M A C2     1 
HETATM 153 C  "C2'"  . U4M A 1 5 ? 7.940   0.331   2.746   1.00 14.32 ? 5   U4M A "C2'"  1 
HETATM 154 C  "C3'"  . U4M A 1 5 ? 8.101   1.647   3.449   1.00 14.64 ? 5   U4M A "C3'"  1 
HETATM 155 C  C4     . U4M A 1 5 ? 3.166   0.996   1.098   1.00 14.36 ? 5   U4M A C4     1 
HETATM 156 C  "C4'"  . U4M A 1 5 ? 7.639   1.300   4.893   1.00 15.08 ? 5   U4M A "C4'"  1 
HETATM 157 C  C5     . U4M A 1 5 ? 3.541   1.798   2.172   1.00 13.37 ? 5   U4M A C5     1 
HETATM 158 C  "C5'"  . U4M A 1 5 ? 7.466   2.497   5.750   1.00 15.46 ? 5   U4M A "C5'"  1 
HETATM 159 C  C6     . U4M A 1 5 ? 4.667   1.455   2.917   1.00 14.11 ? 5   U4M A C6     1 
HETATM 160 C  CM     . U4M A 1 5 ? 8.659   0.445   5.643   1.00 15.65 ? 5   U4M A CM     1 
HETATM 161 F  "F2'"  . U4M A 1 5 ? 8.858   -0.620  3.072   1.00 15.14 ? 5   U4M A "F2'"  1 
HETATM 162 N  N1     . U4M A 1 5 ? 5.403   0.296   2.575   1.00 14.44 ? 5   U4M A N1     1 
HETATM 163 N  N3     . U4M A 1 5 ? 3.905   -0.134  0.784   1.00 15.21 ? 5   U4M A N3     1 
HETATM 164 O  O2     . U4M A 1 5 ? 5.670   -1.469  1.264   1.00 17.10 ? 5   U4M A O2     1 
HETATM 165 O  "O3'"  . U4M A 1 5 ? 9.433   2.095   3.420   1.00 14.52 ? 5   U4M A "O3'"  1 
HETATM 166 O  O4     . U4M A 1 5 ? 2.174   1.272   0.424   1.00 14.62 ? 5   U4M A O4     1 
HETATM 167 O  "O4'"  . U4M A 1 5 ? 6.463   0.497   4.672   1.00 14.78 ? 5   U4M A "O4'"  1 
HETATM 168 O  "O5'"  . U4M A 1 5 ? 6.360   3.256   5.026   1.00 15.79 ? 5   U4M A "O5'"  1 
HETATM 169 O  OP1    . U4M A 1 5 ? 6.452   5.349   6.404   1.00 17.52 ? 5   U4M A OP1    1 
HETATM 170 O  OP2    . U4M A 1 5 ? 4.592   5.001   4.690   1.00 16.26 ? 5   U4M A OP2    1 
HETATM 171 P  P      . U4M A 1 5 ? 5.522   4.443   5.702   1.00 16.45 ? 5   U4M A P      1 
HETATM 172 H  "H1'"  . U4M A 1 5 ? 6.706   -1.217  3.392   1.00 17.54 ? 5   U4M A "H1'"  1 
HETATM 173 H  "H2'"  . U4M A 1 5 ? 7.982   0.498   1.670   1.00 17.13 ? 5   U4M A "H2'"  1 
HETATM 174 H  "H3'"  . U4M A 1 5 ? 7.480   2.423   3.002   1.00 17.51 ? 5   U4M A "H3'"  1 
HETATM 175 H  H5     . U4M A 1 5 ? 2.960   2.684   2.428   1.00 15.98 ? 5   U4M A H5     1 
HETATM 176 H  H6L    . U4M A 1 5 ? 8.383   3.085   5.796   1.00 18.49 ? 5   U4M A H6L    1 
HETATM 177 H  "H5'"  . U4M A 1 5 ? 7.160   2.219   6.758   1.00 18.49 ? 5   U4M A "H5'"  1 
HETATM 178 H  H6     . U4M A 1 5 ? 4.979   2.076   3.757   1.00 16.87 ? 5   U4M A H6     1 
HETATM 179 H  HM3    . U4M A 1 5 ? 8.386   0.393   6.697   1.00 18.72 ? 5   U4M A HM3    1 
HETATM 180 H  HM1    . U4M A 1 5 ? 9.649   0.890   5.546   1.00 18.72 ? 5   U4M A HM1    1 
HETATM 181 H  HM2    . U4M A 1 5 ? 8.671   -0.560  5.221   1.00 18.72 ? 5   U4M A HM2    1 
HETATM 182 H  H3     . U4M A 1 5 ? 3.635   -0.714  0.015   1.00 18.20 ? 5   U4M A H3     1 
HETATM 183 H  H6M    . U4M A 1 5 ? 10.041  1.352   3.696   1.00 17.37 ? 5   U4M A H6M    1 
ATOM   184 P  P      . U   A 1 6 ? 9.949   3.048   2.239   1.00 14.43 ? 6   U   A P      1 
ATOM   185 O  OP1    . U   A 1 6 ? 11.324  3.466   2.599   1.00 15.61 ? 6   U   A OP1    1 
ATOM   186 O  OP2    . U   A 1 6 ? 8.909   4.046   1.921   1.00 15.39 ? 6   U   A OP2    1 
ATOM   187 O  "O5'"  . U   A 1 6 ? 10.006  2.088   0.969   1.00 13.59 ? 6   U   A "O5'"  1 
ATOM   188 C  "C5'"  . U   A 1 6 ? 10.869  0.964   0.920   1.00 13.82 ? 6   U   A "C5'"  1 
ATOM   189 C  "C4'"  . U   A 1 6 ? 10.554  0.117   -0.285  1.00 14.43 ? 6   U   A "C4'"  1 
ATOM   190 O  "O4'"  . U   A 1 6 ? 9.196   -0.387  -0.191  1.00 14.23 ? 6   U   A "O4'"  1 
ATOM   191 C  "C3'"  . U   A 1 6 ? 10.575  0.843   -1.622  1.00 15.38 ? 6   U   A "C3'"  1 
ATOM   192 O  "O3'"  . U   A 1 6 ? 11.883  1.011   -2.137  1.00 16.52 ? 6   U   A "O3'"  1 
ATOM   193 C  "C2'"  . U   A 1 6 ? 9.687   -0.037  -2.483  1.00 15.21 ? 6   U   A "C2'"  1 
ATOM   194 O  "O2'"  . U   A 1 6 ? 10.376  -1.226  -2.843  1.00 16.48 ? 6   U   A "O2'"  1 
ATOM   195 C  "C1'"  . U   A 1 6 ? 8.608   -0.421  -1.480  1.00 14.55 ? 6   U   A "C1'"  1 
ATOM   196 N  N1     . U   A 1 6 ? 7.425   0.471   -1.479  1.00 13.71 ? 6   U   A N1     1 
ATOM   197 C  C2     . U   A 1 6 ? 6.450   0.233   -2.423  1.00 14.34 ? 6   U   A C2     1 
ATOM   198 O  O2     . U   A 1 6 ? 6.552   -0.636  -3.269  1.00 15.17 ? 6   U   A O2     1 
ATOM   199 N  N3     . U   A 1 6 ? 5.352   1.052   -2.350  1.00 13.95 ? 6   U   A N3     1 
ATOM   200 C  C4     . U   A 1 6 ? 5.124   2.062   -1.436  1.00 13.31 ? 6   U   A C4     1 
ATOM   201 O  O4     . U   A 1 6 ? 4.087   2.715   -1.497  1.00 14.17 ? 6   U   A O4     1 
ATOM   202 C  C5     . U   A 1 6 ? 6.171   2.234   -0.470  1.00 13.73 ? 6   U   A C5     1 
ATOM   203 C  C6     . U   A 1 6 ? 7.252   1.451   -0.529  1.00 13.98 ? 6   U   A C6     1 
ATOM   204 H  "H5'"  . U   A 1 6 ? 10.753  0.435   1.725   1.00 16.53 ? 6   U   A "H5'"  1 
ATOM   205 H  "H5''" . U   A 1 6 ? 11.789  1.266   0.870   1.00 16.53 ? 6   U   A "H5''" 1 
ATOM   206 H  "H4'"  . U   A 1 6 ? 11.169  -0.632  -0.315  1.00 17.26 ? 6   U   A "H4'"  1 
ATOM   207 H  "H3'"  . U   A 1 6 ? 10.160  1.714   -1.523  1.00 18.40 ? 6   U   A "H3'"  1 
ATOM   208 H  "H2'"  . U   A 1 6 ? 9.332   0.437   -3.251  1.00 18.20 ? 6   U   A "H2'"  1 
ATOM   209 H  "HO2'" . U   A 1 6 ? 11.070  -1.020  -3.268  1.00 19.72 ? 6   U   A "HO2'" 1 
ATOM   210 H  "H1'"  . U   A 1 6 ? 8.305   -1.318  -1.694  1.00 17.40 ? 6   U   A "H1'"  1 
ATOM   211 H  H3     . U   A 1 6 ? 4.737   0.923   -2.938  1.00 16.68 ? 6   U   A H3     1 
ATOM   212 H  H5     . U   A 1 6 ? 6.097   2.883   0.191   1.00 16.42 ? 6   U   A H5     1 
ATOM   213 H  H6     . U   A 1 6 ? 7.922   1.577   0.104   1.00 16.71 ? 6   U   A H6     1 
ATOM   214 P  P      . C   A 1 7 ? 12.268  2.349   -2.943  1.00 17.77 ? 7   C   A P      1 
ATOM   215 O  OP1    . C   A 1 7 ? 13.742  2.371   -3.054  1.00 19.15 ? 7   C   A OP1    1 
ATOM   216 O  OP2    . C   A 1 7 ? 11.566  3.521   -2.361  1.00 18.24 ? 7   C   A OP2    1 
ATOM   217 O  "O5'"  . C   A 1 7 ? 11.634  2.115   -4.381  1.00 17.56 ? 7   C   A "O5'"  1 
ATOM   218 C  "C5'"  . C   A 1 7 ? 12.054  1.024   -5.176  1.00 17.30 ? 7   C   A "C5'"  1 
ATOM   219 C  "C4'"  . C   A 1 7 ? 11.102  0.767   -6.316  1.00 16.63 ? 7   C   A "C4'"  1 
ATOM   220 O  "O4'"  . C   A 1 7 ? 9.816   0.322   -5.807  1.00 15.60 ? 7   C   A "O4'"  1 
ATOM   221 C  "C3'"  . C   A 1 7 ? 10.743  1.962   -7.183  1.00 17.83 ? 7   C   A "C3'"  1 
ATOM   222 O  "O3'"  . C   A 1 7 ? 11.750  2.326   -8.103  1.00 19.59 ? 7   C   A "O3'"  1 
ATOM   223 C  "C2'"  . C   A 1 7 ? 9.446   1.502   -7.830  1.00 16.71 ? 7   C   A "C2'"  1 
ATOM   224 O  "O2'"  . C   A 1 7 ? 9.696   0.541   -8.845  1.00 17.38 ? 7   C   A "O2'"  1 
ATOM   225 C  "C1'"  . C   A 1 7 ? 8.782   0.796   -6.654  1.00 15.71 ? 7   C   A "C1'"  1 
ATOM   226 N  N1     . C   A 1 7 ? 7.928   1.722   -5.886  1.00 14.48 ? 7   C   A N1     1 
ATOM   227 C  C2     . C   A 1 7 ? 6.629   1.935   -6.334  1.00 15.06 ? 7   C   A C2     1 
ATOM   228 O  O2     . C   A 1 7 ? 6.245   1.336   -7.351  1.00 15.31 ? 7   C   A O2     1 
ATOM   229 N  N3     . C   A 1 7 ? 5.833   2.776   -5.646  1.00 14.06 ? 7   C   A N3     1 
ATOM   230 C  C4     . C   A 1 7 ? 6.307   3.384   -4.559  1.00 13.39 ? 7   C   A C4     1 
ATOM   231 N  N4     . C   A 1 7 ? 5.488   4.209   -3.901  1.00 13.86 ? 7   C   A N4     1 
ATOM   232 C  C5     . C   A 1 7 ? 7.633   3.187   -4.082  1.00 13.99 ? 7   C   A C5     1 
ATOM   233 C  C6     . C   A 1 7 ? 8.411   2.352   -4.776  1.00 14.31 ? 7   C   A C6     1 
ATOM   234 H  "H5'"  . C   A 1 7 ? 12.106  0.230   -4.623  1.00 20.70 ? 7   C   A "H5'"  1 
ATOM   235 H  "H5''" . C   A 1 7 ? 12.934  1.215   -5.536  1.00 20.70 ? 7   C   A "H5''" 1 
ATOM   236 H  "H4'"  . C   A 1 7 ? 11.483  0.072   -6.875  1.00 19.89 ? 7   C   A "H4'"  1 
ATOM   237 H  "H3'"  . C   A 1 7 ? 10.569  2.727   -6.613  1.00 21.33 ? 7   C   A "H3'"  1 
ATOM   238 H  "H2'"  . C   A 1 7 ? 8.920   2.245   -8.164  1.00 20.00 ? 7   C   A "H2'"  1 
ATOM   239 H  "HO2'" . C   A 1 7 ? 10.108  0.911   -9.478  1.00 20.80 ? 7   C   A "HO2'" 1 
ATOM   240 H  "H1'"  . C   A 1 7 ? 8.255   0.045   -6.967  1.00 18.80 ? 7   C   A "H1'"  1 
ATOM   241 H  H41    . C   A 1 7 ? 5.764   4.616   -3.195  1.00 16.58 ? 7   C   A H41    1 
ATOM   242 H  H42    . C   A 1 7 ? 4.686   4.332   -4.182  1.00 16.58 ? 7   C   A H42    1 
ATOM   243 H  H5     . C   A 1 7 ? 7.945   3.621   -3.320  1.00 16.73 ? 7   C   A H5     1 
ATOM   244 H  H6     . C   A 1 7 ? 9.287   2.200   -4.503  1.00 17.11 ? 7   C   A H6     1 
ATOM   245 P  P      . G   A 1 8 ? 11.925  3.872   -8.498  1.00 20.76 ? 8   G   A P      1 
ATOM   246 O  OP1    . G   A 1 8 ? 13.119  3.953   -9.381  1.00 22.34 ? 8   G   A OP1    1 
ATOM   247 O  OP2    . G   A 1 8 ? 11.855  4.703   -7.269  1.00 23.02 ? 8   G   A OP2    1 
ATOM   248 O  "O5'"  . G   A 1 8 ? 10.628  4.197   -9.359  1.00 20.89 ? 8   G   A "O5'"  1 
ATOM   249 C  "C5'"  . G   A 1 8 ? 10.445  3.602   -10.631 1.00 20.55 ? 8   G   A "C5'"  1 
ATOM   250 C  "C4'"  . G   A 1 8 ? 9.079   3.891   -11.198 1.00 19.47 ? 8   G   A "C4'"  1 
ATOM   251 O  "O4'"  . G   A 1 8 ? 8.050   3.364   -10.317 1.00 18.04 ? 8   G   A "O4'"  1 
ATOM   252 C  "C3'"  . G   A 1 8 ? 8.695   5.356   -11.361 1.00 21.07 ? 8   G   A "C3'"  1 
ATOM   253 O  "O3'"  . G   A 1 8 ? 9.299   5.983   -12.478 1.00 23.60 ? 8   G   A "O3'"  1 
ATOM   254 C  "C2'"  . G   A 1 8 ? 7.178   5.272   -11.432 1.00 19.74 ? 8   G   A "C2'"  1 
ATOM   255 O  "O2'"  . G   A 1 8 ? 6.752   4.786   -12.696 1.00 20.36 ? 8   G   A "O2'"  1 
ATOM   256 C  "C1'"  . G   A 1 8 ? 6.903   4.195   -10.380 1.00 17.73 ? 8   G   A "C1'"  1 
ATOM   257 N  N9     . G   A 1 8 ? 6.659   4.788   -9.051  1.00 15.45 ? 8   G   A N9     1 
ATOM   258 C  C8     . G   A 1 8 ? 7.528   4.874   -7.989  1.00 15.31 ? 8   G   A C8     1 
ATOM   259 N  N7     . G   A 1 8 ? 7.007   5.470   -6.952  1.00 14.92 ? 8   G   A N7     1 
ATOM   260 C  C5     . G   A 1 8 ? 5.721   5.814   -7.358  1.00 14.20 ? 8   G   A C5     1 
ATOM   261 C  C6     . G   A 1 8 ? 4.679   6.482   -6.663  1.00 13.73 ? 8   G   A C6     1 
ATOM   262 O  O6     . G   A 1 8 ? 4.702   6.920   -5.510  1.00 14.15 ? 8   G   A O6     1 
ATOM   263 N  N1     . G   A 1 8 ? 3.540   6.616   -7.454  1.00 13.18 ? 8   G   A N1     1 
ATOM   264 C  C2     . G   A 1 8 ? 3.416   6.160   -8.753  1.00 13.86 ? 8   G   A C2     1 
ATOM   265 N  N2     . G   A 1 8 ? 2.247   6.368   -9.372  1.00 14.47 ? 8   G   A N2     1 
ATOM   266 N  N3     . G   A 1 8 ? 4.385   5.538   -9.401  1.00 14.15 ? 8   G   A N3     1 
ATOM   267 C  C4     . G   A 1 8 ? 5.497   5.400   -8.652  1.00 14.32 ? 8   G   A C4     1 
ATOM   268 H  "H5'"  . G   A 1 8 ? 10.555  2.642   -10.549 1.00 24.60 ? 8   G   A "H5'"  1 
ATOM   269 H  "H5''" . G   A 1 8 ? 11.118  3.947   -11.239 1.00 24.60 ? 8   G   A "H5''" 1 
ATOM   270 H  "H4'"  . G   A 1 8 ? 9.015   3.456   -12.063 1.00 23.30 ? 8   G   A "H4'"  1 
ATOM   271 H  "H3'"  . G   A 1 8 ? 8.955   5.846   -10.566 1.00 25.22 ? 8   G   A "H3'"  1 
ATOM   272 H  "HO3'" . G   A 1 8 ? 8.823   6.376   -13.046 1.00 28.26 ? 8   G   A "HO3'" 1 
ATOM   273 H  "H2'"  . G   A 1 8 ? 6.754   6.117   -11.215 1.00 23.63 ? 8   G   A "H2'"  1 
ATOM   274 H  "HO2'" . G   A 1 8 ? 7.392   4.834   -13.237 1.00 24.37 ? 8   G   A "HO2'" 1 
ATOM   275 H  "H1'"  . G   A 1 8 ? 6.137   3.658   -10.638 1.00 21.21 ? 8   G   A "H1'"  1 
ATOM   276 H  H8     . G   A 1 8 ? 8.396   4.541   -8.008  1.00 18.31 ? 8   G   A H8     1 
ATOM   277 H  H1     . G   A 1 8 ? 2.860   7.013   -7.107  1.00 15.76 ? 8   G   A H1     1 
ATOM   278 H  H21    . G   A 1 8 ? 1.609   6.771   -8.962  1.00 17.31 ? 8   G   A H21    1 
ATOM   279 H  H22    . G   A 1 8 ? 2.136   6.097   -10.181 1.00 17.31 ? 8   G   A H22    1 
ATOM   280 O  "O5'"  . C   B 1 1 ? -3.965  9.567   -4.145  1.00 20.23 ? 1   C   B "O5'"  1 
ATOM   281 C  "C5'"  . C   B 1 1 ? -4.729  10.017  -5.252  1.00 18.02 ? 1   C   B "C5'"  1 
ATOM   282 C  "C4'"  . C   B 1 1 ? -4.109  9.623   -6.569  1.00 16.63 ? 1   C   B "C4'"  1 
ATOM   283 O  "O4'"  . C   B 1 1 ? -2.821  10.270  -6.746  1.00 15.73 ? 1   C   B "O4'"  1 
ATOM   284 C  "C3'"  . C   B 1 1 ? -3.809  8.143   -6.775  1.00 16.40 ? 1   C   B "C3'"  1 
ATOM   285 O  "O3'"  . C   B 1 1 ? -4.965  7.385   -7.090  1.00 17.61 ? 1   C   B "O3'"  1 
ATOM   286 C  "C2'"  . C   B 1 1 ? -2.778  8.195   -7.894  1.00 15.35 ? 1   C   B "C2'"  1 
ATOM   287 O  "O2'"  . C   B 1 1 ? -3.405  8.464   -9.140  1.00 16.29 ? 1   C   B "O2'"  1 
ATOM   288 C  "C1'"  . C   B 1 1 ? -1.958  9.414   -7.468  1.00 15.14 ? 1   C   B "C1'"  1 
ATOM   289 N  N1     . C   B 1 1 ? -0.854  8.996   -6.575  1.00 14.40 ? 1   C   B N1     1 
ATOM   290 C  C2     . C   B 1 1 ? 0.249   8.329   -7.118  1.00 13.85 ? 1   C   B C2     1 
ATOM   291 O  O2     . C   B 1 1 ? 0.277   8.153   -8.344  1.00 14.00 ? 1   C   B O2     1 
ATOM   292 N  N3     . C   B 1 1 ? 1.246   7.907   -6.317  1.00 13.23 ? 1   C   B N3     1 
ATOM   293 C  C4     . C   B 1 1 ? 1.164   8.125   -4.998  1.00 13.32 ? 1   C   B C4     1 
ATOM   294 N  N4     . C   B 1 1 ? 2.169   7.699   -4.222  1.00 13.83 ? 1   C   B N4     1 
ATOM   295 C  C5     . C   B 1 1 ? 0.044   8.789   -4.412  1.00 13.68 ? 1   C   B C5     1 
ATOM   296 C  C6     . C   B 1 1 ? -0.936  9.191   -5.225  1.00 14.11 ? 1   C   B C6     1 
ATOM   297 H  "H5'"  . C   B 1 1 ? -4.798  10.983  -5.214  1.00 21.57 ? 1   C   B "H5'"  1 
ATOM   298 H  "H5''" . C   B 1 1 ? -5.619  9.634   -5.197  1.00 21.57 ? 1   C   B "H5''" 1 
ATOM   299 H  "H4'"  . C   B 1 1 ? -4.704  9.919   -7.276  1.00 19.90 ? 1   C   B "H4'"  1 
ATOM   300 H  "H3'"  . C   B 1 1 ? -3.401  7.772   -5.977  1.00 19.62 ? 1   C   B "H3'"  1 
ATOM   301 H  "H2'"  . C   B 1 1 ? -2.234  7.394   -7.938  1.00 18.36 ? 1   C   B "H2'"  1 
ATOM   302 H  "HO2'" . C   B 1 1 ? -3.996  7.884   -9.278  1.00 19.48 ? 1   C   B "HO2'" 1 
ATOM   303 H  "H1'"  . C   B 1 1 ? -1.613  9.888   -8.241  1.00 18.11 ? 1   C   B "H1'"  1 
ATOM   304 H  H41    . C   B 1 1 ? 2.140   7.829   -3.373  1.00 16.54 ? 1   C   B H41    1 
ATOM   305 H  H42    . C   B 1 1 ? 2.844   7.299   -4.574  1.00 16.54 ? 1   C   B H42    1 
ATOM   306 H  H5     . C   B 1 1 ? -0.001  8.935   -3.495  1.00 16.36 ? 1   C   B H5     1 
ATOM   307 H  H6     . C   B 1 1 ? -1.684  9.610   -4.867  1.00 16.88 ? 1   C   B H6     1 
ATOM   308 H  "HO5'" . C   B 1 1 ? -4.237  8.920   -3.683  1.00 24.22 ? 1   C   B "HO5'" 1 
ATOM   309 P  P      . G   B 1 2 ? -5.122  5.869   -6.578  1.00 18.46 ? 2   G   B P      1 
ATOM   310 O  OP1    . G   B 1 2 ? -6.497  5.446   -6.901  1.00 19.78 ? 2   G   B OP1    1 
ATOM   311 O  OP2    . G   B 1 2 ? -4.613  5.719   -5.190  1.00 18.85 ? 2   G   B OP2    1 
ATOM   312 O  "O5'"  . G   B 1 2 ? -4.147  5.055   -7.529  1.00 18.26 ? 2   G   B "O5'"  1 
ATOM   313 C  "C5'"  . G   B 1 2 ? -4.412  4.976   -8.916  1.00 18.30 ? 2   G   B "C5'"  1 
ATOM   314 C  "C4'"  . G   B 1 2 ? -3.313  4.247   -9.629  1.00 17.88 ? 2   G   B "C4'"  1 
ATOM   315 O  "O4'"  . G   B 1 2 ? -2.071  4.983   -9.503  1.00 17.85 ? 2   G   B "O4'"  1 
ATOM   316 C  "C3'"  . G   B 1 2 ? -2.975  2.869   -9.084  1.00 17.70 ? 2   G   B "C3'"  1 
ATOM   317 O  "O3'"  . G   B 1 2 ? -3.881  1.869   -9.513  1.00 18.17 ? 2   G   B "O3'"  1 
ATOM   318 C  "C2'"  . G   B 1 2 ? -1.557  2.671   -9.584  1.00 17.96 ? 2   G   B "C2'"  1 
ATOM   319 O  "O2'"  . G   B 1 2 ? -1.559  2.363   -10.971 1.00 18.59 ? 2   G   B "O2'"  1 
ATOM   320 C  "C1'"  . G   B 1 2 ? -0.990  4.077   -9.413  1.00 17.09 ? 2   G   B "C1'"  1 
ATOM   321 N  N9     . G   B 1 2 ? -0.320  4.284   -8.118  1.00 15.55 ? 2   G   B N9     1 
ATOM   322 C  C8     . G   B 1 2 ? -0.816  4.969   -7.041  1.00 16.32 ? 2   G   B C8     1 
ATOM   323 N  N7     . G   B 1 2 ? 0.023   5.015   -6.040  1.00 15.61 ? 2   G   B N7     1 
ATOM   324 C  C5     . G   B 1 2 ? 1.126   4.328   -6.504  1.00 14.48 ? 2   G   B C5     1 
ATOM   325 C  C6     . G   B 1 2 ? 2.352   4.033   -5.861  1.00 14.21 ? 2   G   B C6     1 
ATOM   326 O  O6     . G   B 1 2 ? 2.700   4.352   -4.717  1.00 15.05 ? 2   G   B O6     1 
ATOM   327 N  N1     . G   B 1 2 ? 3.214   3.308   -6.679  1.00 13.13 ? 2   G   B N1     1 
ATOM   328 C  C2     . G   B 1 2 ? 2.922   2.905   -7.958  1.00 13.22 ? 2   G   B C2     1 
ATOM   329 N  N2     . G   B 1 2 ? 3.872   2.216   -8.597  1.00 13.42 ? 2   G   B N2     1 
ATOM   330 N  N3     . G   B 1 2 ? 1.781   3.164   -8.568  1.00 13.86 ? 2   G   B N3     1 
ATOM   331 C  C4     . G   B 1 2 ? 0.936   3.870   -7.784  1.00 14.70 ? 2   G   B C4     1 
ATOM   332 H  "H5'"  . G   B 1 2 ? -4.488  5.872   -9.279  1.00 21.90 ? 2   G   B "H5'"  1 
ATOM   333 H  "H5''" . G   B 1 2 ? -5.249  4.507   -9.057  1.00 21.90 ? 2   G   B "H5''" 1 
ATOM   334 H  "H4'"  . G   B 1 2 ? -3.540  4.172   -10.568 1.00 21.40 ? 2   G   B "H4'"  1 
ATOM   335 H  "H3'"  . G   B 1 2 ? -2.972  2.894   -8.115  1.00 21.18 ? 2   G   B "H3'"  1 
ATOM   336 H  "H2'"  . G   B 1 2 ? -1.072  2.012   -9.063  1.00 21.49 ? 2   G   B "H2'"  1 
ATOM   337 H  "HO2'" . G   B 1 2 ? -1.604  3.078   -11.410 1.00 22.25 ? 2   G   B "HO2'" 1 
ATOM   338 H  "H1'"  . G   B 1 2 ? -0.352  4.245   -10.124 1.00 20.44 ? 2   G   B "H1'"  1 
ATOM   339 H  H8     . G   B 1 2 ? -1.660  5.359   -7.023  1.00 19.53 ? 2   G   B H8     1 
ATOM   340 H  H1     . G   B 1 2 ? 3.985   3.097   -6.360  1.00 15.70 ? 2   G   B H1     1 
ATOM   341 H  H21    . G   B 1 2 ? 4.617   2.045   -8.204  1.00 16.04 ? 2   G   B H21    1 
ATOM   342 H  H22    . G   B 1 2 ? 3.739   1.944   -9.402  1.00 16.04 ? 2   G   B H22    1 
ATOM   343 P  P      . A   B 1 3 ? -4.216  0.627   -8.545  1.00 18.11 ? 3   A   B P      1 
ATOM   344 O  OP1    . A   B 1 3 ? -5.303  -0.165  -9.169  1.00 19.60 ? 3   A   B OP1    1 
ATOM   345 O  OP2    . A   B 1 3 ? -4.365  1.129   -7.152  1.00 19.51 ? 3   A   B OP2    1 
ATOM   346 O  "O5'"  . A   B 1 3 ? -2.890  -0.248  -8.579  1.00 15.65 ? 3   A   B "O5'"  1 
ATOM   347 C  "C5'"  . A   B 1 3 ? -2.465  -0.840  -9.793  1.00 15.13 ? 3   A   B "C5'"  1 
ATOM   348 C  "C4'"  . A   B 1 3 ? -1.048  -1.344  -9.704  1.00 14.30 ? 3   A   B "C4'"  1 
ATOM   349 O  "O4'"  . A   B 1 3 ? -0.142  -0.249  -9.403  1.00 13.57 ? 3   A   B "O4'"  1 
ATOM   350 C  "C3'"  . A   B 1 3 ? -0.756  -2.370  -8.616  1.00 14.02 ? 3   A   B "C3'"  1 
ATOM   351 O  "O3'"  . A   B 1 3 ? -1.138  -3.687  -8.979  1.00 14.55 ? 3   A   B "O3'"  1 
ATOM   352 C  "C2'"  . A   B 1 3 ? 0.743   -2.212  -8.418  1.00 13.26 ? 3   A   B "C2'"  1 
ATOM   353 O  "O2'"  . A   B 1 3 ? 1.466   -2.830  -9.474  1.00 13.45 ? 3   A   B "O2'"  1 
ATOM   354 C  "C1'"  . A   B 1 3 ? 0.898   -0.703  -8.563  1.00 13.48 ? 3   A   B "C1'"  1 
ATOM   355 N  N9     . A   B 1 3 ? 0.795   0.011   -7.278  1.00 13.34 ? 3   A   B N9     1 
ATOM   356 C  C8     . A   B 1 3 ? -0.276  0.711   -6.773  1.00 13.08 ? 3   A   B C8     1 
ATOM   357 N  N7     . A   B 1 3 ? -0.042  1.256   -5.603  1.00 13.10 ? 3   A   B N7     1 
ATOM   358 C  C5     . A   B 1 3 ? 1.270   0.905   -5.320  1.00 12.67 ? 3   A   B C5     1 
ATOM   359 C  C6     . A   B 1 3 ? 2.114   1.161   -4.229  1.00 13.16 ? 3   A   B C6     1 
ATOM   360 N  N6     . A   B 1 3 ? 1.763   1.879   -3.162  1.00 13.88 ? 3   A   B N6     1 
ATOM   361 N  N1     . A   B 1 3 ? 3.369   0.653   -4.257  1.00 13.36 ? 3   A   B N1     1 
ATOM   362 C  C2     . A   B 1 3 ? 3.736   -0.067  -5.324  1.00 13.31 ? 3   A   B C2     1 
ATOM   363 N  N3     . A   B 1 3 ? 3.027   -0.384  -6.410  1.00 13.54 ? 3   A   B N3     1 
ATOM   364 C  C4     . A   B 1 3 ? 1.794   0.134   -6.345  1.00 13.09 ? 3   A   B C4     1 
ATOM   365 H  "H5'"  . A   B 1 3 ? -2.520  -0.181  -10.502 1.00 18.10 ? 3   A   B "H5'"  1 
ATOM   366 H  "H5''" . A   B 1 3 ? -3.052  -1.583  -10.005 1.00 18.10 ? 3   A   B "H5''" 1 
ATOM   367 H  "H4'"  . A   B 1 3 ? -0.805  -1.726  -10.562 1.00 17.10 ? 3   A   B "H4'"  1 
ATOM   368 H  "H3'"  . A   B 1 3 ? -1.221  -2.115  -7.805  1.00 16.76 ? 3   A   B "H3'"  1 
ATOM   369 H  "H2'"  . A   B 1 3 ? 1.025   -2.534  -7.548  1.00 15.86 ? 3   A   B "H2'"  1 
ATOM   370 H  "HO2'" . A   B 1 3 ? 1.025   -3.486  -9.760  1.00 16.08 ? 3   A   B "HO2'" 1 
ATOM   371 H  "H1'"  . A   B 1 3 ? 1.760   -0.513  -8.964  1.00 16.12 ? 3   A   B "H1'"  1 
ATOM   372 H  H8     . A   B 1 3 ? -1.088  0.791   -7.219  1.00 15.64 ? 3   A   B H8     1 
ATOM   373 H  H61    . A   B 1 3 ? 2.326   2.005   -2.523  1.00 16.60 ? 3   A   B H61    1 
ATOM   374 H  H62    . A   B 1 3 ? 0.973   2.216   -3.110  1.00 16.60 ? 3   A   B H62    1 
ATOM   375 H  H2     . A   B 1 3 ? 4.607   -0.393  -5.307  1.00 15.91 ? 3   A   B H2     1 
ATOM   376 P  P      . A   B 1 4 ? -1.540  -4.769  -7.852  1.00 14.14 ? 4   A   B P      1 
ATOM   377 O  OP1    . A   B 1 4 ? -2.109  -5.935  -8.554  1.00 16.35 ? 4   A   B OP1    1 
ATOM   378 O  OP2    . A   B 1 4 ? -2.299  -4.103  -6.762  1.00 15.92 ? 4   A   B OP2    1 
ATOM   379 O  "O5'"  . A   B 1 4 ? -0.156  -5.188  -7.199  1.00 13.14 ? 4   A   B "O5'"  1 
ATOM   380 C  "C5'"  . A   B 1 4 ? 0.839   -5.852  -7.953  1.00 13.87 ? 4   A   B "C5'"  1 
ATOM   381 C  "C4'"  . A   B 1 4 ? 2.080   -6.052  -7.124  1.00 15.31 ? 4   A   B "C4'"  1 
ATOM   382 O  "O4'"  . A   B 1 4 ? 2.697   -4.767  -6.829  1.00 15.10 ? 4   A   B "O4'"  1 
ATOM   383 C  "C3'"  . A   B 1 4 ? 1.866   -6.680  -5.752  1.00 16.32 ? 4   A   B "C3'"  1 
ATOM   384 O  "O3'"  . A   B 1 4 ? 1.723   -8.087  -5.797  1.00 17.45 ? 4   A   B "O3'"  1 
ATOM   385 C  "C2'"  . A   B 1 4 ? 3.083   -6.202  -4.980  1.00 16.20 ? 4   A   B "C2'"  1 
ATOM   386 O  "O2'"  . A   B 1 4 ? 4.242   -6.932  -5.349  1.00 17.56 ? 4   A   B "O2'"  1 
ATOM   387 C  "C1'"  . A   B 1 4 ? 3.227   -4.781  -5.518  1.00 15.56 ? 4   A   B "C1'"  1 
ATOM   388 N  N9     . A   B 1 4 ? 2.494   -3.788  -4.714  1.00 14.17 ? 4   A   B N9     1 
ATOM   389 C  C8     . A   B 1 4 ? 1.239   -3.285  -4.956  1.00 13.70 ? 4   A   B C8     1 
ATOM   390 N  N7     . A   B 1 4 ? 0.842   -2.392  -4.082  1.00 13.84 ? 4   A   B N7     1 
ATOM   391 C  C5     . A   B 1 4 ? 1.910   -2.298  -3.208  1.00 13.42 ? 4   A   B C5     1 
ATOM   392 C  C6     . A   B 1 4 ? 2.098   -1.519  -2.061  1.00 13.74 ? 4   A   B C6     1 
ATOM   393 N  N6     . A   B 1 4 ? 1.187   -0.667  -1.600  1.00 13.87 ? 4   A   B N6     1 
ATOM   394 N  N1     . A   B 1 4 ? 3.272   -1.645  -1.405  1.00 14.15 ? 4   A   B N1     1 
ATOM   395 C  C2     . A   B 1 4 ? 4.187   -2.511  -1.884  1.00 15.01 ? 4   A   B C2     1 
ATOM   396 N  N3     . A   B 1 4 ? 4.117   -3.304  -2.962  1.00 15.14 ? 4   A   B N3     1 
ATOM   397 C  C4     . A   B 1 4 ? 2.939   -3.147  -3.584  1.00 14.10 ? 4   A   B C4     1 
ATOM   398 H  "H5'"  . A   B 1 4 ? 1.057   -5.321  -8.736  1.00 16.59 ? 4   A   B "H5'"  1 
ATOM   399 H  "H5''" . A   B 1 4 ? 0.501   -6.715  -8.242  1.00 16.59 ? 4   A   B "H5''" 1 
ATOM   400 H  "H4'"  . A   B 1 4 ? 2.710   -6.592  -7.627  1.00 18.31 ? 4   A   B "H4'"  1 
ATOM   401 H  "H3'"  . A   B 1 4 ? 1.068   -6.302  -5.348  1.00 19.53 ? 4   A   B "H3'"  1 
ATOM   402 H  "H2'"  . A   B 1 4 ? 2.935   -6.224  -4.022  1.00 19.38 ? 4   A   B "H2'"  1 
ATOM   403 H  "HO2'" . A   B 1 4 ? 4.117   -7.746  -5.180  1.00 21.02 ? 4   A   B "HO2'" 1 
ATOM   404 H  "H1'"  . A   B 1 4 ? 4.168   -4.545  -5.535  1.00 18.61 ? 4   A   B "H1'"  1 
ATOM   405 H  H8     . A   B 1 4 ? 0.717   -3.552  -5.678  1.00 16.38 ? 4   A   B H8     1 
ATOM   406 H  H61    . A   B 1 4 ? 1.351   -0.205  -0.894  1.00 16.59 ? 4   A   B H61    1 
ATOM   407 H  H62    . A   B 1 4 ? 0.436   -0.577  -2.009  1.00 16.59 ? 4   A   B H62    1 
ATOM   408 H  H2     . A   B 1 4 ? 4.979   -2.566  -1.399  1.00 17.96 ? 4   A   B H2     1 
HETATM 409 C  "C1'"  . U4M B 1 5 ? 3.372   -7.044  -0.565  1.00 17.67 ? 5   U4M B "C1'"  1 
HETATM 410 C  C2     . U4M B 1 5 ? 2.289   -5.075  0.311   1.00 16.34 ? 5   U4M B C2     1 
HETATM 411 C  "C2'"  . U4M B 1 5 ? 2.950   -8.183  0.356   1.00 18.93 ? 5   U4M B "C2'"  1 
HETATM 412 C  "C3'"  . U4M B 1 5 ? 2.272   -9.138  -0.621  1.00 19.94 ? 5   U4M B "C3'"  1 
HETATM 413 C  C4     . U4M B 1 5 ? 0.390   -4.024  -0.687  1.00 14.48 ? 5   U4M B C4     1 
HETATM 414 C  "C4'"  . U4M B 1 5 ? 3.275   -9.007  -1.819  1.00 19.75 ? 5   U4M B "C4'"  1 
HETATM 415 C  C5     . U4M B 1 5 ? 0.388   -4.984  -1.693  1.00 14.84 ? 5   U4M B C5     1 
HETATM 416 C  "C5'"  . U4M B 1 5 ? 2.662   -9.486  -3.125  1.00 19.35 ? 5   U4M B "C5'"  1 
HETATM 417 C  C6     . U4M B 1 5 ? 1.356   -5.991  -1.683  1.00 15.35 ? 5   U4M B C6     1 
HETATM 418 C  CM     . U4M B 1 5 ? 4.574   -9.778  -1.560  1.00 21.01 ? 5   U4M B CM     1 
HETATM 419 F  "F2'"  . U4M B 1 5 ? 4.063   -8.752  0.926   1.00 19.51 ? 5   U4M B "F2'"  1 
HETATM 420 N  N1     . U4M B 1 5 ? 2.314   -6.001  -0.649  1.00 16.34 ? 5   U4M B N1     1 
HETATM 421 N  N3     . U4M B 1 5 ? 1.342   -4.068  0.314   1.00 15.25 ? 5   U4M B N3     1 
HETATM 422 O  O2     . U4M B 1 5 ? 3.128   -5.102  1.201   1.00 16.81 ? 5   U4M B O2     1 
HETATM 423 O  "O3'"  . U4M B 1 5 ? 2.142   -10.448 -0.091  1.00 21.64 ? 5   U4M B "O3'"  1 
HETATM 424 O  O4     . U4M B 1 5 ? -0.444  -3.117  -0.666  1.00 14.73 ? 5   U4M B O4     1 
HETATM 425 O  "O4'"  . U4M B 1 5 ? 3.542   -7.585  -1.908  1.00 18.38 ? 5   U4M B "O4'"  1 
HETATM 426 O  "O5'"  . U4M B 1 5 ? 1.484   -8.710  -3.375  1.00 19.34 ? 5   U4M B "O5'"  1 
HETATM 427 O  OP1    . U4M B 1 5 ? 0.640   -10.247 -5.159  1.00 20.79 ? 5   U4M B OP1    1 
HETATM 428 O  OP2    . U4M B 1 5 ? -0.508  -8.016  -4.679  1.00 19.25 ? 5   U4M B OP2    1 
HETATM 429 P  P      . U4M B 1 5 ? 0.723   -8.825  -4.779  1.00 19.31 ? 5   U4M B P      1 
HETATM 430 H  "H1'"  . U4M B 1 5 ? 4.325   -6.668  -0.193  1.00 21.15 ? 5   U4M B "H1'"  1 
HETATM 431 H  "H2'"  . U4M B 1 5 ? 2.264   -7.867  1.143   1.00 22.66 ? 5   U4M B "H2'"  1 
HETATM 432 H  "H3'"  . U4M B 1 5 ? 1.259   -8.854  -0.906  1.00 23.87 ? 5   U4M B "H3'"  1 
HETATM 433 H  H5     . U4M B 1 5 ? -0.363  -4.951  -2.483  1.00 17.75 ? 5   U4M B H5     1 
HETATM 434 H  H6L    . U4M B 1 5 ? 3.374   -9.348  -3.939  1.00 23.16 ? 5   U4M B H6L    1 
HETATM 435 H  "H5'"  . U4M B 1 5 ? 2.400   -10.540 -3.046  1.00 23.16 ? 5   U4M B "H5'"  1 
HETATM 436 H  H6     . U4M B 1 5 ? 1.370   -6.756  -2.461  1.00 18.36 ? 5   U4M B H6     1 
HETATM 437 H  HM3    . U4M B 1 5 ? 5.217   -9.197  -0.899  1.00 25.15 ? 5   U4M B HM3    1 
HETATM 438 H  HM1    . U4M B 1 5 ? 5.087   -9.953  -2.506  1.00 25.15 ? 5   U4M B HM1    1 
HETATM 439 H  HM2    . U4M B 1 5 ? 4.342   -10.734 -1.091  1.00 25.15 ? 5   U4M B HM2    1 
HETATM 440 H  H3     . U4M B 1 5 ? 1.345   -3.377  1.037   1.00 18.24 ? 5   U4M B H3     1 
HETATM 441 H  H6M    . U4M B 1 5 ? 3.019   -10.742 0.291   1.00 25.91 ? 5   U4M B H6M    1 
ATOM   442 P  P      . U   B 1 6 ? 0.752   -10.932 0.556   1.00 24.11 ? 6   U   B P      1 
ATOM   443 O  OP1    . U   B 1 6 ? 0.929   -12.345 0.991   1.00 25.56 ? 6   U   B OP1    1 
ATOM   444 O  OP2    . U   B 1 6 ? -0.365  -10.511 -0.323  1.00 26.24 ? 6   U   B OP2    1 
ATOM   445 O  "O5'"  . U   B 1 6 ? 0.626   -10.073 1.881   1.00 22.51 ? 6   U   B "O5'"  1 
ATOM   446 C  "C5'"  . U   B 1 6 ? 1.642   -10.155 2.858   1.00 22.00 ? 6   U   B "C5'"  1 
ATOM   447 C  "C4'"  . U   B 1 6 ? 1.544   -9.034  3.853   1.00 20.78 ? 6   U   B "C4'"  1 
ATOM   448 O  "O4'"  . U   B 1 6 ? 1.656   -7.743  3.202   1.00 19.96 ? 6   U   B "O4'"  1 
ATOM   449 C  "C3'"  . U   B 1 6 ? 0.245   -8.920  4.629   1.00 20.52 ? 6   U   B "C3'"  1 
ATOM   450 O  "O3'"  . U   B 1 6 ? 0.129   -9.911  5.628   1.00 20.47 ? 6   U   B "O3'"  1 
ATOM   451 C  "C2'"  . U   B 1 6 ? 0.344   -7.502  5.167   1.00 20.44 ? 6   U   B "C2'"  1 
ATOM   452 O  "O2'"  . U   B 1 6 ? 1.274   -7.458  6.239   1.00 20.67 ? 6   U   B "O2'"  1 
ATOM   453 C  "C1'"  . U   B 1 6 ? 0.961   -6.776  3.968   1.00 19.36 ? 6   U   B "C1'"  1 
ATOM   454 N  N1     . U   B 1 6 ? -0.054  -6.111  3.123   1.00 18.13 ? 6   U   B N1     1 
ATOM   455 C  C2     . U   B 1 6 ? -0.491  -4.886  3.575   1.00 17.21 ? 6   U   B C2     1 
ATOM   456 O  O2     . U   B 1 6 ? -0.065  -4.392  4.605   1.00 17.63 ? 6   U   B O2     1 
ATOM   457 N  N3     . U   B 1 6 ? -1.431  -4.265  2.789   1.00 16.61 ? 6   U   B N3     1 
ATOM   458 C  C4     . U   B 1 6 ? -1.964  -4.747  1.608   1.00 16.58 ? 6   U   B C4     1 
ATOM   459 O  O4     . U   B 1 6 ? -2.800  -4.081  1.002   1.00 17.01 ? 6   U   B O4     1 
ATOM   460 C  C5     . U   B 1 6 ? -1.457  -6.025  1.205   1.00 16.45 ? 6   U   B C5     1 
ATOM   461 C  C6     . U   B 1 6 ? -0.543  -6.650  1.957   1.00 17.35 ? 6   U   B C6     1 
ATOM   462 H  "H5'"  . U   B 1 6 ? 2.506   -10.115 2.420   1.00 26.34 ? 6   U   B "H5'"  1 
ATOM   463 H  "H5''" . U   B 1 6 ? 1.564   -11.001 3.326   1.00 26.34 ? 6   U   B "H5''" 1 
ATOM   464 H  "H4'"  . U   B 1 6 ? 2.283   -9.135  4.473   1.00 24.88 ? 6   U   B "H4'"  1 
ATOM   465 H  "H3'"  . U   B 1 6 ? -0.517  -8.987  4.032   1.00 24.56 ? 6   U   B "H3'"  1 
ATOM   466 H  "H2'"  . U   B 1 6 ? -0.519  -7.133  5.410   1.00 24.47 ? 6   U   B "H2'"  1 
ATOM   467 H  "HO2'" . U   B 1 6 ? 1.954   -7.030  5.994   1.00 24.75 ? 6   U   B "HO2'" 1 
ATOM   468 H  "H1'"  . U   B 1 6 ? 1.589   -6.105  4.279   1.00 23.17 ? 6   U   B "H1'"  1 
ATOM   469 H  H3     . U   B 1 6 ? -1.716  -3.500  3.059   1.00 19.87 ? 6   U   B H3     1 
ATOM   470 H  H5     . U   B 1 6 ? -1.764  -6.420  0.421   1.00 19.68 ? 6   U   B H5     1 
ATOM   471 H  H6     . U   B 1 6 ? -0.227  -7.480  1.681   1.00 20.76 ? 6   U   B H6     1 
ATOM   472 P  P      . C   B 1 7 ? -1.312  -10.385 6.156   1.00 20.96 ? 7   C   B P      1 
ATOM   473 O  OP1    . C   B 1 7 ? -1.054  -11.602 6.960   1.00 22.08 ? 7   C   B OP1    1 
ATOM   474 O  OP2    . C   B 1 7 ? -2.326  -10.381 5.074   1.00 21.35 ? 7   C   B OP2    1 
ATOM   475 O  "O5'"  . C   B 1 7 ? -1.748  -9.221  7.143   1.00 20.12 ? 7   C   B "O5'"  1 
ATOM   476 C  "C5'"  . C   B 1 7 ? -0.957  -8.907  8.276   1.00 20.13 ? 7   C   B "C5'"  1 
ATOM   477 C  "C4'"  . C   B 1 7 ? -1.409  -7.621  8.913   1.00 19.95 ? 7   C   B "C4'"  1 
ATOM   478 O  "O4'"  . C   B 1 7 ? -1.180  -6.508  8.011   1.00 19.07 ? 7   C   B "O4'"  1 
ATOM   479 C  "C3'"  . C   B 1 7 ? -2.892  -7.517  9.234   1.00 20.84 ? 7   C   B "C3'"  1 
ATOM   480 O  "O3'"  . C   B 1 7 ? -3.266  -8.209  10.409  1.00 23.26 ? 7   C   B "O3'"  1 
ATOM   481 C  "C2'"  . C   B 1 7 ? -3.094  -6.015  9.331   1.00 19.32 ? 7   C   B "C2'"  1 
ATOM   482 O  "O2'"  . C   B 1 7 ? -2.593  -5.531  10.570  1.00 19.60 ? 7   C   B "O2'"  1 
ATOM   483 C  "C1'"  . C   B 1 7 ? -2.178  -5.522  8.213   1.00 18.05 ? 7   C   B "C1'"  1 
ATOM   484 N  N1     . C   B 1 7 ? -2.902  -5.301  6.943   1.00 16.72 ? 7   C   B N1     1 
ATOM   485 C  C2     . C   B 1 7 ? -3.564  -4.089  6.770   1.00 16.00 ? 7   C   B C2     1 
ATOM   486 O  O2     . C   B 1 7 ? -3.520  -3.272  7.699   1.00 16.62 ? 7   C   B O2     1 
ATOM   487 N  N3     . C   B 1 7 ? -4.218  -3.841  5.614   1.00 15.32 ? 7   C   B N3     1 
ATOM   488 C  C4     . C   B 1 7 ? -4.224  -4.761  4.650   1.00 15.61 ? 7   C   B C4     1 
ATOM   489 N  N4     . C   B 1 7 ? -4.881  -4.489  3.520   1.00 15.28 ? 7   C   B N4     1 
ATOM   490 C  C5     . C   B 1 7 ? -3.551  -6.008  4.796   1.00 16.01 ? 7   C   B C5     1 
ATOM   491 C  C6     . C   B 1 7 ? -2.906  -6.238  5.947   1.00 16.47 ? 7   C   B C6     1 
ATOM   492 H  "H5'"  . C   B 1 7 ? -0.030  -8.820  8.003   1.00 24.09 ? 7   C   B "H5'"  1 
ATOM   493 H  "H5''" . C   B 1 7 ? -1.029  -9.626  8.924   1.00 24.09 ? 7   C   B "H5''" 1 
ATOM   494 H  "H4'"  . C   B 1 7 ? -0.894  -7.483  9.724   1.00 23.88 ? 7   C   B "H4'"  1 
ATOM   495 H  "H3'"  . C   B 1 7 ? -3.399  -7.870  8.486   1.00 24.95 ? 7   C   B "H3'"  1 
ATOM   496 H  "H2'"  . C   B 1 7 ? -4.016  -5.755  9.184   1.00 23.13 ? 7   C   B "H2'"  1 
ATOM   497 H  "HO2'" . C   B 1 7 ? -1.878  -5.112  10.431  1.00 23.46 ? 7   C   B "HO2'" 1 
ATOM   498 H  "H1'"  . C   B 1 7 ? -1.757  -4.690  8.483   1.00 21.60 ? 7   C   B "H1'"  1 
ATOM   499 H  H41    . C   B 1 7 ? -4.900  -5.067  2.884   1.00 18.28 ? 7   C   B H41    1 
ATOM   500 H  H42    . C   B 1 7 ? -5.286  -3.736  3.429   1.00 18.28 ? 7   C   B H42    1 
ATOM   501 H  H5     . C   B 1 7 ? -3.561  -6.642  4.115   1.00 19.15 ? 7   C   B H5     1 
ATOM   502 H  H6     . C   B 1 7 ? -2.456  -7.043  6.071   1.00 19.71 ? 7   C   B H6     1 
ATOM   503 P  P      . G   B 1 8 ? -4.754  -8.797  10.529  1.00 25.16 ? 8   G   B P      1 
ATOM   504 O  OP1    . G   B 1 8 ? -4.872  -9.474  11.838  1.00 27.17 ? 8   G   B OP1    1 
ATOM   505 O  OP2    . G   B 1 8 ? -5.038  -9.540  9.279   1.00 26.47 ? 8   G   B OP2    1 
ATOM   506 O  "O5'"  . G   B 1 8 ? -5.677  -7.498  10.543  1.00 25.74 ? 8   G   B "O5'"  1 
ATOM   507 C  "C5'"  . G   B 1 8 ? -5.691  -6.638  11.672  1.00 25.39 ? 8   G   B "C5'"  1 
ATOM   508 C  "C4'"  . G   B 1 8 ? -6.559  -5.426  11.453  1.00 24.77 ? 8   G   B "C4'"  1 
ATOM   509 O  "O4'"  . G   B 1 8 ? -6.114  -4.700  10.281  1.00 23.61 ? 8   G   B "O4'"  1 
ATOM   510 C  "C3'"  . G   B 1 8 ? -8.032  -5.688  11.183  1.00 24.91 ? 8   G   B "C3'"  1 
ATOM   511 O  "O3'"  . G   B 1 8 ? -8.767  -5.974  12.356  1.00 25.52 ? 8   G   B "O3'"  1 
ATOM   512 C  "C2'"  . G   B 1 8 ? -8.471  -4.410  10.482  1.00 24.15 ? 8   G   B "C2'"  1 
ATOM   513 O  "O2'"  . G   B 1 8 ? -8.706  -3.370  11.415  1.00 24.75 ? 8   G   B "O2'"  1 
ATOM   514 C  "C1'"  . G   B 1 8 ? -7.218  -4.057  9.677   1.00 23.18 ? 8   G   B "C1'"  1 
ATOM   515 N  N9     . G   B 1 8 ? -7.293  -4.457  8.263   1.00 22.16 ? 8   G   B N9     1 
ATOM   516 C  C8     . G   B 1 8 ? -6.680  -5.501  7.612   1.00 21.43 ? 8   G   B C8     1 
ATOM   517 N  N7     . G   B 1 8 ? -6.948  -5.527  6.336   1.00 21.12 ? 8   G   B N7     1 
ATOM   518 C  C5     . G   B 1 8 ? -7.778  -4.431  6.146   1.00 20.74 ? 8   G   B C5     1 
ATOM   519 C  C6     . G   B 1 8 ? -8.403  -3.929  4.982   1.00 20.72 ? 8   G   B C6     1 
ATOM   520 O  O6     . G   B 1 8 ? -8.342  -4.395  3.835   1.00 20.79 ? 8   G   B O6     1 
ATOM   521 N  N1     . G   B 1 8 ? -9.162  -2.783  5.246   1.00 20.80 ? 8   G   B N1     1 
ATOM   522 C  C2     . G   B 1 8 ? -9.300  -2.195  6.483   1.00 22.09 ? 8   G   B C2     1 
ATOM   523 N  N2     . G   B 1 8 ? -10.062 -1.101  6.567   1.00 22.93 ? 8   G   B N2     1 
ATOM   524 N  N3     . G   B 1 8 ? -8.722  -2.658  7.571   1.00 22.28 ? 8   G   B N3     1 
ATOM   525 C  C4     . G   B 1 8 ? -7.991  -3.759  7.325   1.00 21.50 ? 8   G   B C4     1 
ATOM   526 H  "H5'"  . G   B 1 8 ? -4.785  -6.347  11.856  1.00 30.41 ? 8   G   B "H5'"  1 
ATOM   527 H  "H5''" . G   B 1 8 ? -6.027  -7.131  12.438  1.00 30.41 ? 8   G   B "H5''" 1 
ATOM   528 H  "H4'"  . G   B 1 8 ? -6.482  -4.849  12.230  1.00 29.67 ? 8   G   B "H4'"  1 
ATOM   529 H  "H3'"  . G   B 1 8 ? -8.116  -6.432  10.567  1.00 29.83 ? 8   G   B "H3'"  1 
ATOM   530 H  "HO3'" . G   B 1 8 ? -9.204  -6.689  12.415  1.00 30.57 ? 8   G   B "HO3'" 1 
ATOM   531 H  "H2'"  . G   B 1 8 ? -9.240  -4.564  9.910   1.00 28.92 ? 8   G   B "H2'"  1 
ATOM   532 H  "HO2'" . G   B 1 8 ? -9.010  -2.701  11.008  1.00 29.64 ? 8   G   B "HO2'" 1 
ATOM   533 H  "H1'"  . G   B 1 8 ? -7.091  -3.096  9.714   1.00 27.76 ? 8   G   B "H1'"  1 
ATOM   534 H  H8     . G   B 1 8 ? -6.134  -6.124  8.035   1.00 25.66 ? 8   G   B H8     1 
ATOM   535 H  H1     . G   B 1 8 ? -9.574  -2.419  4.585   1.00 24.90 ? 8   G   B H1     1 
ATOM   536 H  H21    . G   B 1 8 ? -10.445 -0.788  5.863   1.00 27.46 ? 8   G   B H21    1 
ATOM   537 H  H22    . G   B 1 8 ? -10.169 -0.708  7.324   1.00 27.46 ? 8   G   B H22    1 
HETATM 538 AS AS     . CAC C 2 . ? 14.521  5.102   0.711   0.61 77.05 ? 101 CAC A AS     1 
HETATM 539 O  O1     . CAC C 2 . ? 13.151  4.037   0.609   0.61 24.50 ? 101 CAC A O1     1 
HETATM 540 O  O2     . CAC C 2 . ? 14.807  5.474   2.383   0.61 43.26 ? 101 CAC A O2     1 
HETATM 541 C  C1     . CAC C 2 . ? 16.107  4.234   -0.046  0.61 15.07 ? 101 CAC A C1     1 
HETATM 542 C  C2     . CAC C 2 . ? 14.171  6.769   -0.265  0.61 38.71 ? 101 CAC A C2     1 
HETATM 543 CO CO     . NCO D 3 . ? -5.123  -12.821 7.133   0.58 21.92 ? 101 NCO B CO     1 
HETATM 544 N  N1     . NCO D 3 . ? -6.567  -13.071 5.800   0.95 22.79 ? 101 NCO B N1     1 
HETATM 545 N  N2     . NCO D 3 . ? -3.686  -12.537 8.459   0.73 23.25 ? 101 NCO B N2     1 
HETATM 546 N  N3     . NCO D 3 . ? -5.014  -10.919 6.597   1.00 23.60 ? 101 NCO B N3     1 
HETATM 547 N  N4     . NCO D 3 . ? -3.782  -13.337 5.779   1.00 23.08 ? 101 NCO B N4     1 
HETATM 548 N  N5     . NCO D 3 . ? -5.235  -14.718 7.660   1.00 22.34 ? 101 NCO B N5     1 
HETATM 549 N  N6     . NCO D 3 . ? -6.463  -12.350 8.514   0.61 22.84 ? 101 NCO B N6     1 
HETATM 550 O  O      . HOH E 4 . ? 2.900   7.597   6.831   1.00 40.40 ? 201 HOH A O      1 
HETATM 551 O  O      . HOH E 4 . ? -13.955 -0.867  5.855   1.00 45.25 ? 202 HOH A O      1 
HETATM 552 O  O      . HOH E 4 . ? 15.011  0.871   -1.313  1.00 41.88 ? 203 HOH A O      1 
HETATM 553 O  O      . HOH E 4 . ? 0.626   3.377   0.102   1.00 26.65 ? 204 HOH A O      1 
HETATM 554 O  O      . HOH E 4 . ? -5.867  3.046   9.617   1.00 42.79 ? 205 HOH A O      1 
HETATM 555 O  O      . HOH E 4 . ? 5.693   -1.428  7.426   1.00 37.65 ? 206 HOH A O      1 
HETATM 556 O  O      . HOH E 4 . ? 6.310   4.805   2.004   1.00 26.64 ? 207 HOH A O      1 
HETATM 557 O  O      . HOH E 4 . ? -0.857  0.044   8.010   1.00 25.52 ? 208 HOH A O      1 
HETATM 558 O  O      . HOH E 4 . ? 3.408   5.010   -0.110  1.00 41.21 ? 209 HOH A O      1 
HETATM 559 O  O      . HOH E 4 . ? 13.075  -1.775  -2.532  1.00 28.73 ? 210 HOH A O      1 
HETATM 560 O  O      . HOH E 4 . ? 8.347   6.465   -4.723  1.00 27.21 ? 211 HOH A O      1 
HETATM 561 O  O      . HOH E 4 . ? 9.336   4.641   -1.123  1.00 21.71 ? 212 HOH A O      1 
HETATM 562 O  O      . HOH E 4 . ? 4.022   4.638   -12.122 1.00 34.82 ? 213 HOH A O      1 
HETATM 563 O  O      . HOH E 4 . ? -1.371  3.317   2.689   1.00 26.41 ? 214 HOH A O      1 
HETATM 564 O  O      . HOH E 4 . ? 6.286   5.164   9.232   1.00 40.30 ? 215 HOH A O      1 
HETATM 565 O  O      . HOH E 4 . ? 5.582   8.756   -3.480  1.00 35.43 ? 216 HOH A O      1 
HETATM 566 O  O      . HOH E 4 . ? 0.936   5.867   -11.907 1.00 38.55 ? 217 HOH A O      1 
HETATM 567 O  O      . HOH E 4 . ? 14.089  5.679   -5.700  1.00 42.47 ? 218 HOH A O      1 
HETATM 568 O  O      . HOH E 4 . ? 6.820   1.968   -13.408 1.00 26.33 ? 219 HOH A O      1 
HETATM 569 O  O      . HOH E 4 . ? 2.185   4.788   3.058   1.00 21.28 ? 220 HOH A O      1 
HETATM 570 O  O      . HOH E 4 . ? 10.855  5.350   -4.602  1.00 28.51 ? 221 HOH A O      1 
HETATM 571 O  O      . HOH E 4 . ? -1.712  1.440   0.087   1.00 27.24 ? 222 HOH A O      1 
HETATM 572 O  O      . HOH E 4 . ? 6.642   6.048   -1.768  1.00 29.86 ? 223 HOH A O      1 
HETATM 573 O  O      . HOH E 4 . ? 6.975   -2.759  -5.433  1.00 36.75 ? 224 HOH A O      1 
HETATM 574 O  O      . HOH E 4 . ? -6.210  0.221   10.425  0.5  30.54 ? 225 HOH A O      1 
HETATM 575 O  O      . HOH F 4 . ? -2.735  10.338  -2.114  1.00 39.57 ? 201 HOH B O      1 
HETATM 576 O  O      . HOH F 4 . ? 4.576   -8.908  -7.029  1.00 32.19 ? 202 HOH B O      1 
HETATM 577 O  O      . HOH F 4 . ? -1.986  1.839   -3.918  1.00 30.79 ? 203 HOH B O      1 
HETATM 578 O  O      . HOH F 4 . ? -5.827  8.317   -10.193 1.00 28.77 ? 204 HOH B O      1 
HETATM 579 O  O      . HOH F 4 . ? 1.764   -4.968  7.010   1.00 34.38 ? 205 HOH B O      1 
HETATM 580 O  O      . HOH F 4 . ? -6.092  0.510   -11.683 1.00 41.15 ? 206 HOH B O      1 
HETATM 581 O  O      . HOH F 4 . ? -3.885  -0.365  -4.919  1.00 30.11 ? 207 HOH B O      1 
HETATM 582 O  O      . HOH F 4 . ? -1.781  -5.630  -4.308  1.00 23.62 ? 208 HOH B O      1 
HETATM 583 O  O      . HOH F 4 . ? -1.343  -6.806  12.651  1.00 42.54 ? 209 HOH B O      1 
HETATM 584 O  O      . HOH F 4 . ? -2.873  -2.720  -1.978  1.00 28.39 ? 210 HOH B O      1 
HETATM 585 O  O      . HOH F 4 . ? 1.044   1.795   -11.836 1.00 37.45 ? 211 HOH B O      1 
HETATM 586 O  O      . HOH F 4 . ? -0.901  5.510   -3.441  1.00 32.72 ? 212 HOH B O      1 
HETATM 587 O  O      . HOH F 4 . ? -1.481  -8.241  -1.550  1.00 30.07 ? 213 HOH B O      1 
HETATM 588 O  O      . HOH F 4 . ? -1.903  -2.030  -4.616  1.00 30.68 ? 214 HOH B O      1 
HETATM 589 O  O      . HOH F 4 . ? 4.011   -2.158  -8.458  1.00 21.47 ? 215 HOH B O      1 
HETATM 590 O  O      . HOH F 4 . ? 1.765   5.159   -2.128  1.00 28.91 ? 216 HOH B O      1 
HETATM 591 O  O      . HOH F 4 . ? -0.713  -13.714 2.962   1.00 41.70 ? 217 HOH B O      1 
HETATM 592 O  O      . HOH F 4 . ? -1.588  -0.011  -2.264  1.00 32.45 ? 218 HOH B O      1 
HETATM 593 O  O      . HOH F 4 . ? -5.414  -4.801  -0.135  1.00 43.99 ? 219 HOH B O      1 
HETATM 594 O  O      . HOH F 4 . ? -7.759  1.510   -9.175  1.00 39.25 ? 220 HOH B O      1 
HETATM 595 O  O      . HOH F 4 . ? -0.384  -12.067 -2.897  1.00 34.98 ? 221 HOH B O      1 
HETATM 596 O  O      . HOH F 4 . ? -6.681  -7.926  4.524   1.00 28.96 ? 222 HOH B O      1 
HETATM 597 O  O      . HOH F 4 . ? 1.672   7.896   -1.131  1.00 30.94 ? 223 HOH B O      1 
HETATM 598 O  O      . HOH F 4 . ? -1.001  3.216   -2.402  1.00 40.04 ? 224 HOH B O      1 
HETATM 599 O  O      . HOH F 4 . ? -0.762  -14.772 -1.631  1.00 35.23 ? 225 HOH B O      1 
HETATM 600 O  O      . HOH F 4 . ? -5.353  -6.229  -1.839  1.00 32.12 ? 226 HOH B O      1 
# 
loop_
_atom_site_anisotrop.id 
_atom_site_anisotrop.type_symbol 
_atom_site_anisotrop.pdbx_label_atom_id 
_atom_site_anisotrop.pdbx_label_alt_id 
_atom_site_anisotrop.pdbx_label_comp_id 
_atom_site_anisotrop.pdbx_label_asym_id 
_atom_site_anisotrop.pdbx_label_seq_id 
_atom_site_anisotrop.pdbx_PDB_ins_code 
_atom_site_anisotrop.U[1][1] 
_atom_site_anisotrop.U[2][2] 
_atom_site_anisotrop.U[3][3] 
_atom_site_anisotrop.U[1][2] 
_atom_site_anisotrop.U[1][3] 
_atom_site_anisotrop.U[2][3] 
_atom_site_anisotrop.pdbx_auth_seq_id 
_atom_site_anisotrop.pdbx_auth_comp_id 
_atom_site_anisotrop.pdbx_auth_asym_id 
_atom_site_anisotrop.pdbx_auth_atom_id 
1   O  "O5'" . C   A 1 ? 0.3259 0.3831 0.5696 0.0057  -0.1619 -0.0735 1   C   A "O5'" 
2   C  "C5'" . C   A 1 ? 0.3331 0.3753 0.5756 -0.0031 -0.1657 -0.0743 1   C   A "C5'" 
3   C  "C4'" . C   A 1 ? 0.3291 0.3528 0.5736 -0.0067 -0.1649 -0.0919 1   C   A "C4'" 
4   O  "O4'" . C   A 1 ? 0.3142 0.3444 0.5702 -0.0119 -0.1628 -0.1148 1   C   A "O4'" 
5   C  "C3'" . C   A 1 ? 0.3389 0.3318 0.5805 -0.0052 -0.1642 -0.0894 1   C   A "C3'" 
6   O  "O3'" . C   A 1 ? 0.3699 0.3051 0.5878 0.0039  -0.1673 -0.0569 1   C   A "O3'" 
7   C  "C2'" . C   A 1 ? 0.3202 0.3378 0.5697 -0.0124 -0.1541 -0.1248 1   C   A "C2'" 
8   O  "O2'" . C   A 1 ? 0.3125 0.3531 0.5863 -0.0170 -0.1581 -0.1289 1   C   A "O2'" 
9   C  "C1'" . C   A 1 ? 0.3134 0.3367 0.5633 -0.0169 -0.1489 -0.1302 1   C   A "C1'" 
10  N  N1    . C   A 1 ? 0.2996 0.3200 0.5290 -0.0246 -0.1403 -0.1550 1   C   A N1    
11  C  C2    . C   A 1 ? 0.3017 0.3156 0.5142 -0.0313 -0.1282 -0.1586 1   C   A C2    
12  O  O2    . C   A 1 ? 0.3104 0.3270 0.5471 -0.0311 -0.1053 -0.1449 1   C   A O2    
13  N  N3    . C   A 1 ? 0.2997 0.3123 0.4878 -0.0333 -0.1272 -0.1531 1   C   A N3    
14  C  C4    . C   A 1 ? 0.2869 0.3159 0.4813 -0.0303 -0.1321 -0.1462 1   C   A C4    
15  N  N4    . C   A 1 ? 0.2828 0.3212 0.4806 -0.0361 -0.1387 -0.1332 1   C   A N4    
16  C  C5    . C   A 1 ? 0.2911 0.3225 0.5019 -0.0299 -0.1321 -0.1528 1   C   A C5    
17  C  C6    . C   A 1 ? 0.2933 0.3159 0.5110 -0.0228 -0.1324 -0.1582 1   C   A C6    
29  P  P     . G   A 2 ? 0.3886 0.2819 0.5854 0.0132  -0.1744 -0.0242 2   G   A P     
30  O  OP1   . G   A 2 ? 0.4124 0.2852 0.5935 0.0077  -0.1627 -0.0325 2   G   A OP1   
31  O  OP2   . G   A 2 ? 0.4097 0.2660 0.5819 0.0197  -0.1579 -0.0333 2   G   A OP2   
32  O  "O5'" . G   A 2 ? 0.3668 0.2754 0.5845 0.0106  -0.1773 0.0084  2   G   A "O5'" 
33  C  "C5'" A G   A 2 ? 0.3492 0.2680 0.5830 0.0122  -0.1793 0.0248  2   G   A "C5'" 
34  C  "C5'" B G   A 2 ? 0.3598 0.2742 0.5798 0.0059  -0.1688 0.0179  2   G   A "C5'" 
35  C  "C4'" A G   A 2 ? 0.3479 0.2596 0.5723 0.0031  -0.1657 0.0252  2   G   A "C4'" 
36  C  "C4'" B G   A 2 ? 0.3551 0.2696 0.5678 -0.0014 -0.1559 0.0212  2   G   A "C4'" 
37  O  "O4'" A G   A 2 ? 0.3324 0.2428 0.5428 0.0092  -0.1639 0.0160  2   G   A "O4'" 
38  O  "O4'" B G   A 2 ? 0.3401 0.2575 0.5429 0.0028  -0.1545 0.0183  2   G   A "O4'" 
39  C  "C3'" A G   A 2 ? 0.3614 0.2584 0.5851 -0.0066 -0.1496 0.0335  2   G   A "C3'" 
40  C  "C3'" B G   A 2 ? 0.3592 0.2724 0.5721 -0.0100 -0.1412 0.0253  2   G   A "C3'" 
41  O  "O3'" A G   A 2 ? 0.3854 0.2772 0.6308 -0.0263 -0.1342 0.0567  2   G   A "O3'" 
42  O  "O3'" B G   A 2 ? 0.3839 0.2849 0.5993 -0.0298 -0.1224 0.0339  2   G   A "O3'" 
43  C  "C2'" A G   A 2 ? 0.3350 0.2578 0.5466 0.0021  -0.1540 0.0253  2   G   A "C2'" 
44  C  "C2'" B G   A 2 ? 0.3394 0.2603 0.5446 -0.0002 -0.1483 0.0213  2   G   A "C2'" 
45  O  "O2'" . G   A 2 ? 0.3373 0.2566 0.5399 0.0031  -0.1446 0.0145  2   G   A "O2'" 
46  C  "C1'" . G   A 2 ? 0.3189 0.2460 0.5147 0.0072  -0.1514 0.0159  2   G   A "C1'" 
47  N  N9    . G   A 2 ? 0.2673 0.2206 0.3987 0.0088  -0.1289 -0.0031 2   G   A N9    
48  C  C8    . G   A 2 ? 0.2452 0.2063 0.3449 0.0131  -0.1326 -0.0012 2   G   A C8    
49  N  N7    . G   A 2 ? 0.2248 0.1926 0.3112 0.0181  -0.1233 -0.0089 2   G   A N7    
50  C  C5    . G   A 2 ? 0.2255 0.1929 0.3067 0.0100  -0.1016 -0.0192 2   G   A C5    
51  C  C6    . G   A 2 ? 0.2109 0.1881 0.2888 0.0065  -0.0911 -0.0118 2   G   A C6    
52  O  O6    . G   A 2 ? 0.2227 0.1924 0.2756 -0.0058 -0.0784 -0.0204 2   G   A O6    
53  N  N1    . G   A 2 ? 0.2027 0.1844 0.2839 0.0135  -0.0781 -0.0149 2   G   A N1    
54  C  C2    . G   A 2 ? 0.2033 0.1972 0.2871 0.0207  -0.0756 -0.0069 2   G   A C2    
55  N  N2    . G   A 2 ? 0.1934 0.2080 0.2932 0.0289  -0.0613 -0.0027 2   G   A N2    
56  N  N3    . G   A 2 ? 0.2194 0.2068 0.2982 0.0125  -0.0832 -0.0208 2   G   A N3    
57  C  C4    . G   A 2 ? 0.2327 0.2050 0.3293 0.0130  -0.1069 -0.0124 2   G   A C4    
74  P  P     A A   A 3 ? 0.3866 0.2728 0.6369 -0.0380 -0.1251 0.0671  3   A   A P     
75  P  P     B A   A 3 ? 0.3943 0.2838 0.6028 -0.0410 -0.1135 0.0447  3   A   A P     
76  O  OP1   A A   A 3 ? 0.4014 0.2967 0.6721 -0.0514 -0.1211 0.0738  3   A   A OP1   
77  O  OP1   B A   A 3 ? 0.4148 0.3060 0.6336 -0.0541 -0.0994 0.0450  3   A   A OP1   
78  O  OP2   A A   A 3 ? 0.4148 0.2782 0.6413 -0.0503 -0.1278 0.0679  3   A   A OP2   
79  O  OP2   B A   A 3 ? 0.4176 0.3079 0.6314 -0.0524 -0.0978 0.0494  3   A   A OP2   
80  O  "O5'" A A   A 3 ? 0.3617 0.2606 0.5788 -0.0318 -0.0926 0.0513  3   A   A "O5'" 
81  O  "O5'" B A   A 3 ? 0.3677 0.2638 0.5529 -0.0344 -0.0741 0.0206  3   A   A "O5'" 
82  C  "C5'" A A   A 3 ? 0.3188 0.2320 0.4925 -0.0123 -0.0622 0.0340  3   A   A "C5'" 
83  C  "C5'" B A   A 3 ? 0.3242 0.2420 0.4786 -0.0163 -0.0507 0.0208  3   A   A "C5'" 
84  C  "C4'" A A   A 3 ? 0.2790 0.2040 0.3843 0.0029  -0.0276 0.0047  3   A   A "C4'" 
85  C  "C4'" B A   A 3 ? 0.2836 0.2096 0.3813 -0.0009 -0.0230 0.0014  3   A   A "C4'" 
86  O  "O4'" . A   A 3 ? 0.2629 0.1931 0.3380 0.0067  -0.0130 -0.0084 3   A   A "O4'" 
87  C  "C3'" A A   A 3 ? 0.2606 0.1904 0.3191 0.0085  -0.0052 -0.0180 3   A   A "C3'" 
88  C  "C3'" B A   A 3 ? 0.2624 0.1914 0.3189 0.0075  -0.0030 -0.0195 3   A   A "C3'" 
89  O  "O3'" . A   A 3 ? 0.2544 0.1809 0.2720 0.0097  0.0142  -0.0375 3   A   A "O3'" 
90  C  "C2'" . A   A 3 ? 0.2488 0.1909 0.3068 0.0086  -0.0064 -0.0139 3   A   A "C2'" 
91  O  "O2'" . A   A 3 ? 0.2450 0.2203 0.3116 -0.0030 -0.0144 -0.0058 3   A   A "O2'" 
92  C  "C1'" . A   A 3 ? 0.2299 0.1798 0.2949 0.0155  -0.0117 -0.0007 3   A   A "C1'" 
93  N  N9    . A   A 3 ? 0.2022 0.1685 0.2489 0.0105  0.0028  -0.0050 3   A   A N9    
94  C  C8    . A   A 3 ? 0.2012 0.1584 0.2518 0.0093  0.0103  -0.0102 3   A   A C8    
95  N  N7    . A   A 3 ? 0.2027 0.1691 0.2302 0.0025  0.0185  -0.0033 3   A   A N7    
96  C  C5    . A   A 3 ? 0.1899 0.1671 0.2232 0.0051  0.0216  -0.0031 3   A   A C5    
97  C  C6    . A   A 3 ? 0.1907 0.1657 0.2161 -0.0014 0.0303  -0.0079 3   A   A C6    
98  N  N6    . A   A 3 ? 0.2064 0.1641 0.2278 -0.0070 0.0230  -0.0070 3   A   A N6    
99  N  N1    . A   A 3 ? 0.1772 0.1634 0.2137 0.0002  0.0341  -0.0108 3   A   A N1    
100 C  C2    . A   A 3 ? 0.1909 0.1624 0.2243 -0.0015 0.0325  -0.0093 3   A   A C2    
101 N  N3    . A   A 3 ? 0.1967 0.1641 0.2294 -0.0013 0.0181  -0.0047 3   A   A N3    
102 C  C4    . A   A 3 ? 0.1866 0.1625 0.2308 0.0083  0.0078  -0.0048 3   A   A C4    
118 P  P     . A   A 4 ? 0.2525 0.1895 0.1991 -0.0028 0.0347  -0.0484 4   A   A P     
119 O  OP1   . A   A 4 ? 0.2712 0.2024 0.2250 -0.0157 0.0405  -0.0512 4   A   A OP1   
120 O  OP2   . A   A 4 ? 0.2614 0.1974 0.2159 -0.0075 0.0280  -0.0375 4   A   A OP2   
121 O  "O5'" . A   A 4 ? 0.2452 0.1818 0.1874 -0.0010 0.0403  -0.0490 4   A   A "O5'" 
122 C  "C5'" . A   A 4 ? 0.2376 0.1791 0.1853 -0.0027 0.0373  -0.0518 4   A   A "C5'" 
123 C  "C4'" . A   A 4 ? 0.2344 0.2078 0.1864 -0.0138 0.0389  -0.0452 4   A   A "C4'" 
124 O  "O4'" . A   A 4 ? 0.2345 0.2148 0.1837 -0.0192 0.0435  -0.0455 4   A   A "O4'" 
125 C  "C3'" . A   A 4 ? 0.2271 0.2161 0.2033 -0.0136 0.0237  -0.0314 4   A   A "C3'" 
126 O  "O3'" . A   A 4 ? 0.2336 0.2128 0.2273 -0.0219 0.0137  -0.0401 4   A   A "O3'" 
127 C  "C2'" . A   A 4 ? 0.2189 0.2172 0.2114 -0.0059 0.0280  -0.0220 4   A   A "C2'" 
128 O  "O2'" . A   A 4 ? 0.2249 0.2237 0.2417 -0.0034 0.0233  -0.0124 4   A   A "O2'" 
129 C  "C1'" . A   A 4 ? 0.2190 0.2116 0.1917 -0.0101 0.0389  -0.0243 4   A   A "C1'" 
130 N  N9    . A   A 4 ? 0.2123 0.2033 0.1735 -0.0104 0.0535  -0.0169 4   A   A N9    
131 C  C8    . A   A 4 ? 0.2077 0.2029 0.1758 -0.0121 0.0524  -0.0145 4   A   A C8    
132 N  N7    . A   A 4 ? 0.2052 0.2034 0.1745 -0.0175 0.0602  -0.0185 4   A   A N7    
133 C  C5    . A   A 4 ? 0.2153 0.1900 0.1632 -0.0212 0.0599  -0.0204 4   A   A C5    
134 C  C6    . A   A 4 ? 0.2105 0.1872 0.1568 -0.0220 0.0504  -0.0113 4   A   A C6    
135 N  N6    . A   A 4 ? 0.2158 0.1720 0.1631 -0.0184 0.0435  -0.0037 4   A   A N6    
136 N  N1    . A   A 4 ? 0.2098 0.1903 0.1665 -0.0266 0.0338  -0.0013 4   A   A N1    
137 C  C2    . A   A 4 ? 0.2245 0.1898 0.1772 -0.0263 0.0402  -0.0106 4   A   A C2    
138 N  N3    . A   A 4 ? 0.2198 0.1962 0.1672 -0.0221 0.0521  -0.0187 4   A   A N3    
139 C  C4    . A   A 4 ? 0.2129 0.1903 0.1600 -0.0144 0.0519  -0.0142 4   A   A C4    
151 C  "C1'" . U4M A 5 ? 0.2020 0.1823 0.1729 -0.0135 -0.0010 -0.0388 5   U4M A "C1'" 
152 C  C2    . U4M A 5 ? 0.2112 0.1955 0.1684 -0.0297 0.0206  -0.0553 5   U4M A C2    
153 C  "C2'" . U4M A 5 ? 0.1898 0.1777 0.1765 -0.0065 -0.0095 -0.0280 5   U4M A "C2'" 
154 C  "C3'" . U4M A 5 ? 0.1874 0.1771 0.1919 -0.0017 -0.0106 -0.0305 5   U4M A "C3'" 
155 C  C4    . U4M A 5 ? 0.1875 0.1959 0.1622 -0.0247 0.0364  -0.0558 5   U4M A C4    
156 C  "C4'" . U4M A 5 ? 0.1996 0.1822 0.1911 -0.0027 -0.0197 -0.0303 5   U4M A "C4'" 
157 C  C5    . U4M A 5 ? 0.1777 0.1900 0.1403 -0.0197 0.0259  -0.0492 5   U4M A C5    
158 C  "C5'" . U4M A 5 ? 0.2081 0.1805 0.1989 -0.0031 -0.0088 -0.0429 5   U4M A "C5'" 
159 C  C6    . U4M A 5 ? 0.1871 0.1951 0.1540 -0.0285 0.0190  -0.0530 5   U4M A C6    
160 C  CM    . U4M A 5 ? 0.2000 0.1889 0.2057 -0.0039 -0.0337 -0.0165 5   U4M A CM    
161 F  "F2'" . U4M A 5 ? 0.1897 0.1824 0.2030 -0.0065 0.0001  -0.0231 5   U4M A "F2'" 
162 N  N1    . U4M A 5 ? 0.1901 0.1906 0.1679 -0.0216 0.0139  -0.0533 5   U4M A N1    
163 N  N3    . U4M A 5 ? 0.2150 0.2032 0.1598 -0.0366 0.0410  -0.0602 5   U4M A N3    
164 O  O2    . U4M A 5 ? 0.2307 0.2197 0.1995 -0.0438 0.0181  -0.0440 5   U4M A O2    
165 O  "O3'" . U4M A 5 ? 0.1669 0.1827 0.2022 0.0065  -0.0223 -0.0160 5   U4M A "O3'" 
166 O  O4    . U4M A 5 ? 0.2010 0.1918 0.1627 -0.0316 0.0291  -0.0529 5   U4M A O4    
167 O  "O4'" . U4M A 5 ? 0.2024 0.1789 0.1803 -0.0069 -0.0050 -0.0434 5   U4M A "O4'" 
168 O  "O5'" . U4M A 5 ? 0.2267 0.1818 0.1914 -0.0135 0.0170  -0.0731 5   U4M A "O5'" 
169 O  OP1   . U4M A 5 ? 0.2344 0.1805 0.2508 -0.0236 0.0153  -0.0696 5   U4M A OP1   
170 O  OP2   . U4M A 5 ? 0.1998 0.1826 0.2353 -0.0122 0.0055  -0.0431 5   U4M A OP2   
171 P  P     . U4M A 5 ? 0.2160 0.1869 0.2223 -0.0163 0.0123  -0.0553 5   U4M A P     
184 P  P     . U   A 6 ? 0.1680 0.1779 0.2025 -0.0020 -0.0141 -0.0112 6   U   A P     
185 O  OP1   . U   A 6 ? 0.1909 0.1824 0.2200 -0.0059 -0.0102 -0.0091 6   U   A OP1   
186 O  OP2   . U   A 6 ? 0.1566 0.1929 0.2351 0.0053  -0.0236 -0.0084 6   U   A OP2   
187 O  "O5'" . U   A 6 ? 0.1559 0.1749 0.1855 0.0143  -0.0315 0.0200  6   U   A "O5'" 
188 C  "C5'" . U   A 6 ? 0.1598 0.1903 0.1752 0.0078  -0.0112 0.0073  6   U   A "C5'" 
189 C  "C4'" . U   A 6 ? 0.1747 0.1900 0.1836 0.0063  -0.0158 0.0108  6   U   A "C4'" 
190 O  "O4'" . U   A 6 ? 0.1741 0.1805 0.1862 0.0080  -0.0276 0.0187  6   U   A "O4'" 
191 C  "C3'" . U   A 6 ? 0.1899 0.2074 0.1870 -0.0060 -0.0128 0.0069  6   U   A "C3'" 
192 O  "O3'" . U   A 6 ? 0.1889 0.2478 0.1911 -0.0170 0.0038  0.0042  6   U   A "O3'" 
193 C  "C2'" . U   A 6 ? 0.1924 0.1948 0.1907 0.0017  -0.0096 0.0044  6   U   A "C2'" 
194 O  "O2'" . U   A 6 ? 0.2025 0.2041 0.2197 0.0018  -0.0006 0.0026  6   U   A "O2'" 
195 C  "C1'" . U   A 6 ? 0.1847 0.1809 0.1871 0.0023  -0.0293 0.0164  6   U   A "C1'" 
196 N  N1    . U   A 6 ? 0.1890 0.1728 0.1590 -0.0016 -0.0262 0.0140  6   U   A N1    
197 C  C2    . U   A 6 ? 0.2155 0.1719 0.1573 -0.0179 -0.0271 0.0098  6   U   A C2    
198 O  O2    . U   A 6 ? 0.2275 0.1840 0.1649 -0.0278 -0.0276 0.0112  6   U   A O2    
199 N  N3    . U   A 6 ? 0.2155 0.1665 0.1480 -0.0154 -0.0307 0.0170  6   U   A N3    
200 C  C4    . U   A 6 ? 0.2098 0.1590 0.1371 -0.0016 -0.0307 0.0236  6   U   A C4    
201 O  O4    . U   A 6 ? 0.2053 0.1801 0.1532 -0.0055 -0.0280 0.0264  6   U   A O4    
202 C  C5    . U   A 6 ? 0.2061 0.1683 0.1473 -0.0073 -0.0293 0.0140  6   U   A C5    
203 C  C6    . U   A 6 ? 0.2000 0.1768 0.1542 -0.0103 -0.0269 0.0063  6   U   A C6    
214 P  P     . C   A 7 ? 0.1739 0.2835 0.2179 -0.0216 0.0044  0.0304  7   C   A P     
215 O  OP1   . C   A 7 ? 0.1629 0.3042 0.2605 -0.0214 0.0065  0.0377  7   C   A OP1   
216 O  OP2   . C   A 7 ? 0.1803 0.2879 0.2248 -0.0266 0.0037  0.0430  7   C   A OP2   
217 O  "O5'" . C   A 7 ? 0.1864 0.2749 0.2059 -0.0135 0.0103  0.0132  7   C   A "O5'" 
218 C  "C5'" . C   A 7 ? 0.1869 0.2529 0.2173 -0.0018 -0.0048 0.0166  7   C   A "C5'" 
219 C  "C4'" . C   A 7 ? 0.2005 0.2453 0.1859 0.0021  0.0000  0.0058  7   C   A "C4'" 
220 O  "O4'" . C   A 7 ? 0.1986 0.2248 0.1695 0.0161  -0.0078 0.0164  7   C   A "O4'" 
221 C  "C3'" . C   A 7 ? 0.2118 0.2693 0.1964 -0.0099 0.0084  0.0056  7   C   A "C3'" 
222 O  "O3'" . C   A 7 ? 0.2183 0.3212 0.2048 -0.0339 0.0135  0.0126  7   C   A "O3'" 
223 C  "C2'" . C   A 7 ? 0.2003 0.2429 0.1918 0.0114  -0.0008 0.0148  7   C   A "C2'" 
224 O  "O2'" . C   A 7 ? 0.2128 0.2558 0.1919 0.0037  0.0056  0.0051  7   C   A "O2'" 
225 C  "C1'" . C   A 7 ? 0.1876 0.2225 0.1870 0.0202  -0.0065 0.0239  7   C   A "C1'" 
226 N  N1    . C   A 7 ? 0.1725 0.2061 0.1715 0.0263  -0.0102 0.0357  7   C   A N1    
227 C  C2    . C   A 7 ? 0.1813 0.2052 0.1856 0.0172  -0.0089 0.0404  7   C   A C2    
228 O  O2    . C   A 7 ? 0.1665 0.2136 0.2015 0.0153  -0.0215 0.0406  7   C   A O2    
229 N  N3    . C   A 7 ? 0.1764 0.1857 0.1719 0.0266  -0.0012 0.0408  7   C   A N3    
230 C  C4    . C   A 7 ? 0.1723 0.1856 0.1508 0.0279  -0.0088 0.0488  7   C   A C4    
231 N  N4    . C   A 7 ? 0.1802 0.1840 0.1625 0.0231  -0.0027 0.0485  7   C   A N4    
232 C  C5    . C   A 7 ? 0.1827 0.1886 0.1604 0.0214  -0.0009 0.0286  7   C   A C5    
233 C  C6    . C   A 7 ? 0.1739 0.1935 0.1762 0.0267  -0.0093 0.0364  7   C   A C6    
245 P  P     . G   A 8 ? 0.2303 0.3547 0.2040 -0.0524 0.0157  0.0212  8   G   A P     
246 O  OP1   . G   A 8 ? 0.2393 0.3816 0.2277 -0.0598 0.0232  0.0275  8   G   A OP1   
247 O  OP2   . G   A 8 ? 0.2601 0.3797 0.2349 -0.0819 0.0110  0.0123  8   G   A OP2   
248 O  "O5'" . G   A 8 ? 0.2524 0.3381 0.2033 -0.0567 0.0217  0.0213  8   G   A "O5'" 
249 C  "C5'" . G   A 8 ? 0.2633 0.3129 0.2046 -0.0572 0.0236  0.0196  8   G   A "C5'" 
250 C  "C4'" . G   A 8 ? 0.2526 0.2810 0.2062 -0.0367 0.0188  0.0393  8   G   A "C4'" 
251 O  "O4'" . G   A 8 ? 0.2432 0.2490 0.1931 -0.0203 0.0209  0.0466  8   G   A "O4'" 
252 C  "C3'" . G   A 8 ? 0.2748 0.2968 0.2288 -0.0497 0.0198  0.0472  8   G   A "C3'" 
253 O  "O3'" . G   A 8 ? 0.3001 0.3327 0.2638 -0.0702 0.0294  0.0461  8   G   A "O3'" 
254 C  "C2'" . G   A 8 ? 0.2592 0.2748 0.2161 -0.0371 0.0113  0.0449  8   G   A "C2'" 
255 O  "O2'" . G   A 8 ? 0.2647 0.2899 0.2191 -0.0357 0.0013  0.0582  8   G   A "O2'" 
256 C  "C1'" . G   A 8 ? 0.2419 0.2306 0.2009 -0.0222 0.0120  0.0444  8   G   A "C1'" 
257 N  N9    . G   A 8 ? 0.2260 0.1716 0.1896 -0.0097 0.0049  0.0454  8   G   A N9    
258 C  C8    . G   A 8 ? 0.2148 0.1668 0.2002 -0.0065 0.0073  0.0545  8   G   A C8    
259 N  N7    . G   A 8 ? 0.2105 0.1555 0.2008 -0.0037 0.0133  0.0521  8   G   A N7    
260 C  C5    . G   A 8 ? 0.2024 0.1401 0.1972 -0.0015 -0.0028 0.0524  8   G   A C5    
261 C  C6    . G   A 8 ? 0.1888 0.1373 0.1956 -0.0036 -0.0054 0.0403  8   G   A C6    
262 O  O6    . G   A 8 ? 0.1839 0.1594 0.1946 -0.0072 -0.0015 0.0351  8   G   A O6    
263 N  N1    . G   A 8 ? 0.1800 0.1250 0.1959 -0.0013 -0.0154 0.0500  8   G   A N1    
264 C  C2    . G   A 8 ? 0.1811 0.1322 0.2132 -0.0004 -0.0209 0.0536  8   G   A C2    
265 N  N2    . G   A 8 ? 0.2057 0.1391 0.2050 -0.0176 -0.0182 0.0420  8   G   A N2    
266 N  N3    . G   A 8 ? 0.1952 0.1280 0.2143 0.0026  -0.0295 0.0570  8   G   A N3    
267 C  C4    . G   A 8 ? 0.2039 0.1401 0.1999 0.0008  -0.0106 0.0498  8   G   A C4    
280 O  "O5'" . C   B 1 ? 0.2230 0.2262 0.3193 -0.0064 -0.0098 0.0001  1   C   B "O5'" 
281 C  "C5'" . C   B 1 ? 0.2001 0.1978 0.2868 0.0076  -0.0224 0.0086  1   C   B "C5'" 
282 C  "C4'" . C   B 1 ? 0.1902 0.1743 0.2673 0.0085  -0.0214 0.0039  1   C   B "C4'" 
283 O  "O4'" . C   B 1 ? 0.1841 0.1584 0.2551 0.0127  -0.0213 -0.0010 1   C   B "O4'" 
284 C  "C3'" . C   B 1 ? 0.1876 0.1695 0.2658 0.0005  -0.0347 0.0144  1   C   B "C3'" 
285 O  "O3'" . C   B 1 ? 0.1991 0.1762 0.2938 -0.0174 -0.0412 0.0127  1   C   B "O3'" 
286 C  "C2'" . C   B 1 ? 0.1774 0.1557 0.2500 0.0096  -0.0382 0.0108  1   C   B "C2'" 
287 O  "O2'" . C   B 1 ? 0.1933 0.1657 0.2598 0.0033  -0.0386 0.0250  1   C   B "O2'" 
288 C  "C1'" . C   B 1 ? 0.1830 0.1589 0.2334 0.0053  -0.0238 -0.0038 1   C   B "C1'" 
289 N  N1    . C   B 1 ? 0.1750 0.1620 0.2101 -0.0006 -0.0228 -0.0070 1   C   B N1    
290 C  C2    . C   B 1 ? 0.1578 0.1561 0.2121 0.0021  -0.0282 -0.0010 1   C   B C2    
291 O  O2    . C   B 1 ? 0.1478 0.1646 0.2194 0.0061  -0.0316 0.0058  1   C   B O2    
292 N  N3    . C   B 1 ? 0.1573 0.1383 0.2072 -0.0001 -0.0312 -0.0004 1   C   B N3    
293 C  C4    . C   B 1 ? 0.1530 0.1605 0.1926 -0.0010 -0.0332 0.0069  1   C   B C4    
294 N  N4    . C   B 1 ? 0.1393 0.1911 0.1950 0.0023  -0.0270 0.0163  1   C   B N4    
295 C  C5    . C   B 1 ? 0.1668 0.1717 0.1812 -0.0079 -0.0221 -0.0056 1   C   B C5    
296 C  C6    . C   B 1 ? 0.1716 0.1733 0.1914 -0.0063 -0.0137 -0.0135 1   C   B C6    
309 P  P     . G   B 2 ? 0.1950 0.1798 0.3266 -0.0248 -0.0534 0.0272  2   G   B P     
310 O  OP1   . G   B 2 ? 0.1916 0.2067 0.3532 -0.0378 -0.0538 0.0232  2   G   B OP1   
311 O  OP2   . G   B 2 ? 0.2105 0.1896 0.3163 -0.0355 -0.0563 0.0262  2   G   B OP2   
312 O  "O5'" . G   B 2 ? 0.2191 0.1503 0.3246 -0.0185 -0.0541 0.0238  2   G   B "O5'" 
313 C  "C5'" . G   B 2 ? 0.2095 0.1518 0.3339 -0.0191 -0.0647 0.0289  2   G   B "C5'" 
314 C  "C4'" . G   B 2 ? 0.2057 0.1427 0.3312 -0.0107 -0.0630 0.0328  2   G   B "C4'" 
315 O  "O4'" . G   B 2 ? 0.2043 0.1407 0.3331 -0.0075 -0.0623 0.0351  2   G   B "O4'" 
316 C  "C3'" . G   B 2 ? 0.2063 0.1448 0.3214 -0.0101 -0.0640 0.0260  2   G   B "C3'" 
317 O  "O3'" . G   B 2 ? 0.1970 0.1608 0.3325 -0.0203 -0.0805 0.0154  2   G   B "O3'" 
318 C  "C2'" . G   B 2 ? 0.2242 0.1478 0.3102 -0.0130 -0.0521 0.0240  2   G   B "C2'" 
319 O  "O2'" . G   B 2 ? 0.2370 0.1742 0.2952 -0.0181 -0.0478 0.0201  2   G   B "O2'" 
320 C  "C1'" . G   B 2 ? 0.2065 0.1263 0.3164 -0.0017 -0.0512 0.0345  2   G   B "C1'" 
321 N  N9    . G   B 2 ? 0.1896 0.1018 0.2993 0.0051  -0.0450 0.0358  2   G   B N9    
322 C  C8    . G   B 2 ? 0.1951 0.1160 0.3091 -0.0056 -0.0397 0.0343  2   G   B C8    
323 N  N7    . G   B 2 ? 0.1910 0.1014 0.3008 -0.0014 -0.0403 0.0368  2   G   B N7    
324 C  C5    . G   B 2 ? 0.1854 0.0940 0.2710 -0.0004 -0.0304 0.0307  2   G   B C5    
325 C  C6    . G   B 2 ? 0.1888 0.1011 0.2501 -0.0047 -0.0242 0.0378  2   G   B C6    
326 O  O6    . G   B 2 ? 0.1821 0.1373 0.2525 -0.0101 -0.0215 0.0368  2   G   B O6    
327 N  N1    . G   B 2 ? 0.1576 0.1057 0.2357 -0.0041 -0.0245 0.0271  2   G   B N1    
328 C  C2    . G   B 2 ? 0.1558 0.1126 0.2339 -0.0014 -0.0345 0.0305  2   G   B C2    
329 N  N2    . G   B 2 ? 0.1606 0.1205 0.2288 -0.0064 -0.0271 0.0173  2   G   B N2    
330 N  N3    . G   B 2 ? 0.1726 0.0971 0.2569 0.0031  -0.0412 0.0406  2   G   B N3    
331 C  C4    . G   B 2 ? 0.1842 0.0965 0.2779 0.0009  -0.0387 0.0340  2   G   B C4    
343 P  P     . A   B 3 ? 0.2071 0.1486 0.3324 -0.0318 -0.0774 -0.0039 3   A   B P     
344 O  OP1   . A   B 3 ? 0.2205 0.1713 0.3529 -0.0521 -0.0688 -0.0276 3   A   B OP1   
345 O  OP2   . A   B 3 ? 0.2320 0.1589 0.3503 -0.0399 -0.0694 -0.0108 3   A   B OP2   
346 O  "O5'" . A   B 3 ? 0.1900 0.1232 0.2814 -0.0050 -0.0811 -0.0023 3   A   B "O5'" 
347 C  "C5'" . A   B 3 ? 0.2020 0.1249 0.2482 -0.0135 -0.0662 -0.0110 3   A   B "C5'" 
348 C  "C4'" . A   B 3 ? 0.2110 0.1144 0.2180 -0.0120 -0.0435 -0.0089 3   A   B "C4'" 
349 O  "O4'" . A   B 3 ? 0.2248 0.0998 0.1911 -0.0121 -0.0360 -0.0053 3   A   B "O4'" 
350 C  "C3'" . A   B 3 ? 0.2131 0.1078 0.2116 -0.0129 -0.0385 -0.0056 3   A   B "C3'" 
351 O  "O3'" . A   B 3 ? 0.2261 0.1077 0.2191 -0.0133 -0.0426 -0.0092 3   A   B "O3'" 
352 C  "C2'" . A   B 3 ? 0.2298 0.0919 0.1823 -0.0188 -0.0162 -0.0205 3   A   B "C2'" 
353 O  "O2'" . A   B 3 ? 0.2458 0.0878 0.1775 -0.0249 0.0018  -0.0272 3   A   B "O2'" 
354 C  "C1'" . A   B 3 ? 0.2241 0.1017 0.1863 -0.0145 -0.0242 0.0046  3   A   B "C1'" 
355 N  N9    . A   B 3 ? 0.2231 0.1029 0.1810 -0.0170 -0.0172 0.0253  3   A   B N9    
356 C  C8    . A   B 3 ? 0.2106 0.1073 0.1792 -0.0129 -0.0163 0.0337  3   A   B C8    
357 N  N7    . A   B 3 ? 0.2105 0.1160 0.1712 -0.0195 -0.0109 0.0298  3   A   B N7    
358 C  C5    . A   B 3 ? 0.2135 0.1075 0.1605 -0.0185 -0.0131 0.0340  3   A   B C5    
359 C  C6    . A   B 3 ? 0.2172 0.1146 0.1682 -0.0258 -0.0079 0.0304  3   A   B C6    
360 N  N6    . A   B 3 ? 0.2270 0.1200 0.1803 -0.0389 -0.0022 0.0180  3   A   B N6    
361 N  N1    . A   B 3 ? 0.2315 0.1171 0.1590 -0.0377 -0.0018 0.0165  3   A   B N1    
362 C  C2    . A   B 3 ? 0.2249 0.1170 0.1638 -0.0278 -0.0045 0.0332  3   A   B C2    
363 N  N3    . A   B 3 ? 0.2268 0.1166 0.1711 -0.0255 -0.0034 0.0286  3   A   B N3    
364 C  C4    . A   B 3 ? 0.2185 0.1046 0.1742 -0.0173 -0.0215 0.0405  3   A   B C4    
376 P  P     . A   B 4 ? 0.2234 0.1146 0.1993 -0.0230 -0.0312 -0.0148 4   A   B P     
377 O  OP1   . A   B 4 ? 0.2543 0.1338 0.2333 -0.0538 -0.0371 -0.0246 4   A   B OP1   
378 O  OP2   . A   B 4 ? 0.2398 0.1485 0.2164 -0.0278 -0.0039 -0.0237 4   A   B OP2   
379 O  "O5'" . A   B 4 ? 0.2221 0.1207 0.1566 -0.0081 -0.0280 -0.0151 4   A   B "O5'" 
380 C  "C5'" . A   B 4 ? 0.2290 0.1400 0.1580 -0.0137 -0.0227 -0.0139 4   A   B "C5'" 
381 C  "C4'" . A   B 4 ? 0.2418 0.1629 0.1771 -0.0182 -0.0052 -0.0217 4   A   B "C4'" 
382 O  "O4'" . A   B 4 ? 0.2433 0.1664 0.1640 -0.0190 0.0136  -0.0321 4   A   B "O4'" 
383 C  "C3'" . A   B 4 ? 0.2535 0.1683 0.1984 -0.0189 -0.0219 -0.0194 4   A   B "C3'" 
384 O  "O3'" . A   B 4 ? 0.2927 0.1498 0.2203 -0.0251 -0.0487 -0.0087 4   A   B "O3'" 
385 C  "C2'" . A   B 4 ? 0.2242 0.1779 0.2135 -0.0057 -0.0122 -0.0203 4   A   B "C2'" 
386 O  "O2'" . A   B 4 ? 0.2135 0.2017 0.2522 -0.0055 -0.0191 -0.0242 4   A   B "O2'" 
387 C  "C1'" . A   B 4 ? 0.2392 0.1793 0.1726 -0.0224 0.0057  -0.0238 4   A   B "C1'" 
388 N  N9    . A   B 4 ? 0.2427 0.1544 0.1411 -0.0182 0.0034  -0.0042 4   A   B N9    
389 C  C8    . A   B 4 ? 0.2501 0.1471 0.1231 -0.0234 0.0117  -0.0151 4   A   B C8    
390 N  N7    . A   B 4 ? 0.2506 0.1505 0.1249 -0.0274 0.0142  -0.0052 4   A   B N7    
391 C  C5    . A   B 4 ? 0.2455 0.1431 0.1213 -0.0246 0.0128  0.0007  4   A   B C5    
392 C  C6    . A   B 4 ? 0.2571 0.1358 0.1294 -0.0335 0.0159  -0.0070 4   A   B C6    
393 N  N6    . A   B 4 ? 0.2649 0.1296 0.1326 -0.0304 0.0279  -0.0115 4   A   B N6    
394 N  N1    . A   B 4 ? 0.2405 0.1367 0.1604 -0.0321 0.0064  -0.0115 4   A   B N1    
395 C  C2    . A   B 4 ? 0.2336 0.1640 0.1728 -0.0385 -0.0054 -0.0111 4   A   B C2    
396 N  N3    . A   B 4 ? 0.2375 0.1708 0.1670 -0.0363 -0.0009 -0.0098 4   A   B N3    
397 C  C4    . A   B 4 ? 0.2406 0.1483 0.1468 -0.0257 -0.0029 -0.0014 4   A   B C4    
409 C  "C1'" . U4M B 5 ? 0.2992 0.1607 0.2117 -0.0166 -0.0327 -0.0161 5   U4M B "C1'" 
410 C  C2    . U4M B 5 ? 0.2893 0.1432 0.1884 -0.0313 -0.0072 -0.0146 5   U4M B C2    
411 C  "C2'" . U4M B 5 ? 0.2991 0.1769 0.2433 -0.0107 -0.0576 0.0120  5   U4M B "C2'" 
412 C  "C3'" . U4M B 5 ? 0.3184 0.1739 0.2653 -0.0171 -0.0769 0.0279  5   U4M B "C3'" 
413 C  C4    . U4M B 5 ? 0.2734 0.1282 0.1488 -0.0256 -0.0001 -0.0038 5   U4M B C4    
414 C  "C4'" . U4M B 5 ? 0.3138 0.1718 0.2649 -0.0140 -0.0653 0.0105  5   U4M B "C4'" 
415 C  C5    . U4M B 5 ? 0.2792 0.1364 0.1483 -0.0303 -0.0058 -0.0088 5   U4M B C5    
416 C  "C5'" . U4M B 5 ? 0.3161 0.1637 0.2554 -0.0128 -0.0737 0.0217  5   U4M B "C5'" 
417 C  C6    . U4M B 5 ? 0.2981 0.1373 0.1478 -0.0345 0.0047  -0.0332 5   U4M B C6    
418 C  CM    . U4M B 5 ? 0.3188 0.1829 0.2964 -0.0108 -0.0577 0.0111  5   U4M B CM    
419 F  "F2'" . U4M B 5 ? 0.2829 0.2010 0.2575 -0.0018 -0.0683 0.0254  5   U4M B "F2'" 
420 N  N1    . U4M B 5 ? 0.2960 0.1479 0.1769 -0.0292 -0.0114 -0.0218 5   U4M B N1    
421 N  N3    . U4M B 5 ? 0.2775 0.1279 0.1739 -0.0305 0.0028  -0.0168 5   U4M B N3    
422 O  O2    . U4M B 5 ? 0.2758 0.1504 0.2123 -0.0282 -0.0194 -0.0119 5   U4M B O2    
423 O  "O3'" . U4M B 5 ? 0.3387 0.1844 0.2991 -0.0335 -0.0960 0.0461  5   U4M B "O3'" 
424 O  O4    . U4M B 5 ? 0.2542 0.1393 0.1660 -0.0254 -0.0007 0.0009  5   U4M B O4    
425 O  "O4'" . U4M B 5 ? 0.3121 0.1660 0.2203 -0.0157 -0.0476 -0.0071 5   U4M B "O4'" 
426 O  "O5'" . U4M B 5 ? 0.3360 0.1531 0.2455 -0.0219 -0.0767 0.0333  5   U4M B "O5'" 
427 O  OP1   . U4M B 5 ? 0.3617 0.1517 0.2765 -0.0495 -0.0681 0.0042  5   U4M B OP1   
428 O  OP2   . U4M B 5 ? 0.3194 0.1496 0.2625 -0.0346 -0.0926 0.0354  5   U4M B OP2   
429 P  P     . U4M B 5 ? 0.3350 0.1436 0.2550 -0.0371 -0.0799 0.0227  5   U4M B P     
442 P  P     . U   B 6 ? 0.3883 0.1965 0.3314 -0.0636 -0.0952 0.0448  6   U   B P     
443 O  OP1   . U   B 6 ? 0.4027 0.2157 0.3528 -0.0707 -0.1068 0.0689  6   U   B OP1   
444 O  OP2   . U   B 6 ? 0.4139 0.2264 0.3568 -0.0822 -0.1061 0.0595  6   U   B OP2   
445 O  "O5'" . U   B 6 ? 0.3370 0.2012 0.3172 -0.0345 -0.0669 0.0351  6   U   B "O5'" 
446 C  "C5'" . U   B 6 ? 0.3130 0.2056 0.3173 -0.0155 -0.0289 0.0262  6   U   B "C5'" 
447 C  "C4'" . U   B 6 ? 0.2758 0.2064 0.3073 0.0100  0.0026  0.0169  6   U   B "C4'" 
448 O  "O4'" . U   B 6 ? 0.2485 0.2131 0.2968 0.0154  0.0132  0.0084  6   U   B "O4'" 
449 C  "C3'" . U   B 6 ? 0.2595 0.2095 0.3106 0.0262  0.0135  0.0255  6   U   B "C3'" 
450 O  "O3'" . U   B 6 ? 0.2684 0.1938 0.3155 0.0402  0.0198  0.0432  6   U   B "O3'" 
451 C  "C2'" . U   B 6 ? 0.2470 0.2273 0.3024 0.0187  0.0194  0.0120  6   U   B "C2'" 
452 O  "O2'" . U   B 6 ? 0.2308 0.2379 0.3167 0.0271  0.0090  0.0202  6   U   B "O2'" 
453 C  "C1'" . U   B 6 ? 0.2350 0.2114 0.2891 0.0199  0.0247  0.0027  6   U   B "C1'" 
454 N  N1    . U   B 6 ? 0.2183 0.2110 0.2594 0.0114  0.0371  -0.0051 6   U   B N1    
455 C  C2    . U   B 6 ? 0.2015 0.2019 0.2504 0.0175  0.0433  -0.0075 6   U   B C2    
456 O  O2    . U   B 6 ? 0.2072 0.2049 0.2577 0.0165  0.0397  0.0025  6   U   B O2    
457 N  N3    . U   B 6 ? 0.2079 0.1973 0.2260 0.0132  0.0411  0.0013  6   U   B N3    
458 C  C4    . U   B 6 ? 0.2101 0.2004 0.2194 0.0114  0.0433  -0.0061 6   U   B C4    
459 O  O4    . U   B 6 ? 0.2143 0.2135 0.2185 0.0020  0.0310  -0.0003 6   U   B O4    
460 C  C5    . U   B 6 ? 0.2097 0.1964 0.2189 0.0153  0.0448  -0.0112 6   U   B C5    
461 C  C6    . U   B 6 ? 0.2188 0.2045 0.2360 0.0135  0.0473  -0.0095 6   U   B C6    
472 P  P     . C   B 7 ? 0.2910 0.2010 0.3042 0.0321  0.0179  0.0636  7   C   B P     
473 O  OP1   . C   B 7 ? 0.3033 0.2040 0.3316 0.0318  0.0177  0.0715  7   C   B OP1   
474 O  OP2   . C   B 7 ? 0.2939 0.2037 0.3136 0.0285  0.0111  0.0723  7   C   B OP2   
475 O  "O5'" . C   B 7 ? 0.2812 0.1946 0.2888 0.0365  0.0284  0.0416  7   C   B "O5'" 
476 C  "C5'" . C   B 7 ? 0.2787 0.2073 0.2788 0.0256  0.0328  0.0298  7   C   B "C5'" 
477 C  "C4'" . C   B 7 ? 0.2702 0.2159 0.2719 0.0193  0.0344  0.0202  7   C   B "C4'" 
478 O  "O4'" . C   B 7 ? 0.2540 0.2156 0.2549 0.0154  0.0281  0.0149  7   C   B "O4'" 
479 C  "C3'" . C   B 7 ? 0.2908 0.2322 0.2689 0.0044  0.0525  0.0075  7   C   B "C3'" 
480 O  "O3'" . C   B 7 ? 0.3432 0.2449 0.2958 -0.0097 0.0744  0.0171  7   C   B "O3'" 
481 C  "C2'" . C   B 7 ? 0.2557 0.2289 0.2496 0.0126  0.0436  0.0031  7   C   B "C2'" 
482 O  "O2'" . C   B 7 ? 0.2433 0.2443 0.2572 0.0189  0.0549  0.0073  7   C   B "O2'" 
483 C  "C1'" . C   B 7 ? 0.2303 0.2123 0.2433 0.0199  0.0292  0.0074  7   C   B "C1'" 
484 N  N1    . C   B 7 ? 0.2050 0.2080 0.2225 0.0218  0.0302  0.0123  7   C   B N1    
485 C  C2    . C   B 7 ? 0.2011 0.1911 0.2156 0.0216  0.0280  0.0009  7   C   B C2    
486 O  O2    . C   B 7 ? 0.2137 0.1984 0.2194 0.0188  0.0184  0.0037  7   C   B O2    
487 N  N3    . C   B 7 ? 0.1840 0.2000 0.1982 0.0125  0.0346  -0.0078 7   C   B N3    
488 C  C4    . C   B 7 ? 0.1656 0.2172 0.2105 0.0133  0.0334  0.0055  7   C   B C4    
489 N  N4    . C   B 7 ? 0.1612 0.2198 0.1996 0.0114  0.0362  0.0039  7   C   B N4    
490 C  C5    . C   B 7 ? 0.1714 0.2246 0.2124 0.0117  0.0361  0.0031  7   C   B C5    
491 C  C6    . C   B 7 ? 0.1907 0.2129 0.2224 0.0180  0.0306  0.0114  7   C   B C6    
503 P  P     . G   B 8 ? 0.3945 0.2605 0.3011 -0.0293 0.1016  0.0163  8   G   B P     
504 O  OP1   . G   B 8 ? 0.4216 0.2849 0.3259 -0.0480 0.1084  0.0186  8   G   B OP1   
505 O  OP2   . G   B 8 ? 0.4245 0.2618 0.3195 -0.0446 0.1049  0.0099  8   G   B OP2   
506 O  "O5'" . G   B 8 ? 0.3951 0.2745 0.3086 -0.0413 0.1118  0.0020  8   G   B "O5'" 
507 C  "C5'" . G   B 8 ? 0.3731 0.2819 0.3097 -0.0413 0.1020  0.0057  8   G   B "C5'" 
508 C  "C4'" . G   B 8 ? 0.3330 0.2904 0.3179 -0.0331 0.0873  0.0158  8   G   B "C4'" 
509 O  "O4'" . G   B 8 ? 0.3019 0.2907 0.3044 -0.0274 0.0745  0.0165  8   G   B "O4'" 
510 C  "C3'" . G   B 8 ? 0.3213 0.2999 0.3251 -0.0345 0.0876  0.0157  8   G   B "C3'" 
511 O  "O3'" . G   B 8 ? 0.3316 0.3139 0.3242 -0.0362 0.0998  0.0264  8   G   B "O3'" 
512 C  "C2'" . G   B 8 ? 0.2998 0.2974 0.3204 -0.0336 0.0807  0.0029  8   G   B "C2'" 
513 O  "O2'" . G   B 8 ? 0.2937 0.2957 0.3509 -0.0291 0.0799  0.0063  8   G   B "O2'" 
514 C  "C1'" . G   B 8 ? 0.2828 0.2872 0.3108 -0.0302 0.0687  -0.0014 8   G   B "C1'" 
515 N  N9    . G   B 8 ? 0.2513 0.2843 0.3062 -0.0338 0.0464  -0.0119 8   G   B N9    
516 C  C8    . G   B 8 ? 0.2418 0.2786 0.2939 -0.0346 0.0398  -0.0217 8   G   B C8    
517 N  N7    . G   B 8 ? 0.2256 0.2865 0.2902 -0.0419 0.0366  -0.0262 8   G   B N7    
518 C  C5    . G   B 8 ? 0.2035 0.2745 0.3102 -0.0376 0.0180  -0.0209 8   G   B C5    
519 C  C6    . G   B 8 ? 0.1982 0.2629 0.3261 -0.0478 0.0028  -0.0330 8   G   B C6    
520 O  O6    . G   B 8 ? 0.2055 0.2556 0.3289 -0.0504 -0.0033 -0.0276 8   G   B O6    
521 N  N1    . G   B 8 ? 0.2054 0.2533 0.3316 -0.0438 0.0098  -0.0428 8   G   B N1    
522 C  C2    . G   B 8 ? 0.2245 0.2562 0.3586 -0.0339 0.0134  -0.0239 8   G   B C2    
523 N  N2    . G   B 8 ? 0.2340 0.2578 0.3794 -0.0298 0.0254  -0.0297 8   G   B N2    
524 N  N3    . G   B 8 ? 0.2383 0.2626 0.3456 -0.0341 0.0280  -0.0232 8   G   B N3    
525 C  C4    . G   B 8 ? 0.2247 0.2675 0.3248 -0.0303 0.0282  -0.0196 8   G   B C4    
543 CO CO    . NCO D . ? 0.3207 0.2109 0.3011 -0.0125 -0.0943 -0.0046 101 NCO B CO    
544 N  N1    . NCO D . ? 0.3247 0.2360 0.3049 -0.0173 -0.1121 -0.0068 101 NCO B N1    
545 N  N2    . NCO D . ? 0.3335 0.2326 0.3174 -0.0138 -0.0944 -0.0064 101 NCO B N2    
546 N  N3    . NCO D . ? 0.3396 0.2339 0.3231 -0.0076 -0.0818 -0.0033 101 NCO B N3    
547 N  N4    . NCO D . ? 0.3381 0.2278 0.3111 -0.0100 -0.0833 -0.0205 101 NCO B N4    
548 N  N5    . NCO D . ? 0.3251 0.2102 0.3136 0.0015  -0.1000 0.0105  101 NCO B N5    
549 N  N6    . NCO D . ? 0.3202 0.2385 0.3090 -0.0075 -0.0961 0.0037  101 NCO B N6    
# 
loop_
_pdbx_poly_seq_scheme.asym_id 
_pdbx_poly_seq_scheme.entity_id 
_pdbx_poly_seq_scheme.seq_id 
_pdbx_poly_seq_scheme.mon_id 
_pdbx_poly_seq_scheme.ndb_seq_num 
_pdbx_poly_seq_scheme.pdb_seq_num 
_pdbx_poly_seq_scheme.auth_seq_num 
_pdbx_poly_seq_scheme.pdb_mon_id 
_pdbx_poly_seq_scheme.auth_mon_id 
_pdbx_poly_seq_scheme.pdb_strand_id 
_pdbx_poly_seq_scheme.pdb_ins_code 
_pdbx_poly_seq_scheme.hetero 
A 1 1 C   1 1 1 C   C   A . n 
A 1 2 G   2 2 2 G   G   A . n 
A 1 3 A   3 3 3 A   A   A . n 
A 1 4 A   4 4 4 A   A   A . n 
A 1 5 U4M 5 5 5 U4M U4M A . n 
A 1 6 U   6 6 6 U   U   A . n 
A 1 7 C   7 7 7 C   C   A . n 
A 1 8 G   8 8 8 G   G   A . n 
B 1 1 C   1 1 1 C   C   B . n 
B 1 2 G   2 2 2 G   G   B . n 
B 1 3 A   3 3 3 A   A   B . n 
B 1 4 A   4 4 4 A   A   B . n 
B 1 5 U4M 5 5 5 U4M U4M B . n 
B 1 6 U   6 6 6 U   U   B . n 
B 1 7 C   7 7 7 C   C   B . n 
B 1 8 G   8 8 8 G   G   B . n 
# 
loop_
_pdbx_nonpoly_scheme.asym_id 
_pdbx_nonpoly_scheme.entity_id 
_pdbx_nonpoly_scheme.mon_id 
_pdbx_nonpoly_scheme.ndb_seq_num 
_pdbx_nonpoly_scheme.pdb_seq_num 
_pdbx_nonpoly_scheme.auth_seq_num 
_pdbx_nonpoly_scheme.pdb_mon_id 
_pdbx_nonpoly_scheme.auth_mon_id 
_pdbx_nonpoly_scheme.pdb_strand_id 
_pdbx_nonpoly_scheme.pdb_ins_code 
C 2 CAC 1  101 1  CAC CAC A . 
D 3 NCO 1  101 1  NCO NCO B . 
E 4 HOH 1  201 35 HOH HOH A . 
E 4 HOH 2  202 47 HOH HOH A . 
E 4 HOH 3  203 30 HOH HOH A . 
E 4 HOH 4  204 2  HOH HOH A . 
E 4 HOH 5  205 26 HOH HOH A . 
E 4 HOH 6  206 41 HOH HOH A . 
E 4 HOH 7  207 15 HOH HOH A . 
E 4 HOH 8  208 9  HOH HOH A . 
E 4 HOH 9  209 43 HOH HOH A . 
E 4 HOH 10 210 50 HOH HOH A . 
E 4 HOH 11 211 25 HOH HOH A . 
E 4 HOH 12 212 21 HOH HOH A . 
E 4 HOH 13 213 5  HOH HOH A . 
E 4 HOH 14 214 18 HOH HOH A . 
E 4 HOH 15 215 49 HOH HOH A . 
E 4 HOH 16 216 7  HOH HOH A . 
E 4 HOH 17 217 37 HOH HOH A . 
E 4 HOH 18 218 42 HOH HOH A . 
E 4 HOH 19 219 38 HOH HOH A . 
E 4 HOH 20 220 3  HOH HOH A . 
E 4 HOH 21 221 24 HOH HOH A . 
E 4 HOH 22 222 27 HOH HOH A . 
E 4 HOH 23 223 8  HOH HOH A . 
E 4 HOH 24 224 44 HOH HOH A . 
E 4 HOH 25 225 28 HOH HOH A . 
F 4 HOH 1  201 39 HOH HOH B . 
F 4 HOH 2  202 29 HOH HOH B . 
F 4 HOH 3  203 14 HOH HOH B . 
F 4 HOH 4  204 33 HOH HOH B . 
F 4 HOH 5  205 22 HOH HOH B . 
F 4 HOH 6  206 31 HOH HOH B . 
F 4 HOH 7  207 12 HOH HOH B . 
F 4 HOH 8  208 17 HOH HOH B . 
F 4 HOH 9  209 20 HOH HOH B . 
F 4 HOH 10 210 23 HOH HOH B . 
F 4 HOH 11 211 51 HOH HOH B . 
F 4 HOH 12 212 11 HOH HOH B . 
F 4 HOH 13 213 19 HOH HOH B . 
F 4 HOH 14 214 10 HOH HOH B . 
F 4 HOH 15 215 1  HOH HOH B . 
F 4 HOH 16 216 4  HOH HOH B . 
F 4 HOH 17 217 36 HOH HOH B . 
F 4 HOH 18 218 13 HOH HOH B . 
F 4 HOH 19 219 45 HOH HOH B . 
F 4 HOH 20 220 32 HOH HOH B . 
F 4 HOH 21 221 40 HOH HOH B . 
F 4 HOH 22 222 6  HOH HOH B . 
F 4 HOH 23 223 16 HOH HOH B . 
F 4 HOH 24 224 48 HOH HOH B . 
F 4 HOH 25 225 46 HOH HOH B . 
F 4 HOH 26 226 34 HOH HOH B . 
# 
_pdbx_struct_assembly.id                   1 
_pdbx_struct_assembly.details              author_and_software_defined_assembly 
_pdbx_struct_assembly.method_details       PISA 
_pdbx_struct_assembly.oligomeric_details   dimeric 
_pdbx_struct_assembly.oligomeric_count     2 
# 
_pdbx_struct_assembly_gen.assembly_id       1 
_pdbx_struct_assembly_gen.oper_expression   1 
_pdbx_struct_assembly_gen.asym_id_list      A,B,C,D,E,F 
# 
loop_
_pdbx_struct_assembly_prop.biol_id 
_pdbx_struct_assembly_prop.type 
_pdbx_struct_assembly_prop.value 
_pdbx_struct_assembly_prop.details 
1 'ABSA (A^2)' 1050 ? 
1 MORE         -3   ? 
1 'SSA (A^2)'  3370 ? 
# 
_pdbx_struct_oper_list.id                   1 
_pdbx_struct_oper_list.type                 'identity operation' 
_pdbx_struct_oper_list.name                 1_555 
_pdbx_struct_oper_list.symmetry_operation   x,y,z 
_pdbx_struct_oper_list.matrix[1][1]         1.0000000000 
_pdbx_struct_oper_list.matrix[1][2]         0.0000000000 
_pdbx_struct_oper_list.matrix[1][3]         0.0000000000 
_pdbx_struct_oper_list.vector[1]            0.0000000000 
_pdbx_struct_oper_list.matrix[2][1]         0.0000000000 
_pdbx_struct_oper_list.matrix[2][2]         1.0000000000 
_pdbx_struct_oper_list.matrix[2][3]         0.0000000000 
_pdbx_struct_oper_list.vector[2]            0.0000000000 
_pdbx_struct_oper_list.matrix[3][1]         0.0000000000 
_pdbx_struct_oper_list.matrix[3][2]         0.0000000000 
_pdbx_struct_oper_list.matrix[3][3]         1.0000000000 
_pdbx_struct_oper_list.vector[3]            0.0000000000 
# 
_pdbx_struct_special_symmetry.id              1 
_pdbx_struct_special_symmetry.PDB_model_num   1 
_pdbx_struct_special_symmetry.auth_asym_id    A 
_pdbx_struct_special_symmetry.auth_comp_id    HOH 
_pdbx_struct_special_symmetry.auth_seq_id     225 
_pdbx_struct_special_symmetry.PDB_ins_code    ? 
_pdbx_struct_special_symmetry.label_asym_id   E 
_pdbx_struct_special_symmetry.label_comp_id   HOH 
_pdbx_struct_special_symmetry.label_seq_id    . 
# 
loop_
_pdbx_audit_revision_history.ordinal 
_pdbx_audit_revision_history.data_content_type 
_pdbx_audit_revision_history.major_revision 
_pdbx_audit_revision_history.minor_revision 
_pdbx_audit_revision_history.revision_date 
1 'Structure model' 1 0 2018-08-29 
2 'Structure model' 1 1 2018-10-03 
3 'Structure model' 1 2 2023-10-04 
# 
_pdbx_audit_revision_details.ordinal             1 
_pdbx_audit_revision_details.revision_ordinal    1 
_pdbx_audit_revision_details.data_content_type   'Structure model' 
_pdbx_audit_revision_details.provider            repository 
_pdbx_audit_revision_details.type                'Initial release' 
_pdbx_audit_revision_details.description         ? 
_pdbx_audit_revision_details.details             ? 
# 
loop_
_pdbx_audit_revision_group.ordinal 
_pdbx_audit_revision_group.revision_ordinal 
_pdbx_audit_revision_group.data_content_type 
_pdbx_audit_revision_group.group 
1 2 'Structure model' 'Data collection'        
2 2 'Structure model' 'Database references'    
3 3 'Structure model' 'Data collection'        
4 3 'Structure model' 'Database references'    
5 3 'Structure model' 'Refinement description' 
# 
loop_
_pdbx_audit_revision_category.ordinal 
_pdbx_audit_revision_category.revision_ordinal 
_pdbx_audit_revision_category.data_content_type 
_pdbx_audit_revision_category.category 
1 2 'Structure model' citation                      
2 3 'Structure model' chem_comp_atom                
3 3 'Structure model' chem_comp_bond                
4 3 'Structure model' database_2                    
5 3 'Structure model' pdbx_initial_refinement_model 
# 
loop_
_pdbx_audit_revision_item.ordinal 
_pdbx_audit_revision_item.revision_ordinal 
_pdbx_audit_revision_item.data_content_type 
_pdbx_audit_revision_item.item 
1 2 'Structure model' '_citation.journal_volume'            
2 2 'Structure model' '_citation.page_first'                
3 2 'Structure model' '_citation.page_last'                 
4 3 'Structure model' '_database_2.pdbx_DOI'                
5 3 'Structure model' '_database_2.pdbx_database_accession' 
# 
loop_
_software.citation_id 
_software.classification 
_software.compiler_name 
_software.compiler_version 
_software.contact_author 
_software.contact_author_email 
_software.date 
_software.description 
_software.dependencies 
_software.hardware 
_software.language 
_software.location 
_software.mods 
_software.name 
_software.os 
_software.os_version 
_software.type 
_software.version 
_software.pdbx_ordinal 
? 'data scaling'    ? ? ? ? ? ? ? ? ? ? ? xia2        ? ? ? .         1 
? refinement        ? ? ? ? ? ? ? ? ? ? ? PHENIX      ? ? ? 1.13_2992 2 
? 'data extraction' ? ? ? ? ? ? ? ? ? ? ? PDB_EXTRACT ? ? ? 3.24      3 
? 'data reduction'  ? ? ? ? ? ? ? ? ? ? ? xia2        ? ? ? .         4 
? phasing           ? ? ? ? ? ? ? ? ? ? ? PHENIX      ? ? ? .         5 
# 
loop_
_chem_comp_atom.comp_id 
_chem_comp_atom.atom_id 
_chem_comp_atom.type_symbol 
_chem_comp_atom.pdbx_aromatic_flag 
_chem_comp_atom.pdbx_stereo_config 
_chem_comp_atom.pdbx_ordinal 
A   OP3    O  N N 1   
A   P      P  N N 2   
A   OP1    O  N N 3   
A   OP2    O  N N 4   
A   "O5'"  O  N N 5   
A   "C5'"  C  N N 6   
A   "C4'"  C  N R 7   
A   "O4'"  O  N N 8   
A   "C3'"  C  N S 9   
A   "O3'"  O  N N 10  
A   "C2'"  C  N R 11  
A   "O2'"  O  N N 12  
A   "C1'"  C  N R 13  
A   N9     N  Y N 14  
A   C8     C  Y N 15  
A   N7     N  Y N 16  
A   C5     C  Y N 17  
A   C6     C  Y N 18  
A   N6     N  N N 19  
A   N1     N  Y N 20  
A   C2     C  Y N 21  
A   N3     N  Y N 22  
A   C4     C  Y N 23  
A   HOP3   H  N N 24  
A   HOP2   H  N N 25  
A   "H5'"  H  N N 26  
A   "H5''" H  N N 27  
A   "H4'"  H  N N 28  
A   "H3'"  H  N N 29  
A   "HO3'" H  N N 30  
A   "H2'"  H  N N 31  
A   "HO2'" H  N N 32  
A   "H1'"  H  N N 33  
A   H8     H  N N 34  
A   H61    H  N N 35  
A   H62    H  N N 36  
A   H2     H  N N 37  
C   OP3    O  N N 38  
C   P      P  N N 39  
C   OP1    O  N N 40  
C   OP2    O  N N 41  
C   "O5'"  O  N N 42  
C   "C5'"  C  N N 43  
C   "C4'"  C  N R 44  
C   "O4'"  O  N N 45  
C   "C3'"  C  N S 46  
C   "O3'"  O  N N 47  
C   "C2'"  C  N R 48  
C   "O2'"  O  N N 49  
C   "C1'"  C  N R 50  
C   N1     N  N N 51  
C   C2     C  N N 52  
C   O2     O  N N 53  
C   N3     N  N N 54  
C   C4     C  N N 55  
C   N4     N  N N 56  
C   C5     C  N N 57  
C   C6     C  N N 58  
C   HOP3   H  N N 59  
C   HOP2   H  N N 60  
C   "H5'"  H  N N 61  
C   "H5''" H  N N 62  
C   "H4'"  H  N N 63  
C   "H3'"  H  N N 64  
C   "HO3'" H  N N 65  
C   "H2'"  H  N N 66  
C   "HO2'" H  N N 67  
C   "H1'"  H  N N 68  
C   H41    H  N N 69  
C   H42    H  N N 70  
C   H5     H  N N 71  
C   H6     H  N N 72  
CAC AS     AS N N 73  
CAC O1     O  N N 74  
CAC O2     O  N N 75  
CAC C1     C  N N 76  
CAC C2     C  N N 77  
CAC H11    H  N N 78  
CAC H12    H  N N 79  
CAC H13    H  N N 80  
CAC H21    H  N N 81  
CAC H22    H  N N 82  
CAC H23    H  N N 83  
G   OP3    O  N N 84  
G   P      P  N N 85  
G   OP1    O  N N 86  
G   OP2    O  N N 87  
G   "O5'"  O  N N 88  
G   "C5'"  C  N N 89  
G   "C4'"  C  N R 90  
G   "O4'"  O  N N 91  
G   "C3'"  C  N S 92  
G   "O3'"  O  N N 93  
G   "C2'"  C  N R 94  
G   "O2'"  O  N N 95  
G   "C1'"  C  N R 96  
G   N9     N  Y N 97  
G   C8     C  Y N 98  
G   N7     N  Y N 99  
G   C5     C  Y N 100 
G   C6     C  N N 101 
G   O6     O  N N 102 
G   N1     N  N N 103 
G   C2     C  N N 104 
G   N2     N  N N 105 
G   N3     N  N N 106 
G   C4     C  Y N 107 
G   HOP3   H  N N 108 
G   HOP2   H  N N 109 
G   "H5'"  H  N N 110 
G   "H5''" H  N N 111 
G   "H4'"  H  N N 112 
G   "H3'"  H  N N 113 
G   "HO3'" H  N N 114 
G   "H2'"  H  N N 115 
G   "HO2'" H  N N 116 
G   "H1'"  H  N N 117 
G   H8     H  N N 118 
G   H1     H  N N 119 
G   H21    H  N N 120 
G   H22    H  N N 121 
HOH O      O  N N 122 
HOH H1     H  N N 123 
HOH H2     H  N N 124 
NCO CO     CO N N 125 
NCO N1     N  N N 126 
NCO N2     N  N N 127 
NCO N3     N  N N 128 
NCO N4     N  N N 129 
NCO N5     N  N N 130 
NCO N6     N  N N 131 
NCO HN11   H  N N 132 
NCO HN12   H  N N 133 
NCO HN13   H  N N 134 
NCO HN21   H  N N 135 
NCO HN22   H  N N 136 
NCO HN23   H  N N 137 
NCO HN31   H  N N 138 
NCO HN32   H  N N 139 
NCO HN33   H  N N 140 
NCO HN41   H  N N 141 
NCO HN42   H  N N 142 
NCO HN43   H  N N 143 
NCO HN51   H  N N 144 
NCO HN52   H  N N 145 
NCO HN53   H  N N 146 
NCO HN61   H  N N 147 
NCO HN62   H  N N 148 
NCO HN63   H  N N 149 
U   OP3    O  N N 150 
U   P      P  N N 151 
U   OP1    O  N N 152 
U   OP2    O  N N 153 
U   "O5'"  O  N N 154 
U   "C5'"  C  N N 155 
U   "C4'"  C  N R 156 
U   "O4'"  O  N N 157 
U   "C3'"  C  N S 158 
U   "O3'"  O  N N 159 
U   "C2'"  C  N R 160 
U   "O2'"  O  N N 161 
U   "C1'"  C  N R 162 
U   N1     N  N N 163 
U   C2     C  N N 164 
U   O2     O  N N 165 
U   N3     N  N N 166 
U   C4     C  N N 167 
U   O4     O  N N 168 
U   C5     C  N N 169 
U   C6     C  N N 170 
U   HOP3   H  N N 171 
U   HOP2   H  N N 172 
U   "H5'"  H  N N 173 
U   "H5''" H  N N 174 
U   "H4'"  H  N N 175 
U   "H3'"  H  N N 176 
U   "HO3'" H  N N 177 
U   "H2'"  H  N N 178 
U   "HO2'" H  N N 179 
U   "H1'"  H  N N 180 
U   H3     H  N N 181 
U   H5     H  N N 182 
U   H6     H  N N 183 
U4M "C1'"  C  N R 184 
U4M C2     C  N N 185 
U4M "C2'"  C  N R 186 
U4M "C3'"  C  N R 187 
U4M C4     C  N N 188 
U4M "C4'"  C  N R 189 
U4M C5     C  N N 190 
U4M "C5'"  C  N N 191 
U4M C6     C  N N 192 
U4M CM     C  N N 193 
U4M "F2'"  F  N N 194 
U4M N1     N  N N 195 
U4M N3     N  N N 196 
U4M O2     O  N N 197 
U4M "O3'"  O  N N 198 
U4M O4     O  N N 199 
U4M "O4'"  O  N N 200 
U4M "O5'"  O  N N 201 
U4M OP1    O  N N 202 
U4M OP2    O  N N 203 
U4M P      P  N N 204 
U4M "H1'"  H  N N 205 
U4M "H2'"  H  N N 206 
U4M "H3'"  H  N N 207 
U4M H5     H  N N 208 
U4M H6L    H  N N 209 
U4M "H5'"  H  N N 210 
U4M H6     H  N N 211 
U4M HM3    H  N N 212 
U4M HM1    H  N N 213 
U4M HM2    H  N N 214 
U4M H3     H  N N 215 
U4M H6M    H  N N 216 
U4M H1     H  N N 217 
U4M OP3    O  N N 218 
U4M HOP3   H  N N 219 
# 
loop_
_chem_comp_bond.comp_id 
_chem_comp_bond.atom_id_1 
_chem_comp_bond.atom_id_2 
_chem_comp_bond.value_order 
_chem_comp_bond.pdbx_aromatic_flag 
_chem_comp_bond.pdbx_stereo_config 
_chem_comp_bond.pdbx_ordinal 
A   OP3   P      sing N N 1   
A   OP3   HOP3   sing N N 2   
A   P     OP1    doub N N 3   
A   P     OP2    sing N N 4   
A   P     "O5'"  sing N N 5   
A   OP2   HOP2   sing N N 6   
A   "O5'" "C5'"  sing N N 7   
A   "C5'" "C4'"  sing N N 8   
A   "C5'" "H5'"  sing N N 9   
A   "C5'" "H5''" sing N N 10  
A   "C4'" "O4'"  sing N N 11  
A   "C4'" "C3'"  sing N N 12  
A   "C4'" "H4'"  sing N N 13  
A   "O4'" "C1'"  sing N N 14  
A   "C3'" "O3'"  sing N N 15  
A   "C3'" "C2'"  sing N N 16  
A   "C3'" "H3'"  sing N N 17  
A   "O3'" "HO3'" sing N N 18  
A   "C2'" "O2'"  sing N N 19  
A   "C2'" "C1'"  sing N N 20  
A   "C2'" "H2'"  sing N N 21  
A   "O2'" "HO2'" sing N N 22  
A   "C1'" N9     sing N N 23  
A   "C1'" "H1'"  sing N N 24  
A   N9    C8     sing Y N 25  
A   N9    C4     sing Y N 26  
A   C8    N7     doub Y N 27  
A   C8    H8     sing N N 28  
A   N7    C5     sing Y N 29  
A   C5    C6     sing Y N 30  
A   C5    C4     doub Y N 31  
A   C6    N6     sing N N 32  
A   C6    N1     doub Y N 33  
A   N6    H61    sing N N 34  
A   N6    H62    sing N N 35  
A   N1    C2     sing Y N 36  
A   C2    N3     doub Y N 37  
A   C2    H2     sing N N 38  
A   N3    C4     sing Y N 39  
C   OP3   P      sing N N 40  
C   OP3   HOP3   sing N N 41  
C   P     OP1    doub N N 42  
C   P     OP2    sing N N 43  
C   P     "O5'"  sing N N 44  
C   OP2   HOP2   sing N N 45  
C   "O5'" "C5'"  sing N N 46  
C   "C5'" "C4'"  sing N N 47  
C   "C5'" "H5'"  sing N N 48  
C   "C5'" "H5''" sing N N 49  
C   "C4'" "O4'"  sing N N 50  
C   "C4'" "C3'"  sing N N 51  
C   "C4'" "H4'"  sing N N 52  
C   "O4'" "C1'"  sing N N 53  
C   "C3'" "O3'"  sing N N 54  
C   "C3'" "C2'"  sing N N 55  
C   "C3'" "H3'"  sing N N 56  
C   "O3'" "HO3'" sing N N 57  
C   "C2'" "O2'"  sing N N 58  
C   "C2'" "C1'"  sing N N 59  
C   "C2'" "H2'"  sing N N 60  
C   "O2'" "HO2'" sing N N 61  
C   "C1'" N1     sing N N 62  
C   "C1'" "H1'"  sing N N 63  
C   N1    C2     sing N N 64  
C   N1    C6     sing N N 65  
C   C2    O2     doub N N 66  
C   C2    N3     sing N N 67  
C   N3    C4     doub N N 68  
C   C4    N4     sing N N 69  
C   C4    C5     sing N N 70  
C   N4    H41    sing N N 71  
C   N4    H42    sing N N 72  
C   C5    C6     doub N N 73  
C   C5    H5     sing N N 74  
C   C6    H6     sing N N 75  
CAC AS    O1     doub N N 76  
CAC AS    O2     sing N N 77  
CAC AS    C1     sing N N 78  
CAC AS    C2     sing N N 79  
CAC C1    H11    sing N N 80  
CAC C1    H12    sing N N 81  
CAC C1    H13    sing N N 82  
CAC C2    H21    sing N N 83  
CAC C2    H22    sing N N 84  
CAC C2    H23    sing N N 85  
G   OP3   P      sing N N 86  
G   OP3   HOP3   sing N N 87  
G   P     OP1    doub N N 88  
G   P     OP2    sing N N 89  
G   P     "O5'"  sing N N 90  
G   OP2   HOP2   sing N N 91  
G   "O5'" "C5'"  sing N N 92  
G   "C5'" "C4'"  sing N N 93  
G   "C5'" "H5'"  sing N N 94  
G   "C5'" "H5''" sing N N 95  
G   "C4'" "O4'"  sing N N 96  
G   "C4'" "C3'"  sing N N 97  
G   "C4'" "H4'"  sing N N 98  
G   "O4'" "C1'"  sing N N 99  
G   "C3'" "O3'"  sing N N 100 
G   "C3'" "C2'"  sing N N 101 
G   "C3'" "H3'"  sing N N 102 
G   "O3'" "HO3'" sing N N 103 
G   "C2'" "O2'"  sing N N 104 
G   "C2'" "C1'"  sing N N 105 
G   "C2'" "H2'"  sing N N 106 
G   "O2'" "HO2'" sing N N 107 
G   "C1'" N9     sing N N 108 
G   "C1'" "H1'"  sing N N 109 
G   N9    C8     sing Y N 110 
G   N9    C4     sing Y N 111 
G   C8    N7     doub Y N 112 
G   C8    H8     sing N N 113 
G   N7    C5     sing Y N 114 
G   C5    C6     sing N N 115 
G   C5    C4     doub Y N 116 
G   C6    O6     doub N N 117 
G   C6    N1     sing N N 118 
G   N1    C2     sing N N 119 
G   N1    H1     sing N N 120 
G   C2    N2     sing N N 121 
G   C2    N3     doub N N 122 
G   N2    H21    sing N N 123 
G   N2    H22    sing N N 124 
G   N3    C4     sing N N 125 
HOH O     H1     sing N N 126 
HOH O     H2     sing N N 127 
NCO CO    N1     sing N N 128 
NCO CO    N2     sing N N 129 
NCO CO    N3     sing N N 130 
NCO CO    N4     sing N N 131 
NCO CO    N5     sing N N 132 
NCO CO    N6     sing N N 133 
NCO N1    HN11   sing N N 134 
NCO N1    HN12   sing N N 135 
NCO N1    HN13   sing N N 136 
NCO N2    HN21   sing N N 137 
NCO N2    HN22   sing N N 138 
NCO N2    HN23   sing N N 139 
NCO N3    HN31   sing N N 140 
NCO N3    HN32   sing N N 141 
NCO N3    HN33   sing N N 142 
NCO N4    HN41   sing N N 143 
NCO N4    HN42   sing N N 144 
NCO N4    HN43   sing N N 145 
NCO N5    HN51   sing N N 146 
NCO N5    HN52   sing N N 147 
NCO N5    HN53   sing N N 148 
NCO N6    HN61   sing N N 149 
NCO N6    HN62   sing N N 150 
NCO N6    HN63   sing N N 151 
U   OP3   P      sing N N 152 
U   OP3   HOP3   sing N N 153 
U   P     OP1    doub N N 154 
U   P     OP2    sing N N 155 
U   P     "O5'"  sing N N 156 
U   OP2   HOP2   sing N N 157 
U   "O5'" "C5'"  sing N N 158 
U   "C5'" "C4'"  sing N N 159 
U   "C5'" "H5'"  sing N N 160 
U   "C5'" "H5''" sing N N 161 
U   "C4'" "O4'"  sing N N 162 
U   "C4'" "C3'"  sing N N 163 
U   "C4'" "H4'"  sing N N 164 
U   "O4'" "C1'"  sing N N 165 
U   "C3'" "O3'"  sing N N 166 
U   "C3'" "C2'"  sing N N 167 
U   "C3'" "H3'"  sing N N 168 
U   "O3'" "HO3'" sing N N 169 
U   "C2'" "O2'"  sing N N 170 
U   "C2'" "C1'"  sing N N 171 
U   "C2'" "H2'"  sing N N 172 
U   "O2'" "HO2'" sing N N 173 
U   "C1'" N1     sing N N 174 
U   "C1'" "H1'"  sing N N 175 
U   N1    C2     sing N N 176 
U   N1    C6     sing N N 177 
U   C2    O2     doub N N 178 
U   C2    N3     sing N N 179 
U   N3    C4     sing N N 180 
U   N3    H3     sing N N 181 
U   C4    O4     doub N N 182 
U   C4    C5     sing N N 183 
U   C5    C6     doub N N 184 
U   C5    H5     sing N N 185 
U   C6    H6     sing N N 186 
U4M O4    C4     doub N N 187 
U4M N3    C4     sing N N 188 
U4M N3    C2     sing N N 189 
U4M O2    C2     doub N N 190 
U4M C4    C5     sing N N 191 
U4M C2    N1     sing N N 192 
U4M C5    C6     doub N N 193 
U4M N1    C6     sing N N 194 
U4M N1    "C1'"  sing N N 195 
U4M "C1'" "O4'"  sing N N 196 
U4M "C1'" "C2'"  sing N N 197 
U4M "O4'" "C4'"  sing N N 198 
U4M CM    "C4'"  sing N N 199 
U4M "F2'" "C2'"  sing N N 200 
U4M "C4'" "C5'"  sing N N 201 
U4M "C4'" "C3'"  sing N N 202 
U4M "C2'" "C3'"  sing N N 203 
U4M "O5'" "C5'"  sing N N 204 
U4M "O5'" P      sing N N 205 
U4M OP2   P      doub N N 206 
U4M P     OP1    sing N N 207 
U4M "C3'" "O3'"  sing N N 208 
U4M "C1'" "H1'"  sing N N 209 
U4M "C2'" "H2'"  sing N N 210 
U4M "C3'" "H3'"  sing N N 211 
U4M C5    H5     sing N N 212 
U4M "C5'" H6L    sing N N 213 
U4M "C5'" "H5'"  sing N N 214 
U4M C6    H6     sing N N 215 
U4M CM    HM3    sing N N 216 
U4M CM    HM1    sing N N 217 
U4M CM    HM2    sing N N 218 
U4M N3    H3     sing N N 219 
U4M "O3'" H6M    sing N N 220 
U4M OP1   H1     sing N N 221 
U4M P     OP3    sing N N 222 
U4M OP3   HOP3   sing N N 223 
# 
_ndb_struct_conf_na.entry_id   6CXZ 
_ndb_struct_conf_na.feature    'a-form double helix' 
# 
loop_
_ndb_struct_na_base_pair.model_number 
_ndb_struct_na_base_pair.i_label_asym_id 
_ndb_struct_na_base_pair.i_label_comp_id 
_ndb_struct_na_base_pair.i_label_seq_id 
_ndb_struct_na_base_pair.i_symmetry 
_ndb_struct_na_base_pair.j_label_asym_id 
_ndb_struct_na_base_pair.j_label_comp_id 
_ndb_struct_na_base_pair.j_label_seq_id 
_ndb_struct_na_base_pair.j_symmetry 
_ndb_struct_na_base_pair.shear 
_ndb_struct_na_base_pair.stretch 
_ndb_struct_na_base_pair.stagger 
_ndb_struct_na_base_pair.buckle 
_ndb_struct_na_base_pair.propeller 
_ndb_struct_na_base_pair.opening 
_ndb_struct_na_base_pair.pair_number 
_ndb_struct_na_base_pair.pair_name 
_ndb_struct_na_base_pair.i_auth_asym_id 
_ndb_struct_na_base_pair.i_auth_seq_id 
_ndb_struct_na_base_pair.i_PDB_ins_code 
_ndb_struct_na_base_pair.j_auth_asym_id 
_ndb_struct_na_base_pair.j_auth_seq_id 
_ndb_struct_na_base_pair.j_PDB_ins_code 
_ndb_struct_na_base_pair.hbond_type_28 
_ndb_struct_na_base_pair.hbond_type_12 
1 A C 1 1_555 B G 8 1_555 0.142  -0.408 0.158  2.907  -19.124 2.376  1 A_C1:G8_B A 1 ? B 8 ? 19 1 
1 A G 2 1_555 B C 7 1_555 -0.175 -0.146 -0.073 -8.889 -13.362 0.418  2 A_G2:C7_B A 2 ? B 7 ? 19 1 
1 A A 3 1_555 B U 6 1_555 0.023  -0.133 0.162  -1.803 -10.980 3.220  3 A_A3:U6_B A 3 ? B 6 ? 20 1 
1 A U 6 1_555 B A 3 1_555 -0.101 -0.139 0.154  1.425  -14.945 1.800  4 A_U6:A3_B A 6 ? B 3 ? 20 1 
1 A C 7 1_555 B G 2 1_555 0.161  -0.165 0.056  4.785  -12.678 -0.861 5 A_C7:G2_B A 7 ? B 2 ? 19 1 
1 A G 8 1_555 B C 1 1_555 -0.072 -0.140 0.219  2.523  -14.730 -0.380 6 A_G8:C1_B A 8 ? B 1 ? 19 1 
# 
loop_
_ndb_struct_na_base_pair_step.model_number 
_ndb_struct_na_base_pair_step.i_label_asym_id_1 
_ndb_struct_na_base_pair_step.i_label_comp_id_1 
_ndb_struct_na_base_pair_step.i_label_seq_id_1 
_ndb_struct_na_base_pair_step.i_symmetry_1 
_ndb_struct_na_base_pair_step.j_label_asym_id_1 
_ndb_struct_na_base_pair_step.j_label_comp_id_1 
_ndb_struct_na_base_pair_step.j_label_seq_id_1 
_ndb_struct_na_base_pair_step.j_symmetry_1 
_ndb_struct_na_base_pair_step.i_label_asym_id_2 
_ndb_struct_na_base_pair_step.i_label_comp_id_2 
_ndb_struct_na_base_pair_step.i_label_seq_id_2 
_ndb_struct_na_base_pair_step.i_symmetry_2 
_ndb_struct_na_base_pair_step.j_label_asym_id_2 
_ndb_struct_na_base_pair_step.j_label_comp_id_2 
_ndb_struct_na_base_pair_step.j_label_seq_id_2 
_ndb_struct_na_base_pair_step.j_symmetry_2 
_ndb_struct_na_base_pair_step.shift 
_ndb_struct_na_base_pair_step.slide 
_ndb_struct_na_base_pair_step.rise 
_ndb_struct_na_base_pair_step.tilt 
_ndb_struct_na_base_pair_step.roll 
_ndb_struct_na_base_pair_step.twist 
_ndb_struct_na_base_pair_step.x_displacement 
_ndb_struct_na_base_pair_step.y_displacement 
_ndb_struct_na_base_pair_step.helical_rise 
_ndb_struct_na_base_pair_step.inclination 
_ndb_struct_na_base_pair_step.tip 
_ndb_struct_na_base_pair_step.helical_twist 
_ndb_struct_na_base_pair_step.step_number 
_ndb_struct_na_base_pair_step.step_name 
_ndb_struct_na_base_pair_step.i_auth_asym_id_1 
_ndb_struct_na_base_pair_step.i_auth_seq_id_1 
_ndb_struct_na_base_pair_step.i_PDB_ins_code_1 
_ndb_struct_na_base_pair_step.j_auth_asym_id_1 
_ndb_struct_na_base_pair_step.j_auth_seq_id_1 
_ndb_struct_na_base_pair_step.j_PDB_ins_code_1 
_ndb_struct_na_base_pair_step.i_auth_asym_id_2 
_ndb_struct_na_base_pair_step.i_auth_seq_id_2 
_ndb_struct_na_base_pair_step.i_PDB_ins_code_2 
_ndb_struct_na_base_pair_step.j_auth_asym_id_2 
_ndb_struct_na_base_pair_step.j_auth_seq_id_2 
_ndb_struct_na_base_pair_step.j_PDB_ins_code_2 
1 A C 1 1_555 B G 8 1_555 A G 2 1_555 B C 7 1_555 -0.245 -1.748 3.313 0.937  17.239 29.803 -5.329 0.543  2.021 30.509 -1.659 
34.344 1 AA_C1G2:C7G8_BB A 1 ? B 8 ? A 2 ? B 7 ? 
1 A G 2 1_555 B C 7 1_555 A A 3 1_555 B U 6 1_555 0.684  -1.650 3.026 1.348  8.179  29.818 -4.463 -1.057 2.523 15.520 -2.557 
30.923 2 AA_G2A3:U6C7_BB A 2 ? B 7 ? A 3 ? B 6 ? 
1 A U 6 1_555 B A 3 1_555 A C 7 1_555 B G 2 1_555 -0.251 -1.055 3.110 0.322  5.766  33.928 -2.614 0.472  2.895 9.793  -0.547 
34.401 3 AA_U6C7:G2A3_BB A 6 ? B 3 ? A 7 ? B 2 ? 
1 A C 7 1_555 B G 2 1_555 A G 8 1_555 B C 1 1_555 0.312  -1.745 3.046 -0.879 14.524 31.204 -4.815 -0.642 2.046 25.345 1.534  
34.353 4 AA_C7G8:C1G2_BB A 7 ? B 2 ? A 8 ? B 1 ? 
# 
_pdbx_entity_instance_feature.ordinal        1 
_pdbx_entity_instance_feature.comp_id        U4M 
_pdbx_entity_instance_feature.asym_id        ? 
_pdbx_entity_instance_feature.seq_num        ? 
_pdbx_entity_instance_feature.auth_comp_id   U4M 
_pdbx_entity_instance_feature.auth_asym_id   ? 
_pdbx_entity_instance_feature.auth_seq_num   ? 
_pdbx_entity_instance_feature.feature_type   'SUBJECT OF INVESTIGATION' 
_pdbx_entity_instance_feature.details        ? 
# 
loop_
_pdbx_entity_nonpoly.entity_id 
_pdbx_entity_nonpoly.name 
_pdbx_entity_nonpoly.comp_id 
2 'CACODYLATE ION'        CAC 
3 'COBALT HEXAMMINE(III)' NCO 
4 water                   HOH 
# 
_pdbx_initial_refinement_model.id               1 
_pdbx_initial_refinement_model.entity_id_list   ? 
_pdbx_initial_refinement_model.type             'experimental model' 
_pdbx_initial_refinement_model.source_name      PDB 
_pdbx_initial_refinement_model.accession_code   5VR4 
_pdbx_initial_refinement_model.details          ? 
# 
_pdbx_struct_assembly_auth_evidence.id                     1 
_pdbx_struct_assembly_auth_evidence.assembly_id            1 
_pdbx_struct_assembly_auth_evidence.experimental_support   'native gel electrophoresis' 
_pdbx_struct_assembly_auth_evidence.details                ? 
# 
